data_3SL3
#
_entry.id   3SL3
#
_cell.length_a   99.269
_cell.length_b   111.757
_cell.length_c   160.279
_cell.angle_alpha   90.00
_cell.angle_beta   90.00
_cell.angle_gamma   90.00
#
_symmetry.space_group_name_H-M   'P 21 21 21'
#
loop_
_entity.id
_entity.type
_entity.pdbx_description
1 polymer "cAMP-specific 3',5'-cyclic phosphodiesterase 4D"
2 non-polymer 1,2-ETHANEDIOL
3 non-polymer DI(HYDROXYETHYL)ETHER
4 non-polymer 'ZINC ION'
5 non-polymer 'PHOSPHATE ION'
6 non-polymer 'DIMETHYL SULFOXIDE'
7 non-polymer '4-(2-HYDROXYETHYL)-1-PIPERAZINE ETHANESULFONIC ACID'
8 water water
#
_entity_poly.entity_id   1
_entity_poly.type   'polypeptide(L)'
_entity_poly.pdbx_seq_one_letter_code
;IPRFGVKTEQEDVLAKELEDVNKWGLHVFRIAELSGNRPLTVIMHTIFQERDLLKTFKIPVDTLITYLMTLEDHYHADVA
YHNNIHAADVVQSTHVLLSTPALEAVFTDLEILAAIFASAIHDVDHPGVSNQFLINTNSELALMYNDSSVLENHHLAVGF
KLLQEENCDIFQNLTKKQRQSLRKMVIDIVLATDMSKHMNLLADLKTMVETKKVTSSGVLLLDNYSDRIQVLQNMVHCAD
LSNPTKPLQLYRQWTDRIMEEFFRQGDRERERGMEISPMCDKHNASVEKSQVGFIDYIVHPLWETWADLVHPDAQDILDT
LEDNREWYQSTIPQSPSPAPDDPEEGRQGQTEKFQFELTLE
;
_entity_poly.pdbx_strand_id   A,B,C,D
#
# COMPACT_ATOMS: atom_id res chain seq x y z
N GLY A 5 -30.09 27.99 -17.66
CA GLY A 5 -28.91 28.52 -16.98
C GLY A 5 -29.22 29.18 -15.65
N VAL A 6 -30.27 28.69 -14.98
CA VAL A 6 -30.72 29.25 -13.71
C VAL A 6 -30.98 28.17 -12.66
N LYS A 7 -30.61 28.47 -11.41
CA LYS A 7 -30.78 27.57 -10.29
C LYS A 7 -32.17 26.99 -10.21
N THR A 8 -32.25 25.71 -9.86
CA THR A 8 -33.50 25.11 -9.42
C THR A 8 -33.85 25.77 -8.10
N GLU A 9 -35.06 25.53 -7.62
CA GLU A 9 -35.47 26.17 -6.38
C GLU A 9 -34.70 25.62 -5.16
N GLN A 10 -34.45 24.32 -5.14
CA GLN A 10 -33.65 23.75 -4.06
C GLN A 10 -32.27 24.39 -4.05
N GLU A 11 -31.66 24.51 -5.23
CA GLU A 11 -30.35 25.18 -5.34
C GLU A 11 -30.40 26.63 -4.83
N ASP A 12 -31.54 27.29 -5.00
CA ASP A 12 -31.70 28.67 -4.54
C ASP A 12 -31.82 28.73 -3.02
N VAL A 13 -32.51 27.77 -2.44
CA VAL A 13 -32.64 27.69 -0.99
C VAL A 13 -31.26 27.42 -0.39
N LEU A 14 -30.52 26.49 -1.00
CA LEU A 14 -29.12 26.21 -0.62
C LEU A 14 -28.32 27.50 -0.63
N ALA A 15 -28.45 28.26 -1.73
CA ALA A 15 -27.67 29.47 -1.93
C ALA A 15 -27.94 30.55 -0.89
N LYS A 16 -29.20 30.66 -0.47
CA LYS A 16 -29.54 31.66 0.52
C LYS A 16 -28.96 31.25 1.89
N GLU A 17 -28.95 29.96 2.18
CA GLU A 17 -28.33 29.46 3.42
C GLU A 17 -26.84 29.76 3.43
N LEU A 18 -26.20 29.55 2.29
CA LEU A 18 -24.76 29.75 2.16
C LEU A 18 -24.37 31.22 2.28
N GLU A 19 -25.36 32.11 2.36
CA GLU A 19 -25.04 33.51 2.58
C GLU A 19 -24.51 33.73 3.99
N ASP A 20 -24.66 32.72 4.84
CA ASP A 20 -24.18 32.79 6.22
C ASP A 20 -22.80 32.17 6.40
N VAL A 21 -22.08 31.91 5.31
CA VAL A 21 -20.80 31.19 5.41
C VAL A 21 -19.77 31.95 6.23
N ASN A 22 -19.91 33.27 6.33
CA ASN A 22 -18.94 34.05 7.09
C ASN A 22 -19.32 34.19 8.55
N LYS A 23 -20.29 33.40 9.02
CA LYS A 23 -20.77 33.58 10.39
C LYS A 23 -20.71 32.32 11.28
N TRP A 24 -20.28 32.51 12.51
CA TRP A 24 -20.36 31.46 13.51
C TRP A 24 -21.80 30.98 13.63
N GLY A 25 -22.01 29.67 13.54
CA GLY A 25 -23.35 29.12 13.67
C GLY A 25 -24.13 28.95 12.37
N LEU A 26 -23.42 28.82 11.25
CA LEU A 26 -24.07 28.48 9.98
C LEU A 26 -24.89 27.21 10.21
N HIS A 27 -26.07 27.07 9.60
N HIS A 27 -26.03 27.09 9.53
CA HIS A 27 -26.72 25.79 9.79
CA HIS A 27 -26.82 25.87 9.58
C HIS A 27 -26.25 24.75 8.80
C HIS A 27 -26.19 24.78 8.70
N VAL A 28 -25.15 24.12 9.18
CA VAL A 28 -24.44 23.20 8.34
C VAL A 28 -25.26 21.93 8.08
N PHE A 29 -26.05 21.51 9.05
CA PHE A 29 -26.90 20.35 8.84
C PHE A 29 -28.00 20.62 7.78
N ARG A 30 -28.58 21.82 7.79
CA ARG A 30 -29.54 22.15 6.73
C ARG A 30 -28.84 22.18 5.36
N ILE A 31 -27.63 22.73 5.33
CA ILE A 31 -26.85 22.77 4.10
C ILE A 31 -26.55 21.36 3.60
N ALA A 32 -26.26 20.44 4.53
CA ALA A 32 -26.05 19.04 4.15
C ALA A 32 -27.28 18.43 3.48
N GLU A 33 -28.46 18.84 3.93
CA GLU A 33 -29.71 18.31 3.37
C GLU A 33 -29.96 18.92 1.99
N LEU A 34 -29.90 20.23 1.95
CA LEU A 34 -30.17 20.97 0.73
C LEU A 34 -29.23 20.53 -0.39
N SER A 35 -27.99 20.22 -0.03
CA SER A 35 -26.96 19.89 -1.02
C SER A 35 -26.92 18.43 -1.47
N GLY A 36 -27.83 17.59 -0.96
CA GLY A 36 -27.78 16.17 -1.30
C GLY A 36 -26.61 15.46 -0.63
N ASN A 37 -26.32 15.88 0.59
CA ASN A 37 -25.17 15.37 1.35
C ASN A 37 -23.87 15.77 0.67
N ARG A 38 -23.81 17.03 0.31
CA ARG A 38 -22.60 17.63 -0.25
C ARG A 38 -22.18 18.86 0.53
N PRO A 39 -22.28 18.82 1.86
CA PRO A 39 -21.90 20.05 2.57
C PRO A 39 -20.42 20.40 2.37
N LEU A 40 -19.52 19.43 2.31
CA LEU A 40 -18.09 19.76 2.19
C LEU A 40 -17.81 20.42 0.83
N THR A 41 -18.34 19.83 -0.23
CA THR A 41 -18.11 20.35 -1.59
C THR A 41 -18.63 21.77 -1.76
N VAL A 42 -19.90 22.01 -1.39
CA VAL A 42 -20.48 23.33 -1.62
C VAL A 42 -19.87 24.43 -0.72
N ILE A 43 -19.67 24.10 0.54
CA ILE A 43 -19.01 25.03 1.45
C ILE A 43 -17.54 25.35 1.06
N MET A 44 -16.75 24.34 0.71
CA MET A 44 -15.40 24.59 0.21
C MET A 44 -15.46 25.44 -1.07
N HIS A 45 -16.34 25.08 -1.99
CA HIS A 45 -16.46 25.83 -3.22
C HIS A 45 -16.83 27.30 -2.93
N THR A 46 -17.79 27.51 -2.05
CA THR A 46 -18.20 28.88 -1.74
C THR A 46 -17.00 29.65 -1.15
N ILE A 47 -16.28 29.00 -0.25
CA ILE A 47 -15.16 29.66 0.41
C ILE A 47 -14.01 29.98 -0.55
N PHE A 48 -13.70 29.03 -1.42
CA PHE A 48 -12.63 29.25 -2.41
C PHE A 48 -12.98 30.42 -3.31
N GLN A 49 -14.23 30.48 -3.77
CA GLN A 49 -14.69 31.59 -4.59
C GLN A 49 -14.63 32.86 -3.76
N GLU A 50 -15.17 32.77 -2.54
CA GLU A 50 -15.23 33.94 -1.66
C GLU A 50 -13.83 34.54 -1.45
N ARG A 51 -12.82 33.69 -1.28
CA ARG A 51 -11.47 34.15 -1.02
C ARG A 51 -10.61 34.33 -2.29
N ASP A 52 -11.26 34.21 -3.43
CA ASP A 52 -10.57 34.30 -4.73
C ASP A 52 -9.43 33.27 -4.91
N LEU A 53 -9.57 32.10 -4.31
CA LEU A 53 -8.47 31.13 -4.31
C LEU A 53 -8.28 30.44 -5.67
N LEU A 54 -9.34 30.36 -6.46
CA LEU A 54 -9.20 29.74 -7.77
C LEU A 54 -8.29 30.56 -8.68
N LYS A 55 -8.54 31.86 -8.74
CA LYS A 55 -7.68 32.73 -9.52
C LYS A 55 -6.26 32.82 -8.96
N THR A 56 -6.14 33.07 -7.66
CA THR A 56 -4.82 33.21 -7.04
C THR A 56 -3.92 32.00 -7.28
N PHE A 57 -4.49 30.80 -7.25
CA PHE A 57 -3.68 29.59 -7.42
C PHE A 57 -3.94 28.86 -8.76
N LYS A 58 -4.65 29.54 -9.65
CA LYS A 58 -4.87 29.01 -11.00
C LYS A 58 -5.42 27.58 -10.94
N ILE A 59 -6.43 27.39 -10.10
CA ILE A 59 -7.07 26.08 -9.96
C ILE A 59 -8.25 26.01 -10.93
N PRO A 60 -8.19 25.08 -11.91
CA PRO A 60 -9.35 24.97 -12.82
C PRO A 60 -10.60 24.54 -12.02
N VAL A 61 -11.75 25.14 -12.30
CA VAL A 61 -12.94 24.91 -11.47
C VAL A 61 -13.44 23.47 -11.50
N ASP A 62 -13.40 22.82 -12.66
CA ASP A 62 -13.87 21.45 -12.77
C ASP A 62 -12.96 20.50 -11.99
N THR A 63 -11.66 20.79 -12.00
CA THR A 63 -10.71 20.06 -11.16
C THR A 63 -11.03 20.24 -9.66
N LEU A 64 -11.32 21.47 -9.24
CA LEU A 64 -11.67 21.71 -7.84
C LEU A 64 -12.93 20.94 -7.47
N ILE A 65 -13.96 21.04 -8.29
CA ILE A 65 -15.19 20.29 -8.02
C ILE A 65 -14.94 18.77 -7.98
N THR A 66 -14.22 18.26 -8.98
CA THR A 66 -13.98 16.83 -9.03
C THR A 66 -13.23 16.37 -7.80
N TYR A 67 -12.21 17.12 -7.42
CA TYR A 67 -11.46 16.73 -6.23
C TYR A 67 -12.36 16.79 -4.98
N LEU A 68 -13.12 17.86 -4.83
CA LEU A 68 -13.95 18.00 -3.63
C LEU A 68 -14.95 16.85 -3.50
N MET A 69 -15.57 16.49 -4.60
CA MET A 69 -16.54 15.40 -4.58
C MET A 69 -15.85 14.11 -4.20
N THR A 70 -14.68 13.87 -4.78
CA THR A 70 -13.89 12.70 -4.45
C THR A 70 -13.51 12.71 -2.97
N LEU A 71 -13.01 13.85 -2.48
CA LEU A 71 -12.66 13.98 -1.06
C LEU A 71 -13.89 13.66 -0.22
N GLU A 72 -15.00 14.30 -0.53
CA GLU A 72 -16.22 14.12 0.25
C GLU A 72 -16.66 12.65 0.28
N ASP A 73 -16.58 11.97 -0.87
CA ASP A 73 -16.94 10.57 -0.96
C ASP A 73 -16.06 9.63 -0.14
N HIS A 74 -14.87 10.09 0.28
CA HIS A 74 -14.00 9.26 1.11
C HIS A 74 -14.21 9.49 2.60
N TYR A 75 -15.13 10.39 2.95
CA TYR A 75 -15.69 10.40 4.30
C TYR A 75 -16.81 9.35 4.35
N HIS A 76 -17.01 8.74 5.52
CA HIS A 76 -17.98 7.63 5.68
C HIS A 76 -19.36 8.12 6.08
N ALA A 77 -20.35 7.87 5.23
CA ALA A 77 -21.73 8.28 5.49
C ALA A 77 -22.34 7.56 6.69
N ASP A 78 -21.83 6.38 7.00
CA ASP A 78 -22.32 5.59 8.13
C ASP A 78 -21.53 5.84 9.40
N VAL A 79 -20.86 6.99 9.48
CA VAL A 79 -20.18 7.39 10.70
C VAL A 79 -20.90 8.64 11.20
N ALA A 80 -21.41 8.59 12.42
CA ALA A 80 -22.33 9.62 12.90
C ALA A 80 -21.70 10.99 13.13
N TYR A 81 -20.47 11.01 13.61
CA TYR A 81 -19.80 12.28 13.88
C TYR A 81 -18.67 12.59 12.89
N HIS A 82 -17.67 11.72 12.80
CA HIS A 82 -16.47 12.01 11.99
C HIS A 82 -16.72 11.79 10.51
N ASN A 83 -17.58 12.63 9.96
CA ASN A 83 -17.98 12.44 8.57
C ASN A 83 -17.82 13.74 7.82
N ASN A 84 -18.32 13.75 6.58
CA ASN A 84 -18.22 14.94 5.75
C ASN A 84 -18.89 16.15 6.37
N ILE A 85 -19.96 15.96 7.15
CA ILE A 85 -20.57 17.14 7.74
C ILE A 85 -19.62 17.78 8.74
N HIS A 86 -18.97 16.96 9.56
CA HIS A 86 -17.96 17.47 10.50
C HIS A 86 -16.81 18.18 9.75
N ALA A 87 -16.31 17.57 8.68
CA ALA A 87 -15.30 18.24 7.86
C ALA A 87 -15.76 19.62 7.36
N ALA A 88 -16.98 19.68 6.82
CA ALA A 88 -17.51 20.97 6.36
C ALA A 88 -17.56 22.00 7.49
N ASP A 89 -17.99 21.56 8.66
CA ASP A 89 -18.13 22.45 9.82
C ASP A 89 -16.76 23.02 10.21
N VAL A 90 -15.75 22.16 10.25
CA VAL A 90 -14.40 22.55 10.64
C VAL A 90 -13.78 23.50 9.61
N VAL A 91 -14.01 23.20 8.33
CA VAL A 91 -13.66 24.13 7.27
C VAL A 91 -14.26 25.52 7.43
N GLN A 92 -15.58 25.58 7.64
CA GLN A 92 -16.27 26.87 7.70
C GLN A 92 -15.92 27.63 8.99
N SER A 93 -15.64 26.89 10.05
CA SER A 93 -15.23 27.47 11.34
C SER A 93 -13.80 27.99 11.26
N THR A 94 -12.91 27.23 10.65
CA THR A 94 -11.57 27.73 10.36
C THR A 94 -11.65 28.98 9.46
N HIS A 95 -12.55 28.95 8.50
CA HIS A 95 -12.78 30.11 7.65
C HIS A 95 -13.15 31.39 8.43
N VAL A 96 -14.03 31.26 9.42
CA VAL A 96 -14.43 32.41 10.23
C VAL A 96 -13.29 32.86 11.14
N LEU A 97 -12.62 31.91 11.78
CA LEU A 97 -11.46 32.24 12.61
C LEU A 97 -10.38 32.97 11.83
N LEU A 98 -10.23 32.66 10.54
CA LEU A 98 -9.19 33.28 9.72
C LEU A 98 -9.48 34.75 9.51
N SER A 99 -10.74 35.11 9.60
CA SER A 99 -11.17 36.45 9.25
C SER A 99 -11.30 37.34 10.48
N THR A 100 -10.84 36.84 11.62
CA THR A 100 -10.93 37.60 12.85
C THR A 100 -10.11 38.89 12.76
N PRO A 101 -10.69 40.02 13.20
CA PRO A 101 -10.08 41.35 13.09
C PRO A 101 -8.63 41.37 13.54
N ALA A 102 -8.31 40.62 14.60
CA ALA A 102 -6.96 40.58 15.16
C ALA A 102 -5.94 39.87 14.28
N LEU A 103 -6.41 39.17 13.25
CA LEU A 103 -5.51 38.45 12.35
C LEU A 103 -5.51 39.07 10.95
N GLU A 104 -6.25 40.15 10.77
CA GLU A 104 -6.31 40.83 9.47
C GLU A 104 -4.93 41.06 8.88
N ALA A 105 -4.76 40.67 7.62
CA ALA A 105 -3.53 40.90 6.88
C ALA A 105 -2.30 40.20 7.48
N VAL A 106 -2.51 39.22 8.35
CA VAL A 106 -1.39 38.53 8.97
C VAL A 106 -0.89 37.37 8.11
N PHE A 107 -1.81 36.57 7.59
CA PHE A 107 -1.43 35.35 6.88
C PHE A 107 -1.41 35.51 5.36
N THR A 108 -0.50 34.81 4.69
CA THR A 108 -0.45 34.83 3.22
C THR A 108 -1.54 33.94 2.62
N ASP A 109 -1.81 34.14 1.33
CA ASP A 109 -2.74 33.29 0.59
C ASP A 109 -2.39 31.81 0.70
N LEU A 110 -1.10 31.48 0.62
CA LEU A 110 -0.67 30.10 0.75
C LEU A 110 -0.98 29.53 2.15
N GLU A 111 -0.76 30.33 3.19
CA GLU A 111 -1.03 29.87 4.55
C GLU A 111 -2.54 29.72 4.77
N ILE A 112 -3.31 30.63 4.18
CA ILE A 112 -4.76 30.56 4.19
C ILE A 112 -5.24 29.29 3.46
N LEU A 113 -4.74 29.05 2.25
CA LEU A 113 -5.00 27.80 1.54
C LEU A 113 -4.65 26.56 2.38
N ALA A 114 -3.49 26.57 3.04
CA ALA A 114 -3.10 25.43 3.86
C ALA A 114 -4.09 25.15 5.00
N ALA A 115 -4.55 26.20 5.68
CA ALA A 115 -5.43 25.99 6.84
C ALA A 115 -6.80 25.46 6.40
N ILE A 116 -7.29 25.98 5.29
CA ILE A 116 -8.58 25.53 4.80
C ILE A 116 -8.48 24.11 4.22
N PHE A 117 -7.45 23.86 3.41
CA PHE A 117 -7.28 22.52 2.84
C PHE A 117 -7.07 21.51 3.95
N ALA A 118 -6.22 21.84 4.94
CA ALA A 118 -6.00 20.94 6.08
C ALA A 118 -7.35 20.65 6.79
N SER A 119 -8.14 21.68 7.02
CA SER A 119 -9.46 21.46 7.62
C SER A 119 -10.29 20.45 6.84
N ALA A 120 -10.32 20.59 5.52
CA ALA A 120 -11.14 19.73 4.67
C ALA A 120 -10.76 18.27 4.68
N ILE A 121 -9.46 17.98 4.76
CA ILE A 121 -9.01 16.59 4.69
C ILE A 121 -8.76 15.99 6.08
N HIS A 122 -8.92 16.79 7.14
CA HIS A 122 -8.34 16.43 8.43
C HIS A 122 -8.91 15.18 9.09
N ASP A 123 -10.10 14.76 8.67
CA ASP A 123 -10.68 13.53 9.20
C ASP A 123 -11.06 12.52 8.12
N VAL A 124 -10.51 12.67 6.91
CA VAL A 124 -11.01 11.85 5.79
C VAL A 124 -10.77 10.35 5.99
N ASP A 125 -11.74 9.55 5.56
CA ASP A 125 -11.72 8.10 5.75
C ASP A 125 -11.67 7.67 7.22
N HIS A 126 -12.21 8.49 8.12
CA HIS A 126 -12.29 8.11 9.56
C HIS A 126 -13.21 6.90 9.73
N PRO A 127 -12.71 5.82 10.36
CA PRO A 127 -13.58 4.65 10.49
C PRO A 127 -14.60 4.80 11.62
N GLY A 128 -14.55 5.87 12.39
CA GLY A 128 -15.48 6.03 13.49
C GLY A 128 -15.11 5.30 14.79
N VAL A 129 -13.86 4.85 14.88
CA VAL A 129 -13.31 4.37 16.15
C VAL A 129 -12.01 5.12 16.42
N SER A 130 -11.49 5.03 17.64
CA SER A 130 -10.30 5.80 18.04
C SER A 130 -8.97 5.13 17.70
N ASN A 131 -7.89 5.92 17.79
CA ASN A 131 -6.55 5.37 17.65
C ASN A 131 -6.32 4.16 18.55
N GLN A 132 -6.72 4.30 19.83
CA GLN A 132 -6.48 3.21 20.78
C GLN A 132 -7.21 1.94 20.35
N PHE A 133 -8.42 2.11 19.83
CA PHE A 133 -9.19 0.96 19.34
C PHE A 133 -8.41 0.27 18.22
N LEU A 134 -7.84 1.08 17.33
CA LEU A 134 -7.11 0.56 16.17
C LEU A 134 -5.81 -0.12 16.55
N ILE A 135 -5.15 0.47 17.54
CA ILE A 135 -3.93 -0.11 18.09
C ILE A 135 -4.21 -1.43 18.79
N ASN A 136 -5.29 -1.47 19.58
CA ASN A 136 -5.61 -2.66 20.37
C ASN A 136 -6.11 -3.84 19.54
N THR A 137 -6.69 -3.57 18.38
CA THR A 137 -7.20 -4.62 17.52
C THR A 137 -6.13 -5.11 16.57
N ASN A 138 -4.91 -4.62 16.75
CA ASN A 138 -3.80 -4.97 15.86
C ASN A 138 -4.10 -4.68 14.39
N SER A 139 -4.80 -3.57 14.15
CA SER A 139 -5.31 -3.26 12.82
C SER A 139 -4.20 -2.89 11.85
N GLU A 140 -4.45 -3.13 10.57
CA GLU A 140 -3.51 -2.79 9.52
C GLU A 140 -3.02 -1.31 9.57
N LEU A 141 -3.95 -0.38 9.78
CA LEU A 141 -3.57 1.04 9.89
C LEU A 141 -2.60 1.29 11.04
N ALA A 142 -2.87 0.70 12.20
CA ALA A 142 -1.98 0.89 13.36
C ALA A 142 -0.57 0.37 13.08
N LEU A 143 -0.48 -0.76 12.38
CA LEU A 143 0.82 -1.32 12.03
C LEU A 143 1.59 -0.49 10.98
N MET A 144 0.87 0.10 10.02
CA MET A 144 1.45 0.98 9.00
C MET A 144 2.09 2.22 9.63
N TYR A 145 1.43 2.75 10.66
CA TYR A 145 1.90 3.97 11.31
C TYR A 145 2.54 3.75 12.68
N ASN A 146 2.96 2.51 12.94
CA ASN A 146 3.62 2.19 14.20
C ASN A 146 2.92 2.78 15.40
N ASP A 147 1.60 2.60 15.44
CA ASP A 147 0.78 3.02 16.57
C ASP A 147 0.87 4.53 16.88
N SER A 148 1.46 5.32 15.98
CA SER A 148 1.68 6.74 16.28
C SER A 148 0.84 7.65 15.40
N SER A 149 0.05 8.51 16.04
CA SER A 149 -0.98 9.33 15.38
C SER A 149 -1.61 8.60 14.20
N VAL A 150 -2.09 7.38 14.45
CA VAL A 150 -2.53 6.48 13.38
C VAL A 150 -3.55 7.12 12.44
N LEU A 151 -4.70 7.52 12.98
CA LEU A 151 -5.72 8.14 12.16
C LEU A 151 -5.24 9.43 11.46
N GLU A 152 -4.57 10.30 12.22
CA GLU A 152 -4.15 11.58 11.66
C GLU A 152 -3.16 11.38 10.50
N ASN A 153 -2.20 10.47 10.65
CA ASN A 153 -1.31 10.15 9.52
C ASN A 153 -2.11 9.63 8.31
N HIS A 154 -3.09 8.77 8.60
CA HIS A 154 -3.96 8.22 7.53
C HIS A 154 -4.81 9.27 6.81
N HIS A 155 -5.43 10.18 7.55
CA HIS A 155 -6.19 11.29 6.95
C HIS A 155 -5.31 12.08 5.94
N LEU A 156 -4.12 12.46 6.37
CA LEU A 156 -3.20 13.17 5.48
C LEU A 156 -2.87 12.37 4.20
N ALA A 157 -2.49 11.11 4.37
CA ALA A 157 -2.11 10.28 3.24
C ALA A 157 -3.27 10.18 2.22
N VAL A 158 -4.48 9.94 2.72
CA VAL A 158 -5.65 9.86 1.86
C VAL A 158 -5.87 11.19 1.18
N GLY A 159 -5.86 12.27 1.96
CA GLY A 159 -6.14 13.59 1.43
C GLY A 159 -5.19 13.96 0.30
N PHE A 160 -3.92 13.61 0.44
CA PHE A 160 -2.96 13.91 -0.62
C PHE A 160 -3.08 12.91 -1.78
N LYS A 161 -3.19 11.63 -1.44
CA LYS A 161 -3.27 10.57 -2.45
C LYS A 161 -4.41 10.79 -3.45
N LEU A 162 -5.53 11.30 -2.95
CA LEU A 162 -6.69 11.59 -3.80
C LEU A 162 -6.46 12.66 -4.91
N LEU A 163 -5.45 13.51 -4.75
CA LEU A 163 -5.08 14.47 -5.81
C LEU A 163 -4.63 13.74 -7.10
N GLN A 164 -4.24 12.48 -6.97
CA GLN A 164 -3.82 11.70 -8.14
C GLN A 164 -4.95 11.06 -8.95
N GLU A 165 -6.20 11.16 -8.49
CA GLU A 165 -7.31 10.61 -9.28
C GLU A 165 -7.59 11.48 -10.52
N GLU A 166 -8.37 10.94 -11.45
CA GLU A 166 -8.59 11.62 -12.74
C GLU A 166 -9.10 13.03 -12.52
N ASN A 167 -8.40 14.01 -13.11
CA ASN A 167 -8.78 15.43 -13.00
C ASN A 167 -9.00 15.93 -11.56
N CYS A 168 -8.15 15.48 -10.64
CA CYS A 168 -8.25 15.88 -9.25
C CYS A 168 -7.10 16.76 -8.73
N ASP A 169 -6.04 16.98 -9.52
CA ASP A 169 -4.87 17.67 -8.94
C ASP A 169 -5.07 19.18 -8.89
N ILE A 170 -5.74 19.65 -7.84
CA ILE A 170 -6.07 21.05 -7.71
C ILE A 170 -4.82 21.92 -7.51
N PHE A 171 -3.68 21.31 -7.21
CA PHE A 171 -2.45 22.09 -7.04
C PHE A 171 -1.56 22.02 -8.29
N GLN A 172 -2.14 21.67 -9.43
CA GLN A 172 -1.32 21.38 -10.62
C GLN A 172 -0.52 22.59 -11.15
N ASN A 173 -0.99 23.80 -10.88
CA ASN A 173 -0.32 25.01 -11.35
C ASN A 173 0.55 25.77 -10.32
N LEU A 174 0.70 25.20 -9.13
CA LEU A 174 1.61 25.75 -8.12
C LEU A 174 3.05 25.38 -8.43
N THR A 175 3.98 26.28 -8.13
CA THR A 175 5.41 25.96 -8.32
C THR A 175 5.80 24.90 -7.30
N LYS A 176 6.88 24.19 -7.56
CA LYS A 176 7.48 23.28 -6.60
C LYS A 176 7.64 23.95 -5.21
N LYS A 177 8.12 25.19 -5.20
CA LYS A 177 8.25 25.96 -3.95
C LYS A 177 6.93 26.12 -3.21
N GLN A 178 5.89 26.55 -3.92
CA GLN A 178 4.58 26.71 -3.31
C GLN A 178 4.10 25.36 -2.77
N ARG A 179 4.27 24.29 -3.56
CA ARG A 179 3.77 22.97 -3.18
C ARG A 179 4.50 22.38 -1.98
N GLN A 180 5.81 22.59 -1.90
CA GLN A 180 6.54 22.04 -0.76
C GLN A 180 6.18 22.75 0.54
N SER A 181 5.94 24.04 0.45
CA SER A 181 5.58 24.83 1.61
C SER A 181 4.14 24.52 2.02
N LEU A 182 3.23 24.52 1.05
CA LEU A 182 1.85 24.14 1.30
C LEU A 182 1.78 22.78 1.97
N ARG A 183 2.49 21.80 1.41
CA ARG A 183 2.43 20.44 1.95
C ARG A 183 2.91 20.34 3.41
N LYS A 184 4.04 20.96 3.71
CA LYS A 184 4.55 20.92 5.07
C LYS A 184 3.56 21.55 6.09
N MET A 185 2.98 22.70 5.72
CA MET A 185 2.02 23.36 6.59
C MET A 185 0.79 22.47 6.82
N VAL A 186 0.29 21.88 5.74
CA VAL A 186 -0.88 21.00 5.84
C VAL A 186 -0.59 19.83 6.74
N ILE A 187 0.56 19.22 6.57
CA ILE A 187 0.96 18.12 7.43
C ILE A 187 1.10 18.52 8.91
N ASP A 188 1.74 19.66 9.17
CA ASP A 188 1.90 20.17 10.54
C ASP A 188 0.54 20.46 11.18
N ILE A 189 -0.39 21.02 10.41
CA ILE A 189 -1.71 21.33 10.96
C ILE A 189 -2.51 20.08 11.30
N VAL A 190 -2.65 19.16 10.35
CA VAL A 190 -3.41 17.93 10.61
C VAL A 190 -2.83 17.06 11.75
N LEU A 191 -1.50 16.91 11.81
CA LEU A 191 -0.91 16.09 12.87
C LEU A 191 -1.23 16.71 14.24
N ALA A 192 -1.47 18.02 14.25
CA ALA A 192 -1.76 18.74 15.48
C ALA A 192 -3.20 18.53 15.95
N THR A 193 -4.02 17.87 15.14
CA THR A 193 -5.39 17.58 15.57
C THR A 193 -5.46 16.33 16.46
N ASP A 194 -4.36 15.59 16.56
CA ASP A 194 -4.28 14.47 17.48
C ASP A 194 -4.36 15.02 18.93
N MET A 195 -5.37 14.60 19.69
CA MET A 195 -5.56 15.10 21.05
C MET A 195 -4.35 14.88 21.96
N SER A 196 -3.55 13.86 21.68
CA SER A 196 -2.35 13.63 22.48
C SER A 196 -1.37 14.79 22.35
N LYS A 197 -1.61 15.68 21.40
CA LYS A 197 -0.76 16.85 21.22
C LYS A 197 -1.38 18.04 21.89
N HIS A 198 -2.57 17.87 22.46
CA HIS A 198 -3.35 19.02 22.93
C HIS A 198 -2.65 19.87 24.01
N MET A 199 -2.13 19.20 25.04
CA MET A 199 -1.49 19.90 26.15
C MET A 199 -0.31 20.74 25.68
N ASN A 200 0.56 20.18 24.83
CA ASN A 200 1.67 20.96 24.31
C ASN A 200 1.26 22.15 23.44
N LEU A 201 0.31 21.94 22.53
CA LEU A 201 -0.18 23.04 21.73
C LEU A 201 -0.67 24.18 22.60
N LEU A 202 -1.48 23.84 23.61
CA LEU A 202 -2.06 24.85 24.49
C LEU A 202 -0.98 25.56 25.30
N ALA A 203 0.01 24.79 25.74
CA ALA A 203 1.16 25.40 26.41
C ALA A 203 1.80 26.47 25.53
N ASP A 204 2.03 26.14 24.27
CA ASP A 204 2.70 27.09 23.37
C ASP A 204 1.82 28.28 23.03
N LEU A 205 0.51 28.03 22.89
CA LEU A 205 -0.43 29.11 22.70
C LEU A 205 -0.35 30.14 23.85
N LYS A 206 -0.38 29.64 25.09
CA LYS A 206 -0.28 30.49 26.28
C LYS A 206 1.01 31.31 26.27
N THR A 207 2.12 30.63 26.03
CA THR A 207 3.42 31.28 26.04
C THR A 207 3.43 32.44 25.08
N MET A 208 2.82 32.23 23.92
CA MET A 208 2.72 33.29 22.93
C MET A 208 1.79 34.40 23.37
N VAL A 209 0.74 34.06 24.12
CA VAL A 209 -0.13 35.10 24.65
C VAL A 209 0.61 35.93 25.70
N GLU A 210 1.41 35.27 26.55
CA GLU A 210 2.24 35.98 27.53
C GLU A 210 3.18 36.95 26.82
N THR A 211 3.74 36.51 25.69
CA THR A 211 4.81 37.27 25.04
C THR A 211 4.41 37.88 23.71
N LYS A 212 3.14 38.23 23.55
CA LYS A 212 2.65 38.64 22.23
C LYS A 212 2.92 40.11 21.91
N LYS A 213 3.20 40.37 20.63
CA LYS A 213 3.42 41.73 20.15
C LYS A 213 2.27 42.14 19.23
N VAL A 214 2.11 43.44 19.04
CA VAL A 214 1.12 43.97 18.11
C VAL A 214 1.71 45.16 17.34
N THR A 215 1.53 45.17 16.02
CA THR A 215 2.14 46.21 15.19
C THR A 215 1.14 46.93 14.30
N SER A 216 1.43 48.21 14.03
CA SER A 216 0.51 49.09 13.32
C SER A 216 -0.80 49.20 14.09
N SER A 217 -0.81 48.55 15.27
CA SER A 217 -1.96 48.52 16.17
C SER A 217 -3.02 47.48 15.78
N GLY A 218 -3.54 46.81 16.81
CA GLY A 218 -4.55 45.77 16.63
C GLY A 218 -3.96 44.42 16.27
N VAL A 219 -3.44 44.33 15.05
CA VAL A 219 -3.02 43.07 14.44
C VAL A 219 -1.80 42.41 15.10
N LEU A 220 -1.85 41.09 15.22
CA LEU A 220 -0.78 40.30 15.85
C LEU A 220 0.49 40.20 15.02
N LEU A 221 1.59 39.93 15.70
CA LEU A 221 2.93 39.92 15.09
C LEU A 221 3.54 38.54 15.11
N LEU A 222 3.72 37.97 13.92
CA LEU A 222 4.20 36.60 13.80
C LEU A 222 5.38 36.54 12.82
N ASP A 223 6.59 36.42 13.35
CA ASP A 223 7.78 36.64 12.52
C ASP A 223 8.76 35.47 12.47
N ASN A 224 8.22 34.27 12.46
CA ASN A 224 9.01 33.07 12.23
C ASN A 224 8.03 31.94 11.96
N TYR A 225 8.49 30.88 11.29
CA TYR A 225 7.58 29.79 10.93
C TYR A 225 6.98 29.18 12.18
N SER A 226 7.81 28.95 13.20
CA SER A 226 7.36 28.29 14.41
C SER A 226 6.10 28.94 14.97
N ASP A 227 6.09 30.28 14.97
CA ASP A 227 4.99 31.04 15.54
C ASP A 227 3.79 31.06 14.61
N ARG A 228 4.05 31.26 13.32
CA ARG A 228 2.98 31.30 12.34
C ARG A 228 2.26 29.94 12.30
N ILE A 229 3.02 28.85 12.24
CA ILE A 229 2.42 27.53 12.13
C ILE A 229 1.71 27.10 13.43
N GLN A 230 2.24 27.49 14.58
CA GLN A 230 1.61 27.09 15.82
C GLN A 230 0.27 27.82 16.00
N VAL A 231 0.18 29.06 15.52
CA VAL A 231 -1.10 29.75 15.53
C VAL A 231 -2.11 29.10 14.56
N LEU A 232 -1.63 28.69 13.39
CA LEU A 232 -2.51 27.99 12.46
C LEU A 232 -2.94 26.64 13.04
N GLN A 233 -1.99 25.93 13.65
CA GLN A 233 -2.30 24.66 14.29
C GLN A 233 -3.38 24.81 15.36
N ASN A 234 -3.22 25.79 16.24
CA ASN A 234 -4.20 26.03 17.30
C ASN A 234 -5.52 26.51 16.73
N MET A 235 -5.47 27.29 15.65
CA MET A 235 -6.68 27.77 15.02
C MET A 235 -7.58 26.61 14.54
N VAL A 236 -6.97 25.63 13.88
CA VAL A 236 -7.74 24.52 13.31
C VAL A 236 -8.19 23.56 14.41
N HIS A 237 -7.33 23.40 15.42
CA HIS A 237 -7.63 22.62 16.60
C HIS A 237 -8.87 23.24 17.30
N CYS A 238 -8.88 24.57 17.38
CA CYS A 238 -10.05 25.32 17.87
C CYS A 238 -11.29 25.06 17.03
N ALA A 239 -11.12 25.06 15.71
CA ALA A 239 -12.27 24.79 14.86
C ALA A 239 -12.72 23.36 15.08
N ASP A 240 -11.78 22.43 15.27
CA ASP A 240 -12.11 21.03 15.49
C ASP A 240 -12.89 20.84 16.80
N LEU A 241 -12.61 21.70 17.79
CA LEU A 241 -13.25 21.60 19.10
C LEU A 241 -14.23 22.77 19.28
N SER A 242 -14.93 23.14 18.22
CA SER A 242 -15.80 24.33 18.26
C SER A 242 -17.28 24.03 18.52
N ASN A 243 -17.65 22.75 18.54
CA ASN A 243 -19.04 22.36 18.73
C ASN A 243 -19.66 23.02 19.97
N PRO A 244 -18.96 23.00 21.12
CA PRO A 244 -19.57 23.59 22.32
C PRO A 244 -19.65 25.10 22.31
N THR A 245 -19.05 25.76 21.32
CA THR A 245 -19.10 27.21 21.25
C THR A 245 -20.20 27.67 20.29
N LYS A 246 -20.89 26.72 19.69
CA LYS A 246 -21.93 27.03 18.73
C LYS A 246 -23.29 27.09 19.41
N PRO A 247 -24.24 27.81 18.80
CA PRO A 247 -25.58 27.83 19.39
C PRO A 247 -26.06 26.42 19.76
N LEU A 248 -26.76 26.35 20.88
CA LEU A 248 -27.10 25.08 21.53
C LEU A 248 -27.77 24.05 20.63
N GLN A 249 -28.60 24.50 19.70
CA GLN A 249 -29.30 23.52 18.84
C GLN A 249 -28.34 22.78 17.91
N LEU A 250 -27.23 23.44 17.56
CA LEU A 250 -26.17 22.81 16.78
C LEU A 250 -25.34 21.90 17.66
N TYR A 251 -24.88 22.44 18.79
CA TYR A 251 -24.07 21.70 19.75
C TYR A 251 -24.70 20.37 20.20
N ARG A 252 -26.00 20.39 20.49
CA ARG A 252 -26.70 19.17 20.91
C ARG A 252 -26.72 18.14 19.80
N GLN A 253 -26.80 18.60 18.56
CA GLN A 253 -26.80 17.69 17.42
C GLN A 253 -25.43 17.04 17.29
N TRP A 254 -24.39 17.84 17.47
CA TRP A 254 -23.05 17.28 17.46
C TRP A 254 -22.87 16.26 18.60
N THR A 255 -23.39 16.61 19.78
CA THR A 255 -23.22 15.75 20.94
C THR A 255 -23.95 14.43 20.74
N ASP A 256 -25.17 14.48 20.22
CA ASP A 256 -25.89 13.25 19.89
C ASP A 256 -25.05 12.38 18.96
N ARG A 257 -24.45 13.02 17.95
CA ARG A 257 -23.66 12.25 16.98
C ARG A 257 -22.39 11.68 17.63
N ILE A 258 -21.65 12.51 18.36
CA ILE A 258 -20.42 11.97 18.95
C ILE A 258 -20.75 10.83 19.94
N MET A 259 -21.84 10.97 20.69
CA MET A 259 -22.23 9.91 21.62
C MET A 259 -22.67 8.66 20.87
N GLU A 260 -23.34 8.82 19.73
CA GLU A 260 -23.72 7.65 18.92
C GLU A 260 -22.48 6.90 18.47
N GLU A 261 -21.48 7.65 18.04
CA GLU A 261 -20.21 7.04 17.62
C GLU A 261 -19.51 6.36 18.79
N PHE A 262 -19.43 7.05 19.93
CA PHE A 262 -18.72 6.50 21.10
C PHE A 262 -19.38 5.20 21.58
N PHE A 263 -20.69 5.22 21.81
CA PHE A 263 -21.39 4.03 22.28
C PHE A 263 -21.21 2.88 21.31
N ARG A 264 -21.27 3.18 20.02
CA ARG A 264 -21.05 2.17 18.99
C ARG A 264 -19.68 1.54 19.10
N GLN A 265 -18.66 2.33 19.43
CA GLN A 265 -17.33 1.76 19.66
C GLN A 265 -17.36 0.92 20.92
N GLY A 266 -18.07 1.41 21.93
CA GLY A 266 -18.28 0.68 23.16
C GLY A 266 -18.92 -0.68 22.92
N ASP A 267 -19.96 -0.71 22.09
CA ASP A 267 -20.58 -1.96 21.68
C ASP A 267 -19.59 -2.89 21.03
N ARG A 268 -18.86 -2.38 20.05
CA ARG A 268 -17.90 -3.21 19.32
C ARG A 268 -16.78 -3.73 20.22
N GLU A 269 -16.43 -2.94 21.23
CA GLU A 269 -15.41 -3.32 22.19
C GLU A 269 -15.88 -4.50 23.04
N ARG A 270 -17.15 -4.47 23.41
CA ARG A 270 -17.76 -5.56 24.17
C ARG A 270 -18.02 -6.82 23.32
N GLU A 271 -18.38 -6.61 22.05
CA GLU A 271 -18.51 -7.69 21.08
C GLU A 271 -17.19 -8.47 20.93
N ARG A 272 -16.22 -8.14 21.77
CA ARG A 272 -14.89 -8.74 21.70
C ARG A 272 -14.23 -8.72 23.08
N GLY A 273 -15.03 -8.43 24.11
CA GLY A 273 -14.57 -8.48 25.48
C GLY A 273 -13.47 -7.51 25.87
N MET A 274 -13.12 -6.62 24.95
CA MET A 274 -12.13 -5.59 25.26
C MET A 274 -12.64 -4.73 26.42
N GLU A 275 -11.72 -4.19 27.21
CA GLU A 275 -12.10 -3.21 28.22
C GLU A 275 -12.76 -2.01 27.53
N ILE A 276 -13.87 -1.53 28.11
CA ILE A 276 -14.64 -0.45 27.50
C ILE A 276 -14.01 0.93 27.70
N SER A 277 -13.91 1.68 26.62
CA SER A 277 -13.20 2.97 26.63
C SER A 277 -13.90 4.05 27.46
N PRO A 278 -13.12 5.07 27.87
CA PRO A 278 -13.62 6.21 28.64
C PRO A 278 -14.94 6.74 28.10
N MET A 279 -16.02 6.44 28.81
CA MET A 279 -17.39 6.83 28.45
C MET A 279 -17.84 6.54 27.02
N CYS A 280 -17.45 5.37 26.52
CA CYS A 280 -18.03 4.81 25.32
C CYS A 280 -19.03 3.77 25.77
N ASP A 281 -19.14 3.60 27.07
CA ASP A 281 -20.01 2.56 27.60
C ASP A 281 -21.46 3.00 27.76
N LYS A 282 -22.29 2.56 26.83
CA LYS A 282 -23.74 2.62 26.99
C LYS A 282 -24.07 2.03 28.35
N HIS A 283 -25.15 2.48 28.95
CA HIS A 283 -25.58 2.01 30.28
C HIS A 283 -24.92 2.80 31.41
N ASN A 284 -23.60 2.92 31.36
CA ASN A 284 -22.85 3.54 32.45
C ASN A 284 -22.30 4.93 32.12
N ALA A 285 -23.01 5.67 31.29
CA ALA A 285 -22.52 6.98 30.86
C ALA A 285 -23.43 8.14 31.27
N SER A 286 -22.82 9.26 31.65
CA SER A 286 -23.56 10.49 31.88
C SER A 286 -23.15 11.51 30.82
N VAL A 287 -23.92 11.60 29.75
CA VAL A 287 -23.62 12.54 28.69
C VAL A 287 -23.37 13.94 29.25
N GLU A 288 -24.21 14.36 30.20
CA GLU A 288 -24.13 15.73 30.73
C GLU A 288 -22.82 15.96 31.47
N LYS A 289 -22.44 14.99 32.29
CA LYS A 289 -21.23 15.08 33.08
C LYS A 289 -20.01 15.10 32.17
N SER A 290 -19.96 14.18 31.23
CA SER A 290 -18.84 14.14 30.27
C SER A 290 -18.68 15.45 29.49
N GLN A 291 -19.79 16.05 29.05
CA GLN A 291 -19.71 17.35 28.38
C GLN A 291 -19.16 18.43 29.30
N VAL A 292 -19.61 18.44 30.56
CA VAL A 292 -19.08 19.43 31.50
C VAL A 292 -17.59 19.26 31.74
N GLY A 293 -17.17 18.02 32.00
CA GLY A 293 -15.76 17.74 32.21
C GLY A 293 -14.95 18.12 30.98
N PHE A 294 -15.45 17.74 29.82
CA PHE A 294 -14.82 18.08 28.54
C PHE A 294 -14.64 19.58 28.39
N ILE A 295 -15.66 20.35 28.74
CA ILE A 295 -15.56 21.81 28.60
C ILE A 295 -14.63 22.43 29.62
N ASP A 296 -14.77 22.02 30.89
CA ASP A 296 -13.94 22.58 31.95
C ASP A 296 -12.45 22.30 31.73
N TYR A 297 -12.11 21.07 31.33
CA TYR A 297 -10.71 20.68 31.25
C TYR A 297 -10.02 20.87 29.89
N ILE A 298 -10.79 20.87 28.81
CA ILE A 298 -10.20 20.93 27.47
C ILE A 298 -10.67 22.13 26.66
N VAL A 299 -11.97 22.24 26.45
CA VAL A 299 -12.47 23.23 25.51
C VAL A 299 -12.35 24.65 26.05
N HIS A 300 -12.71 24.86 27.30
CA HIS A 300 -12.69 26.21 27.87
C HIS A 300 -11.28 26.76 28.04
N PRO A 301 -10.36 25.95 28.59
CA PRO A 301 -8.97 26.45 28.66
C PRO A 301 -8.42 26.80 27.25
N LEU A 302 -8.76 26.01 26.24
CA LEU A 302 -8.30 26.28 24.87
C LEU A 302 -8.87 27.59 24.34
N TRP A 303 -10.19 27.69 24.32
CA TRP A 303 -10.85 28.87 23.77
C TRP A 303 -10.63 30.15 24.59
N GLU A 304 -10.52 29.99 25.90
CA GLU A 304 -10.19 31.13 26.74
C GLU A 304 -8.84 31.69 26.31
N THR A 305 -7.88 30.79 26.11
CA THR A 305 -6.54 31.19 25.66
C THR A 305 -6.61 31.79 24.26
N TRP A 306 -7.37 31.16 23.36
CA TRP A 306 -7.53 31.72 22.02
C TRP A 306 -8.13 33.12 22.12
N ALA A 307 -9.21 33.26 22.87
CA ALA A 307 -9.87 34.57 23.06
C ALA A 307 -8.89 35.66 23.49
N ASP A 308 -7.94 35.31 24.34
CA ASP A 308 -6.91 36.25 24.76
C ASP A 308 -5.99 36.66 23.61
N LEU A 309 -5.68 35.70 22.74
CA LEU A 309 -4.80 35.97 21.61
C LEU A 309 -5.36 37.07 20.72
N VAL A 310 -6.67 37.01 20.49
CA VAL A 310 -7.31 37.91 19.54
C VAL A 310 -8.33 38.84 20.23
N HIS A 311 -8.11 39.11 21.52
CA HIS A 311 -9.00 39.93 22.32
C HIS A 311 -9.36 41.21 21.59
N PRO A 312 -10.66 41.55 21.54
CA PRO A 312 -11.75 40.76 22.14
C PRO A 312 -12.60 40.09 21.07
N ASP A 313 -12.03 39.83 19.90
CA ASP A 313 -12.81 39.29 18.79
C ASP A 313 -13.62 38.08 19.19
N ALA A 314 -13.10 37.30 20.13
CA ALA A 314 -13.72 36.01 20.46
C ALA A 314 -14.63 36.05 21.68
N GLN A 315 -14.93 37.24 22.18
CA GLN A 315 -15.73 37.33 23.41
C GLN A 315 -17.10 36.68 23.27
N ASP A 316 -17.78 36.92 22.15
CA ASP A 316 -19.10 36.35 21.91
C ASP A 316 -19.06 34.81 21.88
N ILE A 317 -17.98 34.26 21.32
CA ILE A 317 -17.83 32.81 21.24
C ILE A 317 -17.63 32.20 22.63
N LEU A 318 -16.78 32.85 23.42
CA LEU A 318 -16.49 32.38 24.77
C LEU A 318 -17.75 32.44 25.63
N ASP A 319 -18.52 33.51 25.47
CA ASP A 319 -19.78 33.66 26.20
C ASP A 319 -20.73 32.54 25.88
N THR A 320 -20.83 32.21 24.58
CA THR A 320 -21.68 31.12 24.15
C THR A 320 -21.24 29.79 24.75
N LEU A 321 -19.92 29.59 24.84
CA LEU A 321 -19.37 28.36 25.42
C LEU A 321 -19.79 28.24 26.88
N GLU A 322 -19.67 29.35 27.62
CA GLU A 322 -20.00 29.39 29.03
C GLU A 322 -21.50 29.18 29.24
N ASP A 323 -22.32 29.85 28.45
CA ASP A 323 -23.76 29.60 28.51
C ASP A 323 -24.06 28.12 28.31
N ASN A 324 -23.48 27.51 27.28
CA ASN A 324 -23.74 26.10 27.05
C ASN A 324 -23.23 25.24 28.17
N ARG A 325 -22.16 25.68 28.82
CA ARG A 325 -21.59 24.93 29.93
C ARG A 325 -22.57 24.96 31.12
N GLU A 326 -23.04 26.15 31.48
CA GLU A 326 -24.07 26.27 32.52
C GLU A 326 -25.31 25.46 32.17
N TRP A 327 -25.73 25.51 30.91
CA TRP A 327 -26.89 24.76 30.49
C TRP A 327 -26.74 23.28 30.81
N TYR A 328 -25.64 22.69 30.39
CA TYR A 328 -25.44 21.26 30.64
C TYR A 328 -25.31 20.99 32.13
N GLN A 329 -24.60 21.87 32.83
CA GLN A 329 -24.40 21.78 34.27
C GLN A 329 -25.72 21.73 35.03
N SER A 330 -26.71 22.46 34.53
CA SER A 330 -28.02 22.48 35.18
C SER A 330 -28.75 21.17 34.93
N THR A 331 -28.04 20.06 35.10
CA THR A 331 -28.64 18.73 34.96
C THR A 331 -27.92 17.69 35.80
N LEU B 14 35.80 -18.51 9.67
CA LEU B 14 36.60 -18.51 10.88
C LEU B 14 35.73 -18.27 12.10
N ALA B 15 35.40 -19.34 12.82
CA ALA B 15 34.70 -19.19 14.10
C ALA B 15 35.67 -18.58 15.09
N LYS B 16 36.94 -18.52 14.71
CA LYS B 16 37.96 -17.84 15.48
C LYS B 16 37.65 -16.34 15.53
N GLU B 17 37.53 -15.73 14.36
CA GLU B 17 37.19 -14.32 14.26
C GLU B 17 35.94 -14.01 15.09
N LEU B 18 34.96 -14.91 15.02
CA LEU B 18 33.73 -14.78 15.78
C LEU B 18 33.93 -14.97 17.29
N GLU B 19 35.16 -15.30 17.70
CA GLU B 19 35.48 -15.36 19.12
C GLU B 19 35.57 -13.96 19.70
N ASP B 20 35.52 -12.98 18.80
CA ASP B 20 35.67 -11.57 19.19
C ASP B 20 34.33 -10.85 19.29
N VAL B 21 33.24 -11.61 19.34
CA VAL B 21 31.89 -11.05 19.26
C VAL B 21 31.53 -10.11 20.42
N ASN B 22 32.26 -10.20 21.52
CA ASN B 22 32.00 -9.31 22.65
C ASN B 22 33.01 -8.16 22.75
N LYS B 23 33.86 -8.03 21.73
CA LYS B 23 34.88 -6.99 21.72
C LYS B 23 34.54 -5.84 20.78
N TRP B 24 34.68 -4.62 21.28
CA TRP B 24 34.67 -3.43 20.45
C TRP B 24 35.80 -3.57 19.47
N GLY B 25 35.54 -3.30 18.20
CA GLY B 25 36.58 -3.40 17.19
C GLY B 25 36.59 -4.71 16.43
N LEU B 26 35.53 -5.50 16.57
CA LEU B 26 35.39 -6.74 15.80
C LEU B 26 35.70 -6.42 14.35
N HIS B 27 36.36 -7.33 13.63
CA HIS B 27 36.52 -7.06 12.20
C HIS B 27 35.39 -7.66 11.41
N VAL B 28 34.31 -6.89 11.32
CA VAL B 28 33.07 -7.31 10.67
C VAL B 28 33.24 -7.42 9.15
N PHE B 29 34.12 -6.61 8.57
CA PHE B 29 34.46 -6.71 7.15
C PHE B 29 35.10 -8.05 6.84
N ARG B 30 36.19 -8.36 7.54
CA ARG B 30 36.85 -9.66 7.38
C ARG B 30 35.81 -10.77 7.53
N ILE B 31 35.00 -10.68 8.57
CA ILE B 31 33.92 -11.63 8.78
C ILE B 31 33.02 -11.71 7.56
N ALA B 32 32.58 -10.54 7.10
CA ALA B 32 31.81 -10.43 5.87
C ALA B 32 32.38 -11.31 4.76
N GLU B 33 33.66 -11.11 4.46
CA GLU B 33 34.32 -11.90 3.44
C GLU B 33 34.22 -13.38 3.80
N LEU B 34 34.85 -13.76 4.92
CA LEU B 34 34.86 -15.15 5.40
C LEU B 34 33.47 -15.76 5.45
N SER B 35 32.44 -14.92 5.48
CA SER B 35 31.07 -15.36 5.69
C SER B 35 30.29 -15.51 4.39
N GLY B 36 30.94 -15.22 3.27
CA GLY B 36 30.23 -15.16 2.00
C GLY B 36 29.13 -14.12 2.05
N ASN B 37 29.45 -12.98 2.67
CA ASN B 37 28.50 -11.88 2.82
C ASN B 37 27.26 -12.25 3.59
N ARG B 38 27.45 -12.91 4.72
CA ARG B 38 26.36 -13.15 5.66
C ARG B 38 26.71 -12.62 7.06
N PRO B 39 27.34 -11.43 7.14
CA PRO B 39 27.72 -10.87 8.45
C PRO B 39 26.54 -10.79 9.41
N LEU B 40 25.40 -10.31 8.93
CA LEU B 40 24.26 -10.14 9.81
C LEU B 40 23.77 -11.47 10.36
N THR B 41 23.80 -12.50 9.53
CA THR B 41 23.30 -13.81 9.92
C THR B 41 24.18 -14.45 10.98
N VAL B 42 25.47 -14.55 10.69
CA VAL B 42 26.41 -15.23 11.56
C VAL B 42 26.66 -14.47 12.88
N ILE B 43 26.68 -13.15 12.84
CA ILE B 43 26.85 -12.39 14.07
C ILE B 43 25.60 -12.48 14.93
N MET B 44 24.44 -12.26 14.33
CA MET B 44 23.19 -12.40 15.06
C MET B 44 23.11 -13.77 15.73
N HIS B 45 23.32 -14.82 14.94
CA HIS B 45 23.19 -16.18 15.44
C HIS B 45 24.14 -16.45 16.61
N THR B 46 25.40 -16.09 16.42
CA THR B 46 26.40 -16.19 17.48
C THR B 46 25.92 -15.49 18.74
N ILE B 47 25.56 -14.21 18.59
CA ILE B 47 25.07 -13.42 19.71
C ILE B 47 23.88 -14.08 20.39
N PHE B 48 23.05 -14.75 19.59
CA PHE B 48 21.82 -15.37 20.10
C PHE B 48 22.11 -16.63 20.92
N GLN B 49 23.12 -17.39 20.50
CA GLN B 49 23.60 -18.50 21.30
C GLN B 49 24.12 -17.95 22.61
N GLU B 50 25.14 -17.09 22.51
CA GLU B 50 25.79 -16.49 23.67
C GLU B 50 24.82 -16.09 24.79
N ARG B 51 23.73 -15.44 24.43
CA ARG B 51 22.77 -14.95 25.43
C ARG B 51 21.66 -15.95 25.66
N ASP B 52 21.83 -17.12 25.05
CA ASP B 52 20.90 -18.24 25.26
C ASP B 52 19.46 -17.79 24.99
N LEU B 53 19.31 -16.87 24.04
CA LEU B 53 17.99 -16.31 23.73
C LEU B 53 17.12 -17.30 22.95
N LEU B 54 17.78 -18.18 22.19
CA LEU B 54 17.07 -19.24 21.50
C LEU B 54 16.36 -20.09 22.55
N LYS B 55 17.15 -20.65 23.47
CA LYS B 55 16.59 -21.34 24.63
C LYS B 55 15.57 -20.45 25.34
N THR B 56 16.05 -19.29 25.80
CA THR B 56 15.27 -18.39 26.65
C THR B 56 13.88 -18.05 26.12
N PHE B 57 13.78 -17.81 24.80
CA PHE B 57 12.50 -17.42 24.20
C PHE B 57 11.86 -18.51 23.33
N LYS B 58 12.50 -19.67 23.25
CA LYS B 58 11.94 -20.79 22.51
C LYS B 58 11.97 -20.46 21.02
N ILE B 59 13.17 -20.45 20.45
CA ILE B 59 13.35 -20.09 19.06
C ILE B 59 14.00 -21.21 18.27
N PRO B 60 13.23 -21.85 17.38
CA PRO B 60 13.81 -22.87 16.52
C PRO B 60 15.04 -22.30 15.81
N VAL B 61 16.16 -23.01 15.81
CA VAL B 61 17.37 -22.49 15.16
C VAL B 61 17.25 -22.49 13.62
N ASP B 62 16.36 -23.32 13.09
CA ASP B 62 16.12 -23.31 11.65
C ASP B 62 15.35 -22.05 11.28
N THR B 63 14.41 -21.67 12.13
CA THR B 63 13.65 -20.44 11.94
C THR B 63 14.55 -19.22 12.07
N LEU B 64 15.37 -19.20 13.11
CA LEU B 64 16.25 -18.06 13.33
C LEU B 64 17.14 -17.85 12.12
N ILE B 65 17.63 -18.94 11.55
CA ILE B 65 18.58 -18.83 10.46
C ILE B 65 17.87 -18.46 9.17
N THR B 66 16.66 -18.98 8.99
CA THR B 66 15.87 -18.64 7.82
C THR B 66 15.47 -17.15 7.83
N TYR B 67 15.00 -16.66 8.96
CA TYR B 67 14.69 -15.23 9.09
C TYR B 67 15.93 -14.32 8.96
N LEU B 68 17.03 -14.72 9.56
CA LEU B 68 18.25 -13.92 9.45
C LEU B 68 18.69 -13.87 7.99
N MET B 69 18.75 -15.04 7.36
CA MET B 69 19.04 -15.14 5.93
C MET B 69 18.19 -14.13 5.16
N THR B 70 16.88 -14.21 5.36
CA THR B 70 15.94 -13.31 4.73
C THR B 70 16.32 -11.87 4.97
N LEU B 71 16.34 -11.46 6.24
CA LEU B 71 16.66 -10.07 6.59
C LEU B 71 17.90 -9.59 5.83
N GLU B 72 19.02 -10.27 6.01
CA GLU B 72 20.23 -9.87 5.33
C GLU B 72 19.99 -9.60 3.83
N ASP B 73 19.07 -10.37 3.24
CA ASP B 73 18.77 -10.27 1.81
C ASP B 73 17.93 -9.05 1.46
N HIS B 74 17.25 -8.48 2.44
CA HIS B 74 16.48 -7.27 2.21
C HIS B 74 17.29 -6.01 2.47
N TYR B 75 18.59 -6.21 2.68
CA TYR B 75 19.56 -5.13 2.62
C TYR B 75 20.14 -5.09 1.21
N HIS B 76 20.30 -3.89 0.68
CA HIS B 76 20.80 -3.70 -0.68
C HIS B 76 22.31 -3.90 -0.76
N ALA B 77 22.73 -4.88 -1.55
CA ALA B 77 24.15 -5.13 -1.73
C ALA B 77 24.83 -4.03 -2.55
N ASP B 78 24.04 -3.25 -3.28
CA ASP B 78 24.60 -2.20 -4.11
C ASP B 78 24.88 -0.91 -3.32
N VAL B 79 24.38 -0.84 -2.09
CA VAL B 79 24.56 0.35 -1.27
C VAL B 79 25.86 0.25 -0.46
N ALA B 80 26.72 1.25 -0.56
CA ALA B 80 28.06 1.17 0.04
C ALA B 80 28.08 1.18 1.57
N TYR B 81 27.17 1.93 2.18
CA TYR B 81 27.16 2.07 3.64
C TYR B 81 25.97 1.39 4.34
N HIS B 82 24.76 1.84 4.04
CA HIS B 82 23.56 1.34 4.70
C HIS B 82 23.15 -0.05 4.22
N ASN B 83 24.05 -1.02 4.41
CA ASN B 83 23.83 -2.40 3.97
C ASN B 83 23.89 -3.39 5.15
N ASN B 84 24.00 -4.68 4.82
CA ASN B 84 23.98 -5.75 5.81
C ASN B 84 25.20 -5.70 6.73
N ILE B 85 26.33 -5.26 6.20
CA ILE B 85 27.53 -5.11 7.02
C ILE B 85 27.31 -4.07 8.13
N HIS B 86 26.76 -2.92 7.77
CA HIS B 86 26.45 -1.87 8.75
C HIS B 86 25.45 -2.36 9.80
N ALA B 87 24.43 -3.08 9.36
CA ALA B 87 23.44 -3.64 10.28
C ALA B 87 24.10 -4.67 11.22
N ALA B 88 24.97 -5.52 10.69
CA ALA B 88 25.71 -6.46 11.52
C ALA B 88 26.58 -5.70 12.54
N ASP B 89 27.15 -4.59 12.08
CA ASP B 89 28.06 -3.80 12.90
C ASP B 89 27.31 -3.15 14.05
N VAL B 90 26.12 -2.63 13.76
CA VAL B 90 25.31 -1.99 14.79
C VAL B 90 24.75 -3.02 15.78
N VAL B 91 24.41 -4.21 15.28
CA VAL B 91 23.96 -5.29 16.15
C VAL B 91 25.04 -5.66 17.17
N GLN B 92 26.25 -5.87 16.67
CA GLN B 92 27.36 -6.30 17.53
C GLN B 92 27.80 -5.19 18.47
N SER B 93 27.73 -3.95 18.02
CA SER B 93 28.07 -2.81 18.87
C SER B 93 27.06 -2.67 20.00
N THR B 94 25.79 -2.83 19.67
CA THR B 94 24.74 -2.81 20.68
C THR B 94 24.99 -3.94 21.69
N HIS B 95 25.43 -5.08 21.19
CA HIS B 95 25.59 -6.27 22.03
C HIS B 95 26.68 -6.04 23.06
N VAL B 96 27.81 -5.49 22.61
CA VAL B 96 28.86 -5.06 23.52
C VAL B 96 28.34 -4.03 24.51
N LEU B 97 27.68 -2.98 24.01
CA LEU B 97 27.12 -1.95 24.89
C LEU B 97 26.16 -2.48 25.98
N LEU B 98 25.35 -3.48 25.65
CA LEU B 98 24.40 -4.03 26.60
C LEU B 98 25.10 -4.78 27.74
N SER B 99 26.33 -5.24 27.47
CA SER B 99 27.06 -6.09 28.41
C SER B 99 28.02 -5.28 29.26
N THR B 100 27.86 -3.95 29.23
CA THR B 100 28.72 -3.03 29.96
C THR B 100 28.61 -3.21 31.48
N PRO B 101 29.76 -3.38 32.16
CA PRO B 101 29.76 -3.62 33.60
C PRO B 101 28.81 -2.69 34.33
N ALA B 102 28.88 -1.39 34.04
CA ALA B 102 28.08 -0.42 34.77
C ALA B 102 26.57 -0.54 34.49
N LEU B 103 26.18 -1.52 33.69
CA LEU B 103 24.75 -1.71 33.42
C LEU B 103 24.29 -3.12 33.71
N GLU B 104 25.17 -3.93 34.32
CA GLU B 104 24.80 -5.29 34.69
C GLU B 104 23.50 -5.26 35.48
N ALA B 105 22.70 -6.32 35.33
CA ALA B 105 21.47 -6.49 36.09
C ALA B 105 20.32 -5.53 35.77
N VAL B 106 20.52 -4.58 34.87
CA VAL B 106 19.51 -3.55 34.63
C VAL B 106 18.34 -4.01 33.75
N PHE B 107 18.63 -4.56 32.58
CA PHE B 107 17.57 -4.83 31.59
C PHE B 107 17.07 -6.29 31.54
N THR B 108 15.76 -6.46 31.42
CA THR B 108 15.15 -7.77 31.25
C THR B 108 15.53 -8.41 29.91
N ASP B 109 15.47 -9.73 29.87
CA ASP B 109 15.86 -10.50 28.69
C ASP B 109 15.04 -10.11 27.45
N LEU B 110 13.81 -9.66 27.67
CA LEU B 110 13.00 -9.18 26.57
C LEU B 110 13.60 -7.86 26.05
N GLU B 111 13.77 -6.90 26.94
CA GLU B 111 14.36 -5.62 26.56
C GLU B 111 15.68 -5.82 25.83
N ILE B 112 16.47 -6.80 26.26
N ILE B 112 16.46 -6.82 26.22
CA ILE B 112 17.71 -7.16 25.58
CA ILE B 112 17.72 -7.09 25.55
C ILE B 112 17.44 -7.67 24.16
C ILE B 112 17.51 -7.78 24.19
N LEU B 113 16.32 -8.36 24.01
CA LEU B 113 15.97 -8.96 22.74
C LEU B 113 15.54 -7.86 21.79
N ALA B 114 14.74 -6.94 22.30
CA ALA B 114 14.30 -5.77 21.58
C ALA B 114 15.45 -4.94 21.00
N ALA B 115 16.49 -4.72 21.79
CA ALA B 115 17.59 -3.87 21.36
C ALA B 115 18.39 -4.53 20.25
N ILE B 116 18.61 -5.83 20.39
CA ILE B 116 19.37 -6.56 19.39
C ILE B 116 18.56 -6.71 18.09
N PHE B 117 17.27 -7.01 18.21
CA PHE B 117 16.38 -7.11 17.06
C PHE B 117 16.26 -5.76 16.36
N ALA B 118 15.83 -4.74 17.10
CA ALA B 118 15.75 -3.39 16.56
C ALA B 118 17.02 -3.03 15.76
N SER B 119 18.17 -3.40 16.30
CA SER B 119 19.46 -3.12 15.69
C SER B 119 19.62 -3.84 14.34
N ALA B 120 19.23 -5.11 14.30
CA ALA B 120 19.37 -5.90 13.07
C ALA B 120 18.50 -5.36 11.93
N ILE B 121 17.35 -4.78 12.28
CA ILE B 121 16.41 -4.30 11.27
C ILE B 121 16.36 -2.79 11.06
N HIS B 122 17.08 -2.04 11.88
CA HIS B 122 16.88 -0.59 11.94
C HIS B 122 17.12 0.17 10.60
N ASP B 123 17.84 -0.43 9.65
CA ASP B 123 18.04 0.16 8.32
C ASP B 123 17.66 -0.75 7.13
N VAL B 124 16.79 -1.71 7.35
CA VAL B 124 16.57 -2.70 6.31
C VAL B 124 15.88 -2.07 5.08
N ASP B 125 16.31 -2.48 3.89
CA ASP B 125 15.78 -1.96 2.63
C ASP B 125 16.13 -0.48 2.42
N HIS B 126 17.30 -0.07 2.90
CA HIS B 126 17.70 1.33 2.78
C HIS B 126 18.13 1.55 1.32
N PRO B 127 17.57 2.57 0.67
CA PRO B 127 17.84 2.80 -0.76
C PRO B 127 19.15 3.53 -1.04
N GLY B 128 19.85 3.95 0.01
CA GLY B 128 21.10 4.67 -0.17
C GLY B 128 20.90 6.16 -0.44
N VAL B 129 19.71 6.67 -0.20
CA VAL B 129 19.46 8.11 -0.30
C VAL B 129 18.75 8.58 0.95
N SER B 130 18.77 9.89 1.17
CA SER B 130 18.26 10.49 2.40
C SER B 130 16.75 10.66 2.36
N ASN B 131 16.15 10.84 3.54
CA ASN B 131 14.75 11.19 3.64
C ASN B 131 14.40 12.37 2.74
N GLN B 132 15.26 13.40 2.73
CA GLN B 132 14.94 14.62 2.00
C GLN B 132 14.89 14.35 0.48
N PHE B 133 15.77 13.49 0.01
CA PHE B 133 15.72 13.03 -1.38
C PHE B 133 14.38 12.37 -1.69
N LEU B 134 13.92 11.48 -0.82
CA LEU B 134 12.66 10.79 -1.04
C LEU B 134 11.51 11.78 -0.98
N ILE B 135 11.64 12.79 -0.12
CA ILE B 135 10.62 13.82 -0.02
C ILE B 135 10.59 14.73 -1.27
N ASN B 136 11.77 15.17 -1.74
CA ASN B 136 11.81 16.08 -2.88
C ASN B 136 11.30 15.42 -4.16
N THR B 137 11.47 14.11 -4.30
CA THR B 137 11.00 13.44 -5.50
C THR B 137 9.51 13.06 -5.42
N ASN B 138 8.85 13.38 -4.30
CA ASN B 138 7.48 12.93 -4.07
C ASN B 138 7.36 11.42 -4.14
N SER B 139 8.29 10.71 -3.54
CA SER B 139 8.26 9.26 -3.67
C SER B 139 7.04 8.70 -2.93
N GLU B 140 6.69 7.48 -3.28
CA GLU B 140 5.55 6.81 -2.66
C GLU B 140 5.73 6.67 -1.14
N LEU B 141 6.97 6.39 -0.73
CA LEU B 141 7.28 6.21 0.68
C LEU B 141 7.03 7.52 1.42
N ALA B 142 7.46 8.63 0.83
CA ALA B 142 7.29 9.91 1.50
C ALA B 142 5.80 10.31 1.58
N LEU B 143 5.02 9.98 0.56
CA LEU B 143 3.57 10.24 0.55
C LEU B 143 2.80 9.40 1.60
N MET B 144 3.25 8.17 1.79
CA MET B 144 2.67 7.28 2.79
C MET B 144 2.94 7.73 4.21
N TYR B 145 4.14 8.25 4.45
CA TYR B 145 4.52 8.62 5.82
C TYR B 145 4.54 10.11 6.08
N ASN B 146 3.95 10.88 5.17
CA ASN B 146 3.80 12.31 5.37
C ASN B 146 5.10 13.07 5.64
N ASP B 147 6.16 12.63 4.95
CA ASP B 147 7.47 13.31 4.98
C ASP B 147 8.17 13.21 6.36
N SER B 148 7.69 12.32 7.23
CA SER B 148 8.21 12.25 8.59
C SER B 148 8.82 10.89 8.90
N SER B 149 10.10 10.89 9.28
CA SER B 149 10.86 9.67 9.50
C SER B 149 10.52 8.66 8.43
N VAL B 150 10.51 9.12 7.18
CA VAL B 150 10.13 8.26 6.06
C VAL B 150 10.85 6.91 6.09
N LEU B 151 12.17 6.94 6.01
CA LEU B 151 12.93 5.71 6.00
C LEU B 151 12.77 4.89 7.28
N GLU B 152 12.79 5.56 8.43
CA GLU B 152 12.71 4.87 9.72
C GLU B 152 11.35 4.16 9.88
N ASN B 153 10.26 4.80 9.46
CA ASN B 153 8.98 4.09 9.38
C ASN B 153 9.08 2.87 8.49
N HIS B 154 9.72 3.02 7.33
CA HIS B 154 9.89 1.92 6.40
C HIS B 154 10.77 0.75 6.91
N HIS B 155 11.87 1.06 7.61
CA HIS B 155 12.71 0.00 8.16
C HIS B 155 11.89 -0.86 9.13
N LEU B 156 11.14 -0.19 9.98
CA LEU B 156 10.19 -0.86 10.84
C LEU B 156 9.27 -1.80 10.05
N ALA B 157 8.54 -1.25 9.07
CA ALA B 157 7.64 -2.03 8.21
C ALA B 157 8.27 -3.31 7.62
N VAL B 158 9.40 -3.19 6.93
CA VAL B 158 10.01 -4.38 6.36
C VAL B 158 10.48 -5.35 7.45
N GLY B 159 11.11 -4.84 8.50
CA GLY B 159 11.65 -5.68 9.55
C GLY B 159 10.62 -6.64 10.09
N PHE B 160 9.47 -6.09 10.47
CA PHE B 160 8.37 -6.87 10.97
C PHE B 160 7.87 -7.84 9.89
N LYS B 161 7.53 -7.30 8.72
CA LYS B 161 6.93 -8.13 7.68
C LYS B 161 7.77 -9.34 7.35
N LEU B 162 9.09 -9.21 7.39
CA LEU B 162 9.92 -10.33 7.00
C LEU B 162 9.71 -11.54 7.92
N LEU B 163 9.05 -11.30 9.06
CA LEU B 163 8.70 -12.36 10.01
C LEU B 163 7.73 -13.35 9.39
N GLN B 164 6.86 -12.86 8.51
CA GLN B 164 5.78 -13.68 7.94
C GLN B 164 6.16 -14.48 6.70
N GLU B 165 7.44 -14.45 6.31
CA GLU B 165 7.89 -15.29 5.20
C GLU B 165 8.16 -16.73 5.69
N GLU B 166 8.23 -17.68 4.77
CA GLU B 166 8.22 -19.09 5.14
C GLU B 166 9.18 -19.44 6.27
N ASN B 167 8.60 -19.79 7.41
CA ASN B 167 9.36 -20.16 8.60
C ASN B 167 10.34 -19.08 9.07
N CYS B 168 9.81 -17.87 9.23
CA CYS B 168 10.63 -16.69 9.52
C CYS B 168 10.20 -16.03 10.82
N ASP B 169 9.07 -16.47 11.35
CA ASP B 169 8.54 -15.88 12.58
C ASP B 169 9.28 -16.36 13.82
N ILE B 170 10.28 -15.60 14.25
CA ILE B 170 11.11 -15.96 15.38
C ILE B 170 10.46 -15.64 16.72
N PHE B 171 9.26 -15.10 16.69
CA PHE B 171 8.57 -14.72 17.92
C PHE B 171 7.28 -15.50 18.12
N GLN B 172 7.13 -16.62 17.41
CA GLN B 172 5.93 -17.44 17.53
C GLN B 172 5.76 -17.94 18.96
N ASN B 173 6.80 -18.55 19.49
CA ASN B 173 6.77 -19.10 20.84
C ASN B 173 6.81 -18.02 21.93
N LEU B 174 6.51 -16.78 21.54
CA LEU B 174 6.40 -15.71 22.52
C LEU B 174 5.00 -15.72 23.07
N THR B 175 4.71 -14.76 23.93
CA THR B 175 3.41 -14.65 24.57
C THR B 175 2.80 -13.31 24.23
N LYS B 176 1.48 -13.23 24.28
CA LYS B 176 0.78 -11.99 24.02
C LYS B 176 1.54 -10.76 24.53
N LYS B 177 1.65 -10.63 25.84
CA LYS B 177 2.24 -9.44 26.46
C LYS B 177 3.71 -9.28 26.05
N GLN B 178 4.41 -10.41 25.91
CA GLN B 178 5.79 -10.37 25.46
C GLN B 178 5.89 -9.83 24.03
N ARG B 179 4.76 -9.80 23.32
CA ARG B 179 4.75 -9.31 21.94
C ARG B 179 4.36 -7.84 21.88
N GLN B 180 3.27 -7.45 22.52
CA GLN B 180 2.94 -6.04 22.65
C GLN B 180 4.13 -5.23 23.19
N SER B 181 4.85 -5.83 24.13
CA SER B 181 5.97 -5.16 24.76
C SER B 181 7.19 -5.09 23.84
N LEU B 182 7.54 -6.22 23.24
CA LEU B 182 8.67 -6.28 22.33
C LEU B 182 8.44 -5.39 21.11
N ARG B 183 7.16 -5.17 20.75
CA ARG B 183 6.81 -4.38 19.57
C ARG B 183 6.90 -2.90 19.84
N LYS B 184 6.26 -2.47 20.93
CA LYS B 184 6.33 -1.10 21.39
C LYS B 184 7.80 -0.67 21.49
N MET B 185 8.65 -1.57 21.99
CA MET B 185 10.03 -1.21 22.25
C MET B 185 10.89 -1.12 20.98
N VAL B 186 10.63 -2.00 20.03
CA VAL B 186 11.37 -2.01 18.78
C VAL B 186 11.04 -0.74 17.98
N ILE B 187 9.77 -0.35 18.05
CA ILE B 187 9.28 0.87 17.41
C ILE B 187 9.96 2.10 17.99
N ASP B 188 9.98 2.17 19.33
CA ASP B 188 10.56 3.32 20.02
C ASP B 188 12.04 3.47 19.70
N ILE B 189 12.74 2.35 19.59
CA ILE B 189 14.17 2.36 19.34
C ILE B 189 14.48 2.74 17.88
N VAL B 190 13.84 2.07 16.92
CA VAL B 190 14.19 2.30 15.52
C VAL B 190 13.96 3.74 15.13
N LEU B 191 12.84 4.29 15.58
CA LEU B 191 12.48 5.65 15.26
C LEU B 191 13.41 6.66 15.88
N ALA B 192 14.18 6.21 16.87
CA ALA B 192 15.12 7.08 17.55
C ALA B 192 16.40 7.17 16.74
N THR B 193 16.49 6.40 15.67
CA THR B 193 17.67 6.42 14.80
C THR B 193 17.57 7.54 13.74
N ASP B 194 16.44 8.23 13.70
CA ASP B 194 16.25 9.37 12.82
C ASP B 194 17.01 10.54 13.44
N MET B 195 17.96 11.09 12.70
CA MET B 195 18.80 12.16 13.21
C MET B 195 17.99 13.35 13.67
N SER B 196 16.77 13.47 13.18
N SER B 196 16.77 13.49 13.18
CA SER B 196 15.90 14.57 13.56
CA SER B 196 15.92 14.60 13.58
C SER B 196 15.52 14.50 15.04
C SER B 196 15.54 14.51 15.05
N LYS B 197 15.68 13.32 15.62
CA LYS B 197 15.38 13.12 17.04
C LYS B 197 16.62 13.31 17.91
N HIS B 198 17.78 13.42 17.28
CA HIS B 198 19.05 13.37 18.01
C HIS B 198 19.12 14.38 19.14
N MET B 199 18.89 15.66 18.84
CA MET B 199 19.04 16.71 19.83
C MET B 199 18.26 16.43 21.11
N ASN B 200 16.97 16.12 20.97
CA ASN B 200 16.13 15.86 22.15
C ASN B 200 16.55 14.59 22.87
N LEU B 201 16.83 13.53 22.11
CA LEU B 201 17.34 12.32 22.73
C LEU B 201 18.54 12.67 23.63
N LEU B 202 19.43 13.52 23.15
CA LEU B 202 20.65 13.84 23.88
C LEU B 202 20.34 14.68 25.11
N ALA B 203 19.44 15.64 24.97
CA ALA B 203 19.04 16.46 26.11
C ALA B 203 18.52 15.58 27.24
N ASP B 204 17.73 14.57 26.88
CA ASP B 204 17.16 13.67 27.87
C ASP B 204 18.20 12.74 28.48
N LEU B 205 19.16 12.29 27.67
CA LEU B 205 20.24 11.48 28.21
C LEU B 205 21.01 12.32 29.23
N LYS B 206 21.30 13.57 28.88
CA LYS B 206 22.00 14.49 29.77
C LYS B 206 21.26 14.63 31.09
N THR B 207 19.98 14.97 31.00
CA THR B 207 19.14 15.13 32.17
C THR B 207 19.23 13.89 33.07
N MET B 208 19.05 12.71 32.47
CA MET B 208 19.13 11.47 33.23
C MET B 208 20.48 11.33 33.93
N VAL B 209 21.56 11.66 33.23
CA VAL B 209 22.89 11.58 33.82
C VAL B 209 22.97 12.48 35.07
N GLU B 210 22.37 13.66 34.95
CA GLU B 210 22.41 14.64 36.04
C GLU B 210 21.52 14.31 37.23
N THR B 211 20.63 13.33 37.07
CA THR B 211 19.76 12.91 38.17
C THR B 211 19.85 11.40 38.35
N LYS B 212 21.00 10.86 37.92
CA LYS B 212 21.31 9.45 37.98
C LYS B 212 21.02 8.88 39.38
N LYS B 213 20.38 7.71 39.42
CA LYS B 213 20.14 6.99 40.66
C LYS B 213 20.52 5.53 40.51
N VAL B 214 21.14 4.97 41.54
CA VAL B 214 21.58 3.58 41.51
C VAL B 214 21.16 2.85 42.78
N THR B 215 21.32 1.53 42.81
CA THR B 215 21.10 0.75 44.02
C THR B 215 22.31 0.88 44.93
N SER B 216 22.27 0.26 46.11
CA SER B 216 23.42 0.33 47.02
C SER B 216 24.62 -0.42 46.43
N SER B 217 24.35 -1.28 45.46
CA SER B 217 25.41 -1.99 44.73
C SER B 217 25.92 -1.17 43.53
N GLY B 218 25.21 -0.09 43.23
CA GLY B 218 25.63 0.80 42.15
C GLY B 218 25.14 0.38 40.78
N VAL B 219 24.05 -0.37 40.75
CA VAL B 219 23.40 -0.75 39.50
C VAL B 219 22.45 0.37 39.12
N LEU B 220 22.47 0.76 37.84
CA LEU B 220 21.60 1.81 37.33
C LEU B 220 20.13 1.51 37.65
N LEU B 221 19.44 2.49 38.24
CA LEU B 221 18.03 2.33 38.60
C LEU B 221 17.12 3.03 37.59
N LEU B 222 16.41 2.23 36.80
CA LEU B 222 15.48 2.75 35.80
C LEU B 222 14.14 2.09 36.08
N ASP B 223 13.28 2.82 36.78
CA ASP B 223 12.08 2.22 37.36
C ASP B 223 10.81 2.47 36.55
N ASN B 224 10.92 3.25 35.49
CA ASN B 224 9.75 3.56 34.68
C ASN B 224 10.06 3.45 33.18
N TYR B 225 9.02 3.38 32.35
CA TYR B 225 9.23 3.13 30.93
C TYR B 225 10.03 4.23 30.25
N SER B 226 9.63 5.48 30.43
CA SER B 226 10.33 6.59 29.78
C SER B 226 11.83 6.47 29.96
N ASP B 227 12.27 6.36 31.21
CA ASP B 227 13.69 6.27 31.53
C ASP B 227 14.31 5.05 30.90
N ARG B 228 13.61 3.92 30.96
CA ARG B 228 14.18 2.68 30.46
C ARG B 228 14.34 2.68 28.93
N ILE B 229 13.32 3.11 28.19
CA ILE B 229 13.41 3.04 26.73
C ILE B 229 14.33 4.13 26.19
N GLN B 230 14.34 5.28 26.86
CA GLN B 230 15.22 6.37 26.48
C GLN B 230 16.70 5.96 26.58
N VAL B 231 17.01 5.08 27.54
CA VAL B 231 18.35 4.50 27.62
C VAL B 231 18.58 3.50 26.49
N LEU B 232 17.59 2.66 26.21
CA LEU B 232 17.71 1.76 25.07
C LEU B 232 17.83 2.59 23.78
N GLN B 233 17.02 3.64 23.69
CA GLN B 233 17.04 4.49 22.51
C GLN B 233 18.45 5.01 22.28
N ASN B 234 19.05 5.59 23.30
CA ASN B 234 20.37 6.20 23.16
C ASN B 234 21.45 5.16 22.96
N MET B 235 21.27 4.00 23.60
CA MET B 235 22.23 2.91 23.41
C MET B 235 22.32 2.54 21.93
N VAL B 236 21.19 2.30 21.30
CA VAL B 236 21.19 1.91 19.89
C VAL B 236 21.63 3.08 18.97
N HIS B 237 21.16 4.28 19.30
CA HIS B 237 21.63 5.50 18.61
C HIS B 237 23.17 5.57 18.66
N CYS B 238 23.74 5.31 19.84
CA CYS B 238 25.19 5.29 20.01
C CYS B 238 25.84 4.22 19.13
N ALA B 239 25.26 3.03 19.11
CA ALA B 239 25.78 1.96 18.26
C ALA B 239 25.72 2.38 16.78
N ASP B 240 24.64 3.06 16.42
CA ASP B 240 24.45 3.55 15.04
C ASP B 240 25.50 4.59 14.68
N LEU B 241 25.86 5.45 15.64
CA LEU B 241 26.89 6.45 15.42
C LEU B 241 28.23 6.04 16.01
N SER B 242 28.59 4.76 15.88
CA SER B 242 29.78 4.26 16.57
C SER B 242 31.03 4.16 15.73
N ASN B 243 30.91 4.39 14.42
CA ASN B 243 32.04 4.28 13.51
C ASN B 243 33.30 5.02 13.96
N PRO B 244 33.15 6.31 14.32
CA PRO B 244 34.33 7.11 14.63
C PRO B 244 34.96 6.71 15.96
N THR B 245 34.36 5.75 16.67
CA THR B 245 34.91 5.31 17.94
C THR B 245 35.59 3.96 17.82
N LYS B 246 35.63 3.43 16.60
CA LYS B 246 36.31 2.16 16.37
C LYS B 246 37.77 2.42 16.03
N PRO B 247 38.60 1.37 16.20
CA PRO B 247 40.00 1.50 15.75
C PRO B 247 40.02 2.21 14.39
N LEU B 248 40.97 3.11 14.21
CA LEU B 248 41.09 3.90 12.98
C LEU B 248 40.91 3.08 11.70
N GLN B 249 41.44 1.86 11.69
CA GLN B 249 41.39 1.00 10.51
C GLN B 249 39.97 0.76 10.01
N LEU B 250 39.07 0.47 10.94
CA LEU B 250 37.67 0.29 10.59
C LEU B 250 37.01 1.64 10.24
N TYR B 251 37.15 2.62 11.12
CA TYR B 251 36.60 3.95 10.88
C TYR B 251 36.78 4.40 9.43
N ARG B 252 38.00 4.29 8.91
CA ARG B 252 38.33 4.77 7.57
C ARG B 252 37.63 3.99 6.46
N GLN B 253 37.33 2.71 6.71
CA GLN B 253 36.54 1.94 5.77
C GLN B 253 35.10 2.42 5.74
N TRP B 254 34.51 2.66 6.92
CA TRP B 254 33.16 3.20 7.01
C TRP B 254 33.09 4.55 6.33
N THR B 255 34.05 5.43 6.62
CA THR B 255 34.09 6.74 6.02
C THR B 255 34.11 6.64 4.49
N ASP B 256 34.93 5.71 3.97
CA ASP B 256 34.98 5.50 2.53
C ASP B 256 33.63 5.05 2.00
N ARG B 257 32.92 4.24 2.79
CA ARG B 257 31.62 3.74 2.34
C ARG B 257 30.50 4.80 2.37
N ILE B 258 30.44 5.59 3.44
CA ILE B 258 29.44 6.63 3.54
C ILE B 258 29.70 7.66 2.45
N MET B 259 30.97 7.98 2.18
CA MET B 259 31.27 8.99 1.18
C MET B 259 30.96 8.53 -0.25
N GLU B 260 31.14 7.25 -0.53
CA GLU B 260 30.76 6.73 -1.83
C GLU B 260 29.23 6.84 -1.97
N GLU B 261 28.52 6.49 -0.90
CA GLU B 261 27.06 6.57 -0.93
C GLU B 261 26.56 8.02 -1.06
N PHE B 262 27.18 8.96 -0.36
CA PHE B 262 26.80 10.37 -0.48
C PHE B 262 27.06 10.91 -1.89
N PHE B 263 28.20 10.57 -2.47
CA PHE B 263 28.56 11.08 -3.77
C PHE B 263 27.60 10.53 -4.84
N ARG B 264 27.23 9.27 -4.67
CA ARG B 264 26.24 8.67 -5.55
C ARG B 264 24.90 9.41 -5.48
N GLN B 265 24.47 9.81 -4.30
CA GLN B 265 23.27 10.65 -4.19
C GLN B 265 23.47 12.00 -4.87
N GLY B 266 24.62 12.62 -4.66
CA GLY B 266 24.92 13.89 -5.31
C GLY B 266 24.84 13.78 -6.84
N ASP B 267 25.36 12.69 -7.37
CA ASP B 267 25.31 12.49 -8.81
C ASP B 267 23.88 12.32 -9.27
N ARG B 268 23.06 11.63 -8.48
CA ARG B 268 21.66 11.48 -8.82
C ARG B 268 20.94 12.83 -8.83
N GLU B 269 21.18 13.61 -7.79
CA GLU B 269 20.62 14.95 -7.70
C GLU B 269 21.08 15.77 -8.91
N ARG B 270 22.38 15.70 -9.23
CA ARG B 270 22.94 16.51 -10.34
C ARG B 270 22.27 16.14 -11.66
N GLU B 271 22.09 14.83 -11.89
CA GLU B 271 21.37 14.29 -13.05
C GLU B 271 20.02 14.95 -13.24
N ARG B 272 19.29 15.04 -12.13
CA ARG B 272 17.92 15.51 -12.18
C ARG B 272 17.88 17.00 -11.98
N GLY B 273 19.03 17.64 -11.88
CA GLY B 273 19.06 19.07 -11.63
C GLY B 273 18.53 19.48 -10.26
N MET B 274 18.26 18.51 -9.38
CA MET B 274 17.93 18.83 -7.98
C MET B 274 19.08 19.65 -7.39
N GLU B 275 18.80 20.45 -6.37
CA GLU B 275 19.89 21.07 -5.62
C GLU B 275 20.72 19.96 -4.97
N ILE B 276 22.05 20.12 -4.91
CA ILE B 276 22.90 19.04 -4.40
C ILE B 276 23.13 19.07 -2.88
N SER B 277 22.80 17.97 -2.22
CA SER B 277 22.81 17.93 -0.75
C SER B 277 24.21 18.16 -0.17
N PRO B 278 24.28 18.68 1.07
CA PRO B 278 25.58 19.00 1.67
C PRO B 278 26.37 17.72 1.78
N MET B 279 27.66 17.74 1.43
CA MET B 279 28.49 16.56 1.61
C MET B 279 28.40 15.63 0.41
N CYS B 280 27.36 15.82 -0.41
CA CYS B 280 27.10 14.90 -1.52
C CYS B 280 27.76 15.23 -2.85
N ASP B 281 28.38 16.40 -2.95
CA ASP B 281 28.96 16.87 -4.22
C ASP B 281 30.45 16.51 -4.35
N LYS B 282 30.76 15.48 -5.14
CA LYS B 282 32.13 14.96 -5.26
C LYS B 282 33.11 15.94 -5.89
N HIS B 283 32.60 17.06 -6.43
CA HIS B 283 33.47 18.07 -7.02
C HIS B 283 33.83 19.14 -6.00
N ASN B 284 33.00 19.27 -4.97
CA ASN B 284 33.22 20.22 -3.89
C ASN B 284 33.10 19.55 -2.54
N ALA B 285 33.97 18.57 -2.31
CA ALA B 285 33.91 17.79 -1.07
C ALA B 285 35.02 18.17 -0.11
N SER B 286 34.76 17.92 1.17
CA SER B 286 35.77 18.06 2.20
C SER B 286 35.51 16.94 3.19
N VAL B 287 35.82 15.72 2.75
CA VAL B 287 35.57 14.53 3.53
C VAL B 287 36.11 14.67 4.94
N GLU B 288 37.37 15.06 5.05
CA GLU B 288 38.03 15.18 6.35
C GLU B 288 37.37 16.24 7.21
N LYS B 289 37.19 17.43 6.64
CA LYS B 289 36.51 18.49 7.36
C LYS B 289 35.16 18.01 7.89
N SER B 290 34.47 17.18 7.11
CA SER B 290 33.13 16.76 7.48
C SER B 290 33.15 15.78 8.66
N GLN B 291 34.09 14.83 8.62
CA GLN B 291 34.22 13.90 9.73
C GLN B 291 34.48 14.66 11.02
N VAL B 292 35.35 15.66 10.96
CA VAL B 292 35.69 16.40 12.17
C VAL B 292 34.47 17.17 12.67
N GLY B 293 33.75 17.83 11.76
CA GLY B 293 32.55 18.55 12.13
C GLY B 293 31.51 17.61 12.74
N PHE B 294 31.37 16.42 12.17
CA PHE B 294 30.39 15.46 12.64
C PHE B 294 30.75 14.97 14.06
N ILE B 295 32.03 14.67 14.26
CA ILE B 295 32.51 14.30 15.58
C ILE B 295 32.26 15.42 16.59
N ASP B 296 32.59 16.65 16.20
CA ASP B 296 32.53 17.77 17.13
C ASP B 296 31.13 18.13 17.52
N TYR B 297 30.21 18.11 16.55
CA TYR B 297 28.86 18.59 16.81
C TYR B 297 27.88 17.50 17.23
N ILE B 298 28.12 16.27 16.80
CA ILE B 298 27.18 15.17 17.00
C ILE B 298 27.76 14.00 17.81
N VAL B 299 28.80 13.39 17.29
CA VAL B 299 29.27 12.11 17.82
C VAL B 299 29.93 12.26 19.20
N HIS B 300 30.67 13.34 19.41
CA HIS B 300 31.40 13.50 20.67
C HIS B 300 30.46 13.94 21.80
N PRO B 301 29.60 14.94 21.55
CA PRO B 301 28.60 15.26 22.59
C PRO B 301 27.81 14.01 22.99
N LEU B 302 27.41 13.20 22.01
CA LEU B 302 26.61 12.01 22.31
C LEU B 302 27.41 11.00 23.13
N TRP B 303 28.59 10.63 22.66
CA TRP B 303 29.40 9.62 23.33
C TRP B 303 29.98 10.10 24.68
N GLU B 304 30.30 11.38 24.76
CA GLU B 304 30.75 11.96 26.01
C GLU B 304 29.67 11.78 27.06
N THR B 305 28.41 11.97 26.66
CA THR B 305 27.33 11.85 27.60
C THR B 305 27.07 10.38 27.97
N TRP B 306 27.17 9.50 26.98
CA TRP B 306 26.99 8.08 27.27
C TRP B 306 28.09 7.56 28.22
N ALA B 307 29.34 7.95 27.99
CA ALA B 307 30.46 7.54 28.84
C ALA B 307 30.25 7.94 30.31
N ASP B 308 29.64 9.10 30.52
CA ASP B 308 29.21 9.55 31.85
C ASP B 308 28.26 8.54 32.46
N LEU B 309 27.13 8.32 31.79
CA LEU B 309 26.11 7.40 32.26
C LEU B 309 26.66 6.04 32.68
N VAL B 310 27.69 5.55 32.00
CA VAL B 310 28.25 4.22 32.30
C VAL B 310 29.71 4.28 32.76
N HIS B 311 30.10 5.46 33.25
CA HIS B 311 31.46 5.68 33.69
C HIS B 311 31.93 4.56 34.62
N PRO B 312 33.17 4.09 34.43
CA PRO B 312 34.09 4.55 33.38
C PRO B 312 34.18 3.55 32.21
N ASP B 313 33.12 2.80 31.98
CA ASP B 313 33.20 1.68 31.03
C ASP B 313 33.56 2.09 29.60
N ALA B 314 33.32 3.35 29.25
CA ALA B 314 33.47 3.78 27.86
C ALA B 314 34.74 4.60 27.61
N GLN B 315 35.59 4.68 28.63
CA GLN B 315 36.74 5.57 28.54
C GLN B 315 37.63 5.28 27.34
N ASP B 316 37.84 4.00 27.02
CA ASP B 316 38.70 3.63 25.92
C ASP B 316 38.03 3.93 24.58
N ILE B 317 36.70 3.86 24.58
CA ILE B 317 35.91 4.22 23.40
C ILE B 317 36.04 5.72 23.15
N LEU B 318 35.79 6.51 24.18
CA LEU B 318 35.94 7.97 24.08
C LEU B 318 37.36 8.37 23.66
N ASP B 319 38.36 7.73 24.25
CA ASP B 319 39.74 8.07 23.94
C ASP B 319 40.03 7.80 22.46
N THR B 320 39.55 6.67 21.96
CA THR B 320 39.72 6.32 20.56
C THR B 320 39.03 7.37 19.67
N LEU B 321 37.85 7.80 20.08
CA LEU B 321 37.10 8.81 19.33
C LEU B 321 37.95 10.06 19.21
N GLU B 322 38.48 10.50 20.33
CA GLU B 322 39.25 11.72 20.36
C GLU B 322 40.54 11.58 19.56
N ASP B 323 41.15 10.40 19.64
CA ASP B 323 42.31 10.13 18.81
C ASP B 323 41.94 10.20 17.32
N ASN B 324 40.88 9.49 16.93
CA ASN B 324 40.43 9.46 15.55
C ASN B 324 40.10 10.86 15.02
N ARG B 325 39.51 11.66 15.89
CA ARG B 325 39.25 13.05 15.58
C ARG B 325 40.53 13.79 15.21
N GLU B 326 41.63 13.48 15.89
CA GLU B 326 42.90 14.16 15.65
C GLU B 326 43.55 13.71 14.35
N TRP B 327 43.48 12.42 14.08
CA TRP B 327 44.02 11.88 12.84
C TRP B 327 43.34 12.56 11.65
N TYR B 328 42.01 12.58 11.64
CA TYR B 328 41.28 13.17 10.52
C TYR B 328 41.59 14.66 10.40
N GLN B 329 41.57 15.36 11.52
CA GLN B 329 41.86 16.78 11.52
C GLN B 329 43.22 17.04 10.89
N SER B 330 44.17 16.16 11.18
CA SER B 330 45.53 16.29 10.66
C SER B 330 45.53 16.19 9.14
N THR B 331 44.47 15.59 8.60
CA THR B 331 44.34 15.34 7.17
C THR B 331 43.63 16.45 6.39
N ILE B 332 43.20 17.50 7.11
CA ILE B 332 42.50 18.64 6.49
C ILE B 332 43.46 19.68 5.90
N PRO B 333 43.45 19.82 4.56
CA PRO B 333 44.29 20.77 3.81
C PRO B 333 44.37 22.17 4.41
N GLU C 9 -37.04 -12.47 24.07
CA GLU C 9 -38.20 -12.58 23.19
C GLU C 9 -37.86 -12.24 21.74
N GLN C 10 -37.14 -11.13 21.55
CA GLN C 10 -36.65 -10.78 20.23
C GLN C 10 -35.67 -11.88 19.83
N GLU C 11 -34.86 -12.28 20.80
CA GLU C 11 -33.89 -13.34 20.61
C GLU C 11 -34.58 -14.65 20.25
N ASP C 12 -35.75 -14.89 20.85
CA ASP C 12 -36.52 -16.08 20.53
C ASP C 12 -36.93 -16.05 19.06
N VAL C 13 -37.41 -14.90 18.59
CA VAL C 13 -37.80 -14.75 17.19
C VAL C 13 -36.60 -14.99 16.28
N LEU C 14 -35.45 -14.44 16.65
CA LEU C 14 -34.22 -14.63 15.90
C LEU C 14 -33.91 -16.11 15.73
N ALA C 15 -33.95 -16.82 16.85
CA ALA C 15 -33.61 -18.24 16.85
C ALA C 15 -34.60 -19.02 16.02
N LYS C 16 -35.85 -18.57 16.02
CA LYS C 16 -36.89 -19.19 15.22
C LYS C 16 -36.51 -19.11 13.75
N GLU C 17 -36.24 -17.90 13.28
CA GLU C 17 -35.86 -17.67 11.89
C GLU C 17 -34.61 -18.46 11.47
N LEU C 18 -33.63 -18.52 12.36
CA LEU C 18 -32.38 -19.21 12.09
C LEU C 18 -32.58 -20.69 11.77
N GLU C 19 -33.69 -21.24 12.25
CA GLU C 19 -34.04 -22.63 11.98
C GLU C 19 -34.27 -22.93 10.49
N ASP C 20 -34.55 -21.92 9.69
CA ASP C 20 -34.74 -22.09 8.26
C ASP C 20 -33.41 -22.04 7.49
N VAL C 21 -32.31 -22.13 8.22
CA VAL C 21 -30.98 -21.91 7.67
C VAL C 21 -30.61 -22.86 6.53
N ASN C 22 -31.29 -24.01 6.48
CA ASN C 22 -30.99 -25.00 5.47
C ASN C 22 -31.97 -24.91 4.30
N LYS C 23 -32.83 -23.89 4.32
CA LYS C 23 -33.83 -23.75 3.27
C LYS C 23 -33.61 -22.57 2.33
N TRP C 24 -33.83 -22.80 1.04
CA TRP C 24 -33.89 -21.75 0.04
C TRP C 24 -35.05 -20.80 0.34
N GLY C 25 -34.76 -19.56 0.74
CA GLY C 25 -35.83 -18.63 1.03
C GLY C 25 -35.83 -18.19 2.48
N LEU C 26 -34.73 -18.44 3.17
CA LEU C 26 -34.52 -17.90 4.51
C LEU C 26 -34.89 -16.41 4.53
N HIS C 27 -35.49 -15.95 5.63
CA HIS C 27 -35.87 -14.54 5.74
C HIS C 27 -34.67 -13.69 6.18
N VAL C 28 -33.75 -13.48 5.26
CA VAL C 28 -32.48 -12.87 5.64
C VAL C 28 -32.61 -11.41 6.11
N PHE C 29 -33.52 -10.66 5.48
CA PHE C 29 -33.76 -9.29 5.93
C PHE C 29 -34.36 -9.24 7.35
N ARG C 30 -35.25 -10.17 7.66
CA ARG C 30 -35.81 -10.22 9.01
C ARG C 30 -34.69 -10.50 10.00
N ILE C 31 -33.83 -11.45 9.63
CA ILE C 31 -32.69 -11.80 10.46
C ILE C 31 -31.78 -10.61 10.72
N ALA C 32 -31.49 -9.85 9.67
CA ALA C 32 -30.69 -8.64 9.82
C ALA C 32 -31.32 -7.70 10.85
N GLU C 33 -32.64 -7.51 10.77
CA GLU C 33 -33.34 -6.67 11.75
C GLU C 33 -33.18 -7.17 13.19
N LEU C 34 -33.45 -8.45 13.40
CA LEU C 34 -33.50 -9.03 14.74
C LEU C 34 -32.12 -9.06 15.40
N SER C 35 -31.08 -9.24 14.59
CA SER C 35 -29.72 -9.36 15.12
C SER C 35 -29.03 -8.00 15.28
N GLY C 36 -29.75 -6.91 14.96
CA GLY C 36 -29.17 -5.59 15.12
C GLY C 36 -28.15 -5.31 14.02
N ASN C 37 -28.51 -5.74 12.81
CA ASN C 37 -27.61 -5.69 11.67
C ASN C 37 -26.37 -6.54 11.88
N ARG C 38 -26.56 -7.79 12.32
CA ARG C 38 -25.46 -8.77 12.36
C ARG C 38 -25.77 -10.08 11.65
N PRO C 39 -26.46 -10.00 10.51
CA PRO C 39 -26.90 -11.21 9.81
C PRO C 39 -25.73 -12.11 9.42
N LEU C 40 -24.64 -11.53 8.92
CA LEU C 40 -23.49 -12.29 8.44
C LEU C 40 -22.88 -13.07 9.59
N THR C 41 -22.78 -12.41 10.75
CA THR C 41 -22.26 -13.07 11.93
C THR C 41 -23.15 -14.23 12.41
N VAL C 42 -24.41 -13.96 12.69
CA VAL C 42 -25.30 -15.01 13.22
C VAL C 42 -25.53 -16.14 12.22
N ILE C 43 -25.66 -15.81 10.94
CA ILE C 43 -25.84 -16.83 9.90
C ILE C 43 -24.58 -17.68 9.69
N MET C 44 -23.41 -17.03 9.65
CA MET C 44 -22.16 -17.78 9.54
C MET C 44 -21.98 -18.69 10.76
N HIS C 45 -22.27 -18.17 11.94
CA HIS C 45 -22.02 -18.92 13.14
C HIS C 45 -22.94 -20.14 13.20
N THR C 46 -24.22 -19.93 12.89
CA THR C 46 -25.21 -20.99 12.85
C THR C 46 -24.83 -22.06 11.85
N ILE C 47 -24.29 -21.63 10.71
CA ILE C 47 -23.86 -22.57 9.68
C ILE C 47 -22.62 -23.35 10.08
N PHE C 48 -21.67 -22.69 10.73
CA PHE C 48 -20.49 -23.36 11.28
C PHE C 48 -20.87 -24.41 12.34
N GLN C 49 -21.87 -24.10 13.16
CA GLN C 49 -22.37 -25.06 14.13
C GLN C 49 -23.02 -26.24 13.38
N GLU C 50 -23.91 -25.93 12.44
CA GLU C 50 -24.64 -26.94 11.67
C GLU C 50 -23.73 -27.95 10.95
N ARG C 51 -22.65 -27.45 10.38
CA ARG C 51 -21.70 -28.30 9.66
C ARG C 51 -20.58 -28.79 10.58
N ASP C 52 -20.73 -28.51 11.88
CA ASP C 52 -19.78 -28.93 12.91
C ASP C 52 -18.34 -28.48 12.58
N LEU C 53 -18.20 -27.31 11.95
CA LEU C 53 -16.89 -26.84 11.51
C LEU C 53 -16.03 -26.33 12.66
N LEU C 54 -16.64 -25.82 13.73
CA LEU C 54 -15.84 -25.35 14.84
C LEU C 54 -15.06 -26.54 15.40
N LYS C 55 -15.77 -27.66 15.58
CA LYS C 55 -15.16 -28.87 16.09
C LYS C 55 -14.14 -29.45 15.11
N THR C 56 -14.53 -29.59 13.85
CA THR C 56 -13.67 -30.21 12.85
C THR C 56 -12.35 -29.48 12.64
N PHE C 57 -12.36 -28.15 12.77
CA PHE C 57 -11.16 -27.37 12.54
C PHE C 57 -10.65 -26.72 13.82
N LYS C 58 -11.27 -27.08 14.94
CA LYS C 58 -10.87 -26.57 16.25
C LYS C 58 -10.86 -25.05 16.26
N ILE C 59 -11.96 -24.44 15.85
CA ILE C 59 -12.01 -22.98 15.89
C ILE C 59 -12.60 -22.53 17.22
N PRO C 60 -11.80 -21.78 18.00
CA PRO C 60 -12.31 -21.23 19.27
C PRO C 60 -13.55 -20.38 18.98
N VAL C 61 -14.60 -20.47 19.81
CA VAL C 61 -15.83 -19.71 19.58
C VAL C 61 -15.59 -18.20 19.62
N ASP C 62 -14.82 -17.76 20.62
CA ASP C 62 -14.55 -16.35 20.82
C ASP C 62 -13.82 -15.79 19.62
N THR C 63 -12.94 -16.60 19.05
CA THR C 63 -12.16 -16.21 17.89
C THR C 63 -13.04 -16.12 16.65
N LEU C 64 -13.92 -17.09 16.46
CA LEU C 64 -14.83 -17.06 15.33
C LEU C 64 -15.74 -15.83 15.39
N ILE C 65 -16.32 -15.59 16.57
CA ILE C 65 -17.23 -14.46 16.73
C ILE C 65 -16.49 -13.13 16.49
N THR C 66 -15.28 -13.02 17.03
CA THR C 66 -14.50 -11.80 16.89
C THR C 66 -14.15 -11.49 15.44
N TYR C 67 -13.65 -12.48 14.71
CA TYR C 67 -13.41 -12.33 13.28
C TYR C 67 -14.69 -12.00 12.49
N LEU C 68 -15.78 -12.71 12.75
CA LEU C 68 -17.03 -12.46 12.03
C LEU C 68 -17.54 -11.02 12.25
N MET C 69 -17.47 -10.55 13.49
CA MET C 69 -17.89 -9.20 13.81
C MET C 69 -17.02 -8.20 13.03
N THR C 70 -15.72 -8.49 12.97
CA THR C 70 -14.77 -7.62 12.28
C THR C 70 -15.06 -7.61 10.79
N LEU C 71 -15.17 -8.79 10.20
CA LEU C 71 -15.50 -8.93 8.79
C LEU C 71 -16.77 -8.16 8.44
N GLU C 72 -17.83 -8.42 9.18
CA GLU C 72 -19.11 -7.76 8.94
C GLU C 72 -18.98 -6.23 9.04
N ASP C 73 -18.14 -5.75 9.95
CA ASP C 73 -17.91 -4.31 10.09
C ASP C 73 -17.16 -3.69 8.91
N HIS C 74 -16.54 -4.52 8.08
CA HIS C 74 -15.85 -4.02 6.90
C HIS C 74 -16.70 -4.10 5.65
N TYR C 75 -17.95 -4.55 5.81
CA TYR C 75 -18.95 -4.32 4.78
C TYR C 75 -19.56 -2.96 5.08
N HIS C 76 -19.90 -2.19 4.04
CA HIS C 76 -20.37 -0.82 4.24
C HIS C 76 -21.89 -0.73 4.49
N ALA C 77 -22.29 -0.12 5.60
CA ALA C 77 -23.70 0.05 5.93
C ALA C 77 -24.47 1.00 4.98
N ASP C 78 -23.75 1.87 4.29
CA ASP C 78 -24.38 2.85 3.41
C ASP C 78 -24.50 2.34 1.97
N VAL C 79 -24.03 1.13 1.70
CA VAL C 79 -24.16 0.56 0.36
C VAL C 79 -25.39 -0.34 0.29
N ALA C 80 -26.31 -0.02 -0.62
CA ALA C 80 -27.64 -0.62 -0.63
C ALA C 80 -27.64 -2.12 -0.90
N TYR C 81 -26.79 -2.55 -1.82
CA TYR C 81 -26.81 -3.94 -2.21
C TYR C 81 -25.56 -4.71 -1.73
N HIS C 82 -24.38 -4.29 -2.17
CA HIS C 82 -23.16 -5.02 -1.83
C HIS C 82 -22.73 -4.79 -0.39
N ASN C 83 -23.53 -5.31 0.54
CA ASN C 83 -23.30 -5.13 1.96
C ASN C 83 -23.27 -6.45 2.71
N ASN C 84 -23.30 -6.39 4.03
CA ASN C 84 -23.23 -7.58 4.87
C ASN C 84 -24.44 -8.52 4.70
N ILE C 85 -25.59 -7.96 4.37
CA ILE C 85 -26.80 -8.75 4.15
C ILE C 85 -26.64 -9.59 2.90
N HIS C 86 -26.14 -8.98 1.84
CA HIS C 86 -25.79 -9.71 0.61
C HIS C 86 -24.77 -10.81 0.89
N ALA C 87 -23.76 -10.52 1.70
CA ALA C 87 -22.76 -11.51 2.04
C ALA C 87 -23.39 -12.71 2.78
N ALA C 88 -24.17 -12.42 3.82
CA ALA C 88 -24.86 -13.46 4.59
C ALA C 88 -25.67 -14.34 3.64
N ASP C 89 -26.32 -13.69 2.70
CA ASP C 89 -27.18 -14.34 1.71
C ASP C 89 -26.42 -15.31 0.82
N VAL C 90 -25.31 -14.86 0.24
CA VAL C 90 -24.51 -15.73 -0.61
C VAL C 90 -23.94 -16.89 0.22
N VAL C 91 -23.54 -16.59 1.46
CA VAL C 91 -23.09 -17.61 2.39
C VAL C 91 -24.15 -18.71 2.61
N GLN C 92 -25.36 -18.30 2.95
CA GLN C 92 -26.46 -19.25 3.25
C GLN C 92 -26.92 -20.00 1.99
N SER C 93 -26.90 -19.30 0.85
CA SER C 93 -27.22 -19.90 -0.44
C SER C 93 -26.18 -20.94 -0.87
N THR C 94 -24.90 -20.64 -0.64
CA THR C 94 -23.85 -21.62 -0.92
C THR C 94 -24.01 -22.84 0.00
N HIS C 95 -24.37 -22.58 1.26
CA HIS C 95 -24.53 -23.63 2.25
C HIS C 95 -25.63 -24.59 1.82
N VAL C 96 -26.71 -24.05 1.25
CA VAL C 96 -27.79 -24.88 0.75
C VAL C 96 -27.37 -25.69 -0.48
N LEU C 97 -26.70 -25.05 -1.45
CA LEU C 97 -26.30 -25.72 -2.68
C LEU C 97 -25.29 -26.83 -2.38
N LEU C 98 -24.44 -26.59 -1.38
CA LEU C 98 -23.51 -27.63 -0.95
C LEU C 98 -24.25 -28.91 -0.51
N SER C 99 -25.48 -28.76 -0.04
CA SER C 99 -26.22 -29.90 0.52
C SER C 99 -26.97 -30.69 -0.54
N THR C 100 -26.92 -30.22 -1.78
CA THR C 100 -27.69 -30.85 -2.83
C THR C 100 -27.32 -32.34 -2.94
N PRO C 101 -28.34 -33.21 -3.05
CA PRO C 101 -28.19 -34.68 -3.04
C PRO C 101 -27.14 -35.16 -4.03
N ALA C 102 -27.19 -34.65 -5.25
CA ALA C 102 -26.24 -34.99 -6.30
C ALA C 102 -24.78 -34.75 -5.93
N LEU C 103 -24.53 -34.05 -4.83
CA LEU C 103 -23.16 -33.76 -4.39
C LEU C 103 -22.82 -34.43 -3.07
N GLU C 104 -23.76 -35.22 -2.54
CA GLU C 104 -23.54 -35.85 -1.24
C GLU C 104 -22.18 -36.53 -1.21
N ALA C 105 -21.43 -36.26 -0.14
CA ALA C 105 -20.14 -36.90 0.09
C ALA C 105 -19.04 -36.57 -0.94
N VAL C 106 -19.32 -35.67 -1.88
CA VAL C 106 -18.33 -35.33 -2.91
C VAL C 106 -17.17 -34.45 -2.41
N PHE C 107 -17.47 -33.44 -1.59
CA PHE C 107 -16.44 -32.50 -1.16
C PHE C 107 -15.91 -32.77 0.24
N THR C 108 -14.62 -32.54 0.43
CA THR C 108 -13.98 -32.66 1.75
C THR C 108 -14.43 -31.52 2.66
N ASP C 109 -14.27 -31.69 3.96
CA ASP C 109 -14.56 -30.63 4.92
C ASP C 109 -13.78 -29.34 4.60
N LEU C 110 -12.60 -29.49 3.99
CA LEU C 110 -11.75 -28.35 3.73
C LEU C 110 -12.28 -27.56 2.55
N GLU C 111 -12.71 -28.26 1.51
CA GLU C 111 -13.34 -27.60 0.36
C GLU C 111 -14.67 -26.97 0.76
N ILE C 112 -15.32 -27.56 1.75
CA ILE C 112 -16.59 -27.03 2.24
C ILE C 112 -16.35 -25.72 2.97
N LEU C 113 -15.33 -25.70 3.84
CA LEU C 113 -14.91 -24.48 4.52
C LEU C 113 -14.54 -23.37 3.51
N ALA C 114 -13.80 -23.74 2.46
CA ALA C 114 -13.33 -22.78 1.50
C ALA C 114 -14.48 -22.07 0.80
N ALA C 115 -15.49 -22.82 0.38
CA ALA C 115 -16.59 -22.26 -0.39
C ALA C 115 -17.42 -21.32 0.49
N ILE C 116 -17.51 -21.67 1.76
CA ILE C 116 -18.32 -20.91 2.68
C ILE C 116 -17.57 -19.65 3.13
N PHE C 117 -16.28 -19.80 3.42
CA PHE C 117 -15.44 -18.68 3.80
C PHE C 117 -15.28 -17.73 2.62
N ALA C 118 -15.12 -18.28 1.41
CA ALA C 118 -15.07 -17.47 0.19
C ALA C 118 -16.35 -16.63 0.04
N SER C 119 -17.49 -17.28 0.22
CA SER C 119 -18.77 -16.60 0.15
C SER C 119 -18.84 -15.42 1.11
N ALA C 120 -18.36 -15.63 2.34
CA ALA C 120 -18.49 -14.61 3.37
C ALA C 120 -17.65 -13.36 3.08
N ILE C 121 -16.49 -13.52 2.46
CA ILE C 121 -15.57 -12.39 2.23
C ILE C 121 -15.65 -11.88 0.79
N HIS C 122 -16.51 -12.47 -0.02
CA HIS C 122 -16.38 -12.29 -1.46
C HIS C 122 -16.64 -10.87 -1.97
N ASP C 123 -17.24 -10.02 -1.13
CA ASP C 123 -17.54 -8.63 -1.49
C ASP C 123 -17.13 -7.65 -0.40
N VAL C 124 -16.26 -8.07 0.50
CA VAL C 124 -15.97 -7.25 1.67
C VAL C 124 -15.32 -5.91 1.24
N ASP C 125 -15.65 -4.84 1.96
CA ASP C 125 -15.18 -3.49 1.64
C ASP C 125 -15.60 -3.03 0.24
N HIS C 126 -16.74 -3.54 -0.25
CA HIS C 126 -17.24 -3.12 -1.55
C HIS C 126 -17.67 -1.64 -1.45
N PRO C 127 -17.17 -0.78 -2.35
CA PRO C 127 -17.53 0.65 -2.25
C PRO C 127 -18.86 0.99 -2.93
N GLY C 128 -19.50 0.01 -3.56
CA GLY C 128 -20.79 0.25 -4.19
C GLY C 128 -20.70 0.91 -5.54
N VAL C 129 -19.53 0.82 -6.17
CA VAL C 129 -19.36 1.24 -7.55
C VAL C 129 -18.59 0.15 -8.26
N SER C 130 -18.71 0.12 -9.59
CA SER C 130 -18.17 -0.96 -10.39
C SER C 130 -16.65 -0.89 -10.56
N ASN C 131 -16.07 -2.00 -11.03
CA ASN C 131 -14.67 -2.04 -11.43
C ASN C 131 -14.34 -0.89 -12.41
N GLN C 132 -15.17 -0.74 -13.44
CA GLN C 132 -14.92 0.28 -14.44
C GLN C 132 -14.92 1.71 -13.87
N PHE C 133 -15.73 1.96 -12.84
CA PHE C 133 -15.74 3.28 -12.18
C PHE C 133 -14.38 3.51 -11.51
N LEU C 134 -13.88 2.49 -10.80
CA LEU C 134 -12.59 2.56 -10.14
C LEU C 134 -11.44 2.71 -11.16
N ILE C 135 -11.60 2.08 -12.32
CA ILE C 135 -10.60 2.19 -13.38
C ILE C 135 -10.61 3.59 -14.01
N ASN C 136 -11.81 4.12 -14.28
CA ASN C 136 -11.98 5.40 -14.94
C ASN C 136 -11.53 6.60 -14.11
N THR C 137 -11.59 6.50 -12.79
CA THR C 137 -11.21 7.63 -11.94
C THR C 137 -9.74 7.55 -11.56
N ASN C 138 -9.08 6.54 -12.10
CA ASN C 138 -7.68 6.23 -11.80
C ASN C 138 -7.43 5.95 -10.32
N SER C 139 -8.35 5.24 -9.67
CA SER C 139 -8.19 4.93 -8.25
C SER C 139 -6.91 4.18 -7.96
N GLU C 140 -6.42 4.34 -6.73
CA GLU C 140 -5.26 3.61 -6.25
C GLU C 140 -5.47 2.09 -6.35
N LEU C 141 -6.71 1.64 -6.16
CA LEU C 141 -7.00 0.21 -6.23
C LEU C 141 -6.76 -0.31 -7.65
N ALA C 142 -7.29 0.39 -8.63
CA ALA C 142 -7.11 0.00 -10.03
C ALA C 142 -5.63 0.10 -10.44
N LEU C 143 -4.95 1.14 -9.97
CA LEU C 143 -3.49 1.24 -10.19
C LEU C 143 -2.83 -0.02 -9.68
N MET C 144 -3.19 -0.43 -8.49
CA MET C 144 -2.54 -1.52 -7.79
C MET C 144 -2.71 -2.91 -8.42
N TYR C 145 -3.87 -3.15 -9.01
CA TYR C 145 -4.21 -4.47 -9.53
C TYR C 145 -4.27 -4.42 -11.05
N ASN C 146 -3.71 -3.37 -11.63
CA ASN C 146 -3.63 -3.28 -13.07
C ASN C 146 -4.98 -3.45 -13.75
N ASP C 147 -6.01 -2.80 -13.19
CA ASP C 147 -7.33 -2.72 -13.82
C ASP C 147 -8.00 -4.08 -14.02
N SER C 148 -7.42 -5.12 -13.42
CA SER C 148 -7.88 -6.49 -13.67
C SER C 148 -8.51 -7.05 -12.41
N SER C 149 -9.79 -7.38 -12.50
CA SER C 149 -10.56 -7.84 -11.34
C SER C 149 -10.26 -6.99 -10.12
N VAL C 150 -10.34 -5.68 -10.29
CA VAL C 150 -9.91 -4.78 -9.23
C VAL C 150 -10.60 -5.08 -7.89
N LEU C 151 -11.93 -5.00 -7.84
CA LEU C 151 -12.64 -5.23 -6.58
C LEU C 151 -12.44 -6.65 -6.02
N GLU C 152 -12.50 -7.65 -6.89
CA GLU C 152 -12.37 -9.05 -6.46
C GLU C 152 -11.02 -9.35 -5.81
N ASN C 153 -9.94 -8.82 -6.39
CA ASN C 153 -8.64 -8.88 -5.69
C ASN C 153 -8.71 -8.19 -4.34
N HIS C 154 -9.38 -7.03 -4.31
CA HIS C 154 -9.49 -6.31 -3.07
C HIS C 154 -10.26 -7.09 -2.00
N HIS C 155 -11.37 -7.74 -2.38
CA HIS C 155 -12.15 -8.50 -1.40
C HIS C 155 -11.28 -9.59 -0.74
N LEU C 156 -10.52 -10.31 -1.56
CA LEU C 156 -9.57 -11.31 -1.06
C LEU C 156 -8.59 -10.70 -0.10
N ALA C 157 -7.95 -9.60 -0.50
CA ALA C 157 -6.94 -8.99 0.35
C ALA C 157 -7.47 -8.57 1.73
N VAL C 158 -8.66 -7.99 1.77
CA VAL C 158 -9.23 -7.59 3.05
C VAL C 158 -9.69 -8.82 3.85
N GLY C 159 -10.39 -9.74 3.18
CA GLY C 159 -10.86 -10.95 3.82
C GLY C 159 -9.75 -11.69 4.56
N PHE C 160 -8.61 -11.90 3.88
CA PHE C 160 -7.47 -12.56 4.49
C PHE C 160 -6.78 -11.70 5.54
N LYS C 161 -6.59 -10.42 5.22
CA LYS C 161 -5.88 -9.51 6.11
C LYS C 161 -6.58 -9.39 7.46
N LEU C 162 -7.90 -9.39 7.45
CA LEU C 162 -8.61 -9.24 8.71
C LEU C 162 -8.36 -10.43 9.67
N LEU C 163 -7.89 -11.55 9.15
CA LEU C 163 -7.52 -12.71 10.00
C LEU C 163 -6.45 -12.35 11.03
N GLN C 164 -5.69 -11.30 10.75
CA GLN C 164 -4.55 -10.91 11.57
C GLN C 164 -4.88 -9.94 12.72
N GLU C 165 -6.08 -9.38 12.75
CA GLU C 165 -6.44 -8.54 13.90
C GLU C 165 -6.51 -9.38 15.18
N GLU C 166 -6.58 -8.74 16.33
CA GLU C 166 -6.45 -9.44 17.61
C GLU C 166 -7.53 -10.49 17.79
N ASN C 167 -7.09 -11.72 18.06
CA ASN C 167 -7.99 -12.84 18.30
C ASN C 167 -8.94 -13.07 17.12
N CYS C 168 -8.43 -12.89 15.91
CA CYS C 168 -9.24 -13.06 14.72
C CYS C 168 -8.83 -14.23 13.85
N ASP C 169 -7.75 -14.93 14.21
CA ASP C 169 -7.30 -15.99 13.28
C ASP C 169 -8.09 -17.29 13.44
N ILE C 170 -9.16 -17.43 12.66
CA ILE C 170 -10.06 -18.57 12.82
C ILE C 170 -9.46 -19.86 12.27
N PHE C 171 -8.35 -19.75 11.55
CA PHE C 171 -7.65 -20.90 11.00
C PHE C 171 -6.36 -21.19 11.77
N GLN C 172 -6.26 -20.63 12.98
CA GLN C 172 -5.03 -20.75 13.77
C GLN C 172 -4.63 -22.20 14.00
N ASN C 173 -5.61 -23.10 14.01
CA ASN C 173 -5.35 -24.50 14.31
C ASN C 173 -5.41 -25.40 13.09
N LEU C 174 -5.41 -24.81 11.90
CA LEU C 174 -5.22 -25.59 10.70
C LEU C 174 -3.72 -25.82 10.57
N THR C 175 -3.34 -26.92 9.95
CA THR C 175 -1.94 -27.20 9.70
C THR C 175 -1.51 -26.34 8.53
N LYS C 176 -0.20 -26.18 8.35
CA LYS C 176 0.27 -25.44 7.21
C LYS C 176 -0.36 -25.94 5.90
N LYS C 177 -0.44 -27.25 5.73
CA LYS C 177 -0.89 -27.75 4.43
C LYS C 177 -2.36 -27.48 4.17
N GLN C 178 -3.16 -27.51 5.24
CA GLN C 178 -4.56 -27.14 5.17
C GLN C 178 -4.68 -25.65 4.83
N ARG C 179 -4.04 -24.81 5.65
CA ARG C 179 -4.00 -23.36 5.39
C ARG C 179 -3.72 -23.08 3.94
N GLN C 180 -2.60 -23.59 3.45
CA GLN C 180 -2.20 -23.33 2.07
C GLN C 180 -3.25 -23.74 1.04
N SER C 181 -3.88 -24.89 1.26
CA SER C 181 -4.87 -25.40 0.31
C SER C 181 -6.16 -24.57 0.34
N LEU C 182 -6.59 -24.20 1.54
CA LEU C 182 -7.76 -23.35 1.72
C LEU C 182 -7.51 -22.03 0.97
N ARG C 183 -6.34 -21.45 1.18
CA ARG C 183 -5.98 -20.19 0.53
C ARG C 183 -6.15 -20.24 -0.97
N LYS C 184 -5.58 -21.25 -1.62
CA LYS C 184 -5.70 -21.33 -3.08
C LYS C 184 -7.14 -21.49 -3.54
N MET C 185 -7.91 -22.31 -2.84
CA MET C 185 -9.29 -22.54 -3.22
C MET C 185 -10.14 -21.26 -3.08
N VAL C 186 -9.92 -20.51 -2.00
CA VAL C 186 -10.69 -19.28 -1.76
C VAL C 186 -10.34 -18.24 -2.83
N ILE C 187 -9.05 -18.06 -3.09
CA ILE C 187 -8.62 -17.20 -4.18
C ILE C 187 -9.33 -17.60 -5.47
N ASP C 188 -9.30 -18.90 -5.77
CA ASP C 188 -9.85 -19.37 -7.03
C ASP C 188 -11.35 -19.12 -7.09
N ILE C 189 -12.02 -19.25 -5.95
CA ILE C 189 -13.47 -19.02 -5.93
C ILE C 189 -13.83 -17.54 -6.01
N VAL C 190 -13.27 -16.70 -5.14
CA VAL C 190 -13.61 -15.28 -5.16
C VAL C 190 -13.33 -14.62 -6.51
N LEU C 191 -12.21 -14.95 -7.16
CA LEU C 191 -11.88 -14.37 -8.47
C LEU C 191 -12.88 -14.76 -9.54
N ALA C 192 -13.57 -15.86 -9.29
CA ALA C 192 -14.59 -16.31 -10.25
C ALA C 192 -15.88 -15.51 -10.15
N THR C 193 -16.03 -14.68 -9.10
CA THR C 193 -17.24 -13.88 -8.96
C THR C 193 -17.25 -12.63 -9.84
N ASP C 194 -16.12 -12.36 -10.50
CA ASP C 194 -16.00 -11.20 -11.38
C ASP C 194 -16.78 -11.51 -12.62
N MET C 195 -17.82 -10.73 -12.88
CA MET C 195 -18.73 -11.02 -13.98
C MET C 195 -18.03 -11.11 -15.34
N SER C 196 -16.87 -10.49 -15.48
CA SER C 196 -16.15 -10.59 -16.74
C SER C 196 -15.71 -12.03 -17.02
N LYS C 197 -15.77 -12.89 -15.99
CA LYS C 197 -15.36 -14.28 -16.17
C LYS C 197 -16.56 -15.18 -16.38
N HIS C 198 -17.74 -14.60 -16.51
CA HIS C 198 -18.98 -15.36 -16.48
C HIS C 198 -19.14 -16.31 -17.66
N MET C 199 -19.03 -15.77 -18.87
CA MET C 199 -19.19 -16.59 -20.08
C MET C 199 -18.28 -17.81 -20.04
N ASN C 200 -17.06 -17.60 -19.57
CA ASN C 200 -16.07 -18.69 -19.48
C ASN C 200 -16.40 -19.75 -18.43
N LEU C 201 -16.80 -19.32 -17.24
CA LEU C 201 -17.27 -20.26 -16.23
C LEU C 201 -18.42 -21.09 -16.78
N LEU C 202 -19.41 -20.41 -17.37
CA LEU C 202 -20.59 -21.06 -17.93
C LEU C 202 -20.23 -22.07 -19.01
N ALA C 203 -19.42 -21.62 -19.97
CA ALA C 203 -18.97 -22.50 -21.04
C ALA C 203 -18.30 -23.73 -20.45
N ASP C 204 -17.51 -23.52 -19.41
CA ASP C 204 -16.86 -24.63 -18.73
C ASP C 204 -17.85 -25.53 -18.00
N LEU C 205 -18.91 -24.95 -17.48
CA LEU C 205 -19.90 -25.72 -16.74
C LEU C 205 -20.69 -26.61 -17.71
N LYS C 206 -21.04 -26.05 -18.86
CA LYS C 206 -21.75 -26.81 -19.90
C LYS C 206 -20.91 -28.01 -20.37
N THR C 207 -19.63 -27.76 -20.64
CA THR C 207 -18.70 -28.81 -21.04
C THR C 207 -18.61 -29.93 -20.00
N MET C 208 -18.61 -29.54 -18.73
CA MET C 208 -18.57 -30.50 -17.64
C MET C 208 -19.87 -31.29 -17.59
N VAL C 209 -20.97 -30.62 -17.90
CA VAL C 209 -22.27 -31.28 -17.95
C VAL C 209 -22.32 -32.25 -19.14
N GLU C 210 -21.59 -31.91 -20.20
CA GLU C 210 -21.53 -32.75 -21.39
C GLU C 210 -20.89 -34.09 -21.07
N THR C 211 -19.75 -34.05 -20.39
CA THR C 211 -18.97 -35.24 -20.08
C THR C 211 -19.25 -35.71 -18.65
N LYS C 212 -20.47 -35.46 -18.20
CA LYS C 212 -20.86 -35.75 -16.82
C LYS C 212 -20.74 -37.24 -16.49
N LYS C 213 -20.06 -37.54 -15.39
CA LYS C 213 -20.01 -38.91 -14.90
C LYS C 213 -20.65 -39.03 -13.52
N VAL C 214 -21.50 -40.03 -13.36
CA VAL C 214 -22.18 -40.26 -12.09
C VAL C 214 -21.77 -41.60 -11.48
N THR C 215 -20.90 -41.54 -10.48
CA THR C 215 -20.40 -42.75 -9.81
C THR C 215 -21.53 -43.70 -9.43
N SER C 216 -21.18 -44.96 -9.15
CA SER C 216 -22.14 -45.99 -8.79
C SER C 216 -23.11 -45.54 -7.70
N SER C 217 -22.71 -44.50 -6.97
CA SER C 217 -23.50 -43.97 -5.87
C SER C 217 -24.72 -43.19 -6.38
N GLY C 218 -24.54 -42.47 -7.48
CA GLY C 218 -25.62 -41.66 -8.02
C GLY C 218 -25.34 -40.17 -7.84
N VAL C 219 -24.09 -39.86 -7.49
CA VAL C 219 -23.64 -38.48 -7.38
C VAL C 219 -22.52 -38.20 -8.39
N LEU C 220 -22.19 -36.93 -8.57
CA LEU C 220 -21.18 -36.55 -9.55
C LEU C 220 -19.85 -37.21 -9.29
N LEU C 221 -19.09 -37.45 -10.35
CA LEU C 221 -17.71 -37.90 -10.24
C LEU C 221 -16.80 -36.73 -10.57
N LEU C 222 -15.94 -36.37 -9.62
CA LEU C 222 -15.01 -35.27 -9.82
C LEU C 222 -13.62 -35.71 -9.37
N ASP C 223 -12.76 -36.03 -10.32
CA ASP C 223 -11.49 -36.69 -10.03
C ASP C 223 -10.26 -35.86 -10.37
N ASN C 224 -10.38 -34.55 -10.26
CA ASN C 224 -9.27 -33.64 -10.53
C ASN C 224 -9.60 -32.24 -10.03
N TYR C 225 -8.64 -31.62 -9.35
CA TYR C 225 -8.83 -30.27 -8.81
C TYR C 225 -9.55 -29.35 -9.81
N SER C 226 -9.15 -29.37 -11.07
CA SER C 226 -9.79 -28.51 -12.05
C SER C 226 -11.31 -28.66 -12.07
N ASP C 227 -11.79 -29.89 -12.14
CA ASP C 227 -13.23 -30.16 -12.16
C ASP C 227 -13.89 -29.79 -10.84
N ARG C 228 -13.26 -30.14 -9.74
CA ARG C 228 -13.83 -29.90 -8.42
C ARG C 228 -13.94 -28.41 -8.09
N ILE C 229 -12.92 -27.63 -8.43
CA ILE C 229 -12.94 -26.19 -8.16
C ILE C 229 -13.87 -25.49 -9.15
N GLN C 230 -13.86 -25.96 -10.39
CA GLN C 230 -14.77 -25.46 -11.41
C GLN C 230 -16.21 -25.50 -10.90
N VAL C 231 -16.56 -26.59 -10.22
CA VAL C 231 -17.90 -26.75 -9.64
C VAL C 231 -18.13 -25.83 -8.43
N LEU C 232 -17.12 -25.69 -7.58
CA LEU C 232 -17.22 -24.77 -6.44
C LEU C 232 -17.30 -23.33 -6.93
N GLN C 233 -16.56 -23.02 -7.99
CA GLN C 233 -16.59 -21.68 -8.56
C GLN C 233 -17.97 -21.32 -9.09
N ASN C 234 -18.54 -22.22 -9.89
CA ASN C 234 -19.88 -22.04 -10.45
C ASN C 234 -20.96 -22.05 -9.38
N MET C 235 -20.75 -22.87 -8.36
CA MET C 235 -21.68 -22.94 -7.24
C MET C 235 -21.79 -21.58 -6.57
N VAL C 236 -20.66 -21.00 -6.17
CA VAL C 236 -20.67 -19.70 -5.48
C VAL C 236 -21.12 -18.59 -6.45
N HIS C 237 -20.77 -18.75 -7.72
CA HIS C 237 -21.22 -17.84 -8.75
C HIS C 237 -22.75 -17.88 -8.83
N CYS C 238 -23.33 -19.07 -8.70
CA CYS C 238 -24.79 -19.22 -8.64
C CYS C 238 -25.36 -18.59 -7.37
N ALA C 239 -24.73 -18.87 -6.24
CA ALA C 239 -25.17 -18.24 -5.00
C ALA C 239 -25.19 -16.71 -5.16
N ASP C 240 -24.19 -16.19 -5.86
CA ASP C 240 -24.03 -14.74 -6.07
C ASP C 240 -25.11 -14.21 -7.01
N LEU C 241 -25.50 -15.04 -7.98
CA LEU C 241 -26.53 -14.67 -8.92
C LEU C 241 -27.86 -15.39 -8.60
N SER C 242 -28.16 -15.54 -7.32
CA SER C 242 -29.31 -16.32 -6.90
C SER C 242 -30.58 -15.51 -6.60
N ASN C 243 -30.45 -14.19 -6.53
N ASN C 243 -30.47 -14.19 -6.51
CA ASN C 243 -31.56 -13.28 -6.22
CA ASN C 243 -31.60 -13.33 -6.16
C ASN C 243 -32.88 -13.67 -6.88
C ASN C 243 -32.92 -13.62 -6.89
N PRO C 244 -32.90 -13.68 -8.24
CA PRO C 244 -34.14 -13.89 -8.97
C PRO C 244 -34.73 -15.29 -8.79
N THR C 245 -33.98 -16.22 -8.18
CA THR C 245 -34.48 -17.58 -7.96
C THR C 245 -35.13 -17.72 -6.57
N LYS C 246 -35.21 -16.62 -5.84
CA LYS C 246 -35.73 -16.65 -4.48
C LYS C 246 -37.21 -16.24 -4.40
N PRO C 247 -37.92 -16.71 -3.36
CA PRO C 247 -39.27 -16.21 -3.09
C PRO C 247 -39.36 -14.69 -3.32
N LEU C 248 -40.42 -14.27 -3.99
CA LEU C 248 -40.57 -12.90 -4.50
C LEU C 248 -40.40 -11.77 -3.48
N GLN C 249 -40.85 -11.94 -2.24
CA GLN C 249 -40.68 -10.86 -1.27
C GLN C 249 -39.18 -10.58 -1.06
N LEU C 250 -38.35 -11.61 -1.23
CA LEU C 250 -36.91 -11.42 -1.12
C LEU C 250 -36.36 -10.77 -2.39
N TYR C 251 -36.62 -11.39 -3.53
CA TYR C 251 -36.18 -10.85 -4.81
C TYR C 251 -36.44 -9.34 -4.92
N ARG C 252 -37.66 -8.90 -4.59
CA ARG C 252 -38.03 -7.49 -4.77
C ARG C 252 -37.21 -6.54 -3.88
N GLN C 253 -36.72 -7.05 -2.75
CA GLN C 253 -35.88 -6.21 -1.90
C GLN C 253 -34.50 -6.07 -2.53
N TRP C 254 -33.97 -7.17 -3.06
CA TRP C 254 -32.68 -7.15 -3.72
C TRP C 254 -32.72 -6.22 -4.93
N THR C 255 -33.79 -6.29 -5.70
CA THR C 255 -33.90 -5.48 -6.90
C THR C 255 -33.95 -4.00 -6.53
N ASP C 256 -34.85 -3.62 -5.64
CA ASP C 256 -34.83 -2.26 -5.11
C ASP C 256 -33.41 -1.86 -4.71
N ARG C 257 -32.70 -2.76 -4.03
CA ARG C 257 -31.42 -2.42 -3.44
C ARG C 257 -30.32 -2.25 -4.52
N ILE C 258 -30.22 -3.20 -5.44
CA ILE C 258 -29.27 -3.11 -6.53
C ILE C 258 -29.56 -1.89 -7.42
N MET C 259 -30.83 -1.57 -7.60
CA MET C 259 -31.19 -0.39 -8.40
C MET C 259 -30.80 0.91 -7.71
N GLU C 260 -31.01 0.98 -6.39
N GLU C 260 -31.02 0.98 -6.40
CA GLU C 260 -30.61 2.17 -5.66
CA GLU C 260 -30.62 2.16 -5.65
C GLU C 260 -29.11 2.35 -5.77
C GLU C 260 -29.11 2.35 -5.73
N GLU C 261 -28.38 1.24 -5.74
CA GLU C 261 -26.94 1.30 -5.84
C GLU C 261 -26.49 1.76 -7.23
N PHE C 262 -27.08 1.19 -8.27
CA PHE C 262 -26.77 1.61 -9.64
C PHE C 262 -27.11 3.09 -9.88
N PHE C 263 -28.27 3.53 -9.41
CA PHE C 263 -28.63 4.93 -9.60
C PHE C 263 -27.65 5.85 -8.88
N ARG C 264 -27.14 5.43 -7.72
CA ARG C 264 -26.19 6.26 -6.99
C ARG C 264 -24.86 6.34 -7.75
N GLN C 265 -24.47 5.27 -8.43
CA GLN C 265 -23.26 5.32 -9.25
C GLN C 265 -23.44 6.30 -10.41
N GLY C 266 -24.63 6.29 -11.00
CA GLY C 266 -24.98 7.20 -12.08
C GLY C 266 -24.82 8.65 -11.68
N ASP C 267 -25.29 9.00 -10.49
CA ASP C 267 -25.12 10.35 -9.95
C ASP C 267 -23.66 10.71 -9.73
N ARG C 268 -22.89 9.79 -9.18
CA ARG C 268 -21.47 10.03 -8.98
C ARG C 268 -20.79 10.27 -10.33
N GLU C 269 -21.20 9.51 -11.34
CA GLU C 269 -20.56 9.60 -12.65
C GLU C 269 -20.65 11.01 -13.25
N ARG C 270 -21.87 11.53 -13.37
CA ARG C 270 -22.07 12.95 -13.68
C ARG C 270 -21.16 13.86 -12.83
N GLU C 271 -21.39 13.85 -11.52
CA GLU C 271 -20.63 14.65 -10.57
C GLU C 271 -19.16 14.78 -10.93
N ARG C 272 -18.54 13.68 -11.34
CA ARG C 272 -17.11 13.67 -11.60
C ARG C 272 -16.78 14.00 -13.06
N GLY C 273 -17.81 14.39 -13.81
CA GLY C 273 -17.69 14.58 -15.26
C GLY C 273 -17.42 13.27 -15.97
N MET C 274 -18.47 12.46 -16.16
CA MET C 274 -18.30 11.12 -16.75
C MET C 274 -19.43 10.60 -17.63
N GLU C 275 -19.02 9.70 -18.52
CA GLU C 275 -19.90 8.79 -19.24
C GLU C 275 -20.85 8.07 -18.27
N ILE C 276 -22.15 8.14 -18.54
CA ILE C 276 -23.16 7.54 -17.64
C ILE C 276 -23.34 6.02 -17.89
N SER C 277 -23.23 5.22 -16.84
CA SER C 277 -23.25 3.75 -16.93
C SER C 277 -24.65 3.17 -17.18
N PRO C 278 -24.71 2.06 -17.95
CA PRO C 278 -25.95 1.36 -18.30
C PRO C 278 -26.75 0.94 -17.05
N MET C 279 -28.05 1.22 -17.06
CA MET C 279 -28.92 0.92 -15.92
C MET C 279 -28.54 1.74 -14.68
N CYS C 280 -27.72 2.77 -14.88
CA CYS C 280 -27.32 3.64 -13.78
C CYS C 280 -28.00 5.02 -13.84
N ASP C 281 -28.77 5.26 -14.89
CA ASP C 281 -29.48 6.54 -14.99
C ASP C 281 -30.92 6.47 -14.47
N LYS C 282 -31.15 7.15 -13.34
CA LYS C 282 -32.46 7.11 -12.68
C LYS C 282 -33.55 7.84 -13.45
N HIS C 283 -33.16 8.59 -14.47
CA HIS C 283 -34.13 9.33 -15.28
C HIS C 283 -34.45 8.57 -16.56
N ASN C 284 -33.59 7.61 -16.91
CA ASN C 284 -33.78 6.81 -18.10
C ASN C 284 -33.45 5.34 -17.90
N ALA C 285 -34.25 4.67 -17.06
CA ALA C 285 -34.12 3.24 -16.85
C ALA C 285 -35.48 2.58 -16.69
N SER C 286 -35.53 1.28 -16.94
CA SER C 286 -36.75 0.51 -16.71
C SER C 286 -36.40 -0.70 -15.85
N VAL C 287 -36.62 -0.57 -14.55
CA VAL C 287 -36.24 -1.62 -13.62
C VAL C 287 -36.79 -2.97 -14.04
N GLU C 288 -38.09 -3.01 -14.36
CA GLU C 288 -38.76 -4.26 -14.70
C GLU C 288 -38.20 -4.86 -15.99
N LYS C 289 -37.97 -3.99 -16.97
CA LYS C 289 -37.43 -4.42 -18.25
C LYS C 289 -36.04 -5.03 -18.10
N SER C 290 -35.20 -4.42 -17.27
CA SER C 290 -33.83 -4.90 -17.11
C SER C 290 -33.73 -6.24 -16.37
N GLN C 291 -34.57 -6.43 -15.36
CA GLN C 291 -34.59 -7.70 -14.63
C GLN C 291 -34.94 -8.86 -15.55
N VAL C 292 -35.83 -8.62 -16.50
CA VAL C 292 -36.15 -9.65 -17.50
C VAL C 292 -34.96 -9.92 -18.41
N GLY C 293 -34.34 -8.87 -18.93
CA GLY C 293 -33.16 -9.05 -19.75
C GLY C 293 -32.09 -9.81 -18.98
N PHE C 294 -31.88 -9.40 -17.73
CA PHE C 294 -30.86 -10.01 -16.88
C PHE C 294 -31.10 -11.51 -16.68
N ILE C 295 -32.33 -11.86 -16.33
CA ILE C 295 -32.70 -13.28 -16.20
C ILE C 295 -32.47 -14.05 -17.51
N ASP C 296 -33.00 -13.51 -18.61
CA ASP C 296 -32.93 -14.20 -19.90
C ASP C 296 -31.52 -14.48 -20.41
N TYR C 297 -30.64 -13.49 -20.33
CA TYR C 297 -29.32 -13.63 -20.94
C TYR C 297 -28.24 -14.10 -19.96
N ILE C 298 -28.49 -13.95 -18.67
CA ILE C 298 -27.46 -14.33 -17.73
C ILE C 298 -27.93 -15.31 -16.66
N VAL C 299 -28.92 -14.94 -15.85
CA VAL C 299 -29.32 -15.78 -14.74
C VAL C 299 -29.91 -17.14 -15.16
N HIS C 300 -30.83 -17.15 -16.13
CA HIS C 300 -31.45 -18.41 -16.55
C HIS C 300 -30.49 -19.43 -17.18
N PRO C 301 -29.68 -19.00 -18.17
CA PRO C 301 -28.70 -19.92 -18.74
C PRO C 301 -27.78 -20.53 -17.69
N LEU C 302 -27.38 -19.74 -16.69
CA LEU C 302 -26.47 -20.26 -15.67
C LEU C 302 -27.18 -21.34 -14.86
N TRP C 303 -28.36 -20.99 -14.36
CA TRP C 303 -29.12 -21.85 -13.47
C TRP C 303 -29.68 -23.09 -14.16
N GLU C 304 -29.97 -22.96 -15.45
CA GLU C 304 -30.43 -24.10 -16.24
C GLU C 304 -29.28 -25.09 -16.36
N THR C 305 -28.07 -24.56 -16.59
CA THR C 305 -26.90 -25.41 -16.74
C THR C 305 -26.53 -26.04 -15.40
N TRP C 306 -26.67 -25.27 -14.32
CA TRP C 306 -26.47 -25.84 -12.98
C TRP C 306 -27.48 -26.96 -12.73
N ALA C 307 -28.75 -26.70 -13.06
CA ALA C 307 -29.81 -27.67 -12.84
C ALA C 307 -29.53 -28.99 -13.57
N ASP C 308 -29.11 -28.88 -14.83
CA ASP C 308 -28.75 -30.06 -15.60
C ASP C 308 -27.59 -30.82 -14.95
N LEU C 309 -26.73 -30.09 -14.27
CA LEU C 309 -25.60 -30.72 -13.59
C LEU C 309 -26.05 -31.55 -12.39
N VAL C 310 -26.99 -31.04 -11.60
CA VAL C 310 -27.43 -31.74 -10.40
C VAL C 310 -28.85 -32.28 -10.55
N HIS C 311 -29.26 -32.52 -11.80
CA HIS C 311 -30.64 -32.92 -12.10
C HIS C 311 -31.05 -34.13 -11.27
N PRO C 312 -32.22 -34.05 -10.62
CA PRO C 312 -33.19 -32.96 -10.75
C PRO C 312 -33.24 -32.09 -9.50
N ASP C 313 -32.15 -32.01 -8.76
CA ASP C 313 -32.15 -31.34 -7.46
C ASP C 313 -32.60 -29.88 -7.52
N ALA C 314 -32.38 -29.22 -8.65
CA ALA C 314 -32.62 -27.79 -8.73
C ALA C 314 -33.92 -27.40 -9.44
N GLN C 315 -34.81 -28.36 -9.63
CA GLN C 315 -36.01 -28.11 -10.42
C GLN C 315 -36.93 -27.03 -9.84
N ASP C 316 -37.13 -27.03 -8.52
CA ASP C 316 -37.96 -26.00 -7.89
C ASP C 316 -37.30 -24.61 -7.92
N ILE C 317 -35.98 -24.57 -7.78
CA ILE C 317 -35.24 -23.32 -7.88
C ILE C 317 -35.47 -22.75 -9.28
N LEU C 318 -35.15 -23.55 -10.28
CA LEU C 318 -35.37 -23.15 -11.67
C LEU C 318 -36.83 -22.77 -11.88
N ASP C 319 -37.75 -23.51 -11.26
CA ASP C 319 -39.17 -23.23 -11.40
C ASP C 319 -39.51 -21.87 -10.78
N THR C 320 -38.95 -21.58 -9.61
CA THR C 320 -39.21 -20.31 -8.96
C THR C 320 -38.70 -19.15 -9.81
N LEU C 321 -37.57 -19.38 -10.49
CA LEU C 321 -36.98 -18.38 -11.36
C LEU C 321 -37.92 -17.99 -12.50
N GLU C 322 -38.35 -18.98 -13.27
CA GLU C 322 -39.22 -18.72 -14.41
C GLU C 322 -40.50 -18.02 -13.94
N ASP C 323 -41.03 -18.42 -12.79
CA ASP C 323 -42.19 -17.73 -12.23
C ASP C 323 -41.90 -16.27 -11.90
N ASN C 324 -40.71 -15.99 -11.36
CA ASN C 324 -40.33 -14.63 -11.03
C ASN C 324 -40.08 -13.83 -12.31
N ARG C 325 -39.52 -14.50 -13.30
CA ARG C 325 -39.28 -13.86 -14.58
C ARG C 325 -40.61 -13.38 -15.16
N GLU C 326 -41.64 -14.21 -15.02
CA GLU C 326 -42.95 -13.86 -15.56
C GLU C 326 -43.58 -12.74 -14.77
N TRP C 327 -43.49 -12.84 -13.45
CA TRP C 327 -44.03 -11.78 -12.60
C TRP C 327 -43.49 -10.39 -12.96
N TYR C 328 -42.18 -10.29 -13.22
CA TYR C 328 -41.61 -9.00 -13.60
C TYR C 328 -42.07 -8.58 -14.98
N GLN C 329 -42.16 -9.55 -15.89
CA GLN C 329 -42.68 -9.29 -17.22
C GLN C 329 -44.05 -8.60 -17.13
N SER C 330 -44.86 -9.07 -16.19
CA SER C 330 -46.23 -8.57 -16.02
C SER C 330 -46.29 -7.08 -15.71
N THR C 331 -45.19 -6.52 -15.20
CA THR C 331 -45.22 -5.15 -14.69
C THR C 331 -44.92 -4.11 -15.77
N ILE C 332 -45.43 -4.31 -16.98
CA ILE C 332 -45.26 -3.34 -18.06
C ILE C 332 -46.20 -3.59 -19.24
N GLN D 10 33.88 9.23 -23.24
CA GLN D 10 33.63 10.43 -24.00
C GLN D 10 32.22 10.46 -24.57
N GLU D 11 31.57 11.62 -24.46
CA GLU D 11 30.22 11.78 -24.97
C GLU D 11 30.16 11.41 -26.44
N ASP D 12 31.16 11.82 -27.21
CA ASP D 12 31.13 11.61 -28.65
C ASP D 12 31.25 10.14 -29.03
N VAL D 13 31.97 9.36 -28.21
CA VAL D 13 32.01 7.93 -28.42
C VAL D 13 30.64 7.29 -28.18
N LEU D 14 29.98 7.73 -27.10
CA LEU D 14 28.64 7.29 -26.77
C LEU D 14 27.71 7.57 -27.94
N ALA D 15 27.73 8.83 -28.39
CA ALA D 15 26.82 9.26 -29.45
C ALA D 15 27.13 8.51 -30.73
N LYS D 16 28.37 8.03 -30.84
CA LYS D 16 28.72 7.22 -31.98
C LYS D 16 27.97 5.91 -31.92
N GLU D 17 28.18 5.17 -30.83
CA GLU D 17 27.55 3.86 -30.65
C GLU D 17 26.03 3.95 -30.85
N LEU D 18 25.44 5.05 -30.41
CA LEU D 18 23.99 5.17 -30.46
C LEU D 18 23.45 5.29 -31.87
N GLU D 19 24.33 5.37 -32.85
CA GLU D 19 23.90 5.40 -34.23
C GLU D 19 23.50 4.00 -34.69
N ASP D 20 23.88 2.97 -33.93
CA ASP D 20 23.49 1.61 -34.28
C ASP D 20 22.13 1.26 -33.68
N VAL D 21 21.46 2.26 -33.12
CA VAL D 21 20.19 2.04 -32.42
C VAL D 21 19.12 1.34 -33.27
N ASN D 22 19.22 1.43 -34.59
CA ASN D 22 18.25 0.78 -35.47
C ASN D 22 18.72 -0.61 -35.92
N LYS D 23 19.86 -1.04 -35.40
CA LYS D 23 20.46 -2.31 -35.82
C LYS D 23 20.36 -3.41 -34.78
N TRP D 24 20.04 -4.63 -35.24
CA TRP D 24 20.06 -5.81 -34.38
C TRP D 24 21.50 -6.06 -33.98
N GLY D 25 21.79 -6.18 -32.69
CA GLY D 25 23.15 -6.40 -32.26
C GLY D 25 23.87 -5.16 -31.80
N LEU D 26 23.11 -4.13 -31.46
CA LEU D 26 23.66 -2.93 -30.83
C LEU D 26 24.55 -3.40 -29.69
N HIS D 27 25.72 -2.78 -29.50
N HIS D 27 25.68 -2.72 -29.49
CA HIS D 27 26.51 -3.19 -28.34
CA HIS D 27 26.57 -3.00 -28.37
C HIS D 27 26.02 -2.45 -27.10
C HIS D 27 26.00 -2.39 -27.09
N VAL D 28 25.00 -3.03 -26.50
CA VAL D 28 24.33 -2.41 -25.35
C VAL D 28 25.23 -2.32 -24.12
N PHE D 29 26.14 -3.28 -23.95
CA PHE D 29 27.07 -3.22 -22.81
C PHE D 29 28.07 -2.08 -22.94
N ARG D 30 28.57 -1.85 -24.14
CA ARG D 30 29.44 -0.70 -24.34
C ARG D 30 28.68 0.59 -24.06
N ILE D 31 27.43 0.67 -24.51
CA ILE D 31 26.61 1.85 -24.23
C ILE D 31 26.38 2.04 -22.73
N ALA D 32 26.12 0.93 -22.02
CA ALA D 32 25.98 1.00 -20.55
C ALA D 32 27.24 1.57 -19.89
N GLU D 33 28.41 1.02 -20.23
CA GLU D 33 29.68 1.57 -19.73
C GLU D 33 29.86 3.05 -20.11
N LEU D 34 29.68 3.38 -21.38
CA LEU D 34 29.91 4.75 -21.84
C LEU D 34 28.97 5.79 -21.24
N SER D 35 27.75 5.38 -20.88
CA SER D 35 26.74 6.33 -20.36
C SER D 35 26.74 6.47 -18.83
N GLY D 36 27.65 5.81 -18.16
CA GLY D 36 27.68 5.80 -16.70
C GLY D 36 26.53 5.01 -16.09
N ASN D 37 26.28 3.84 -16.66
CA ASN D 37 25.16 2.97 -16.30
C ASN D 37 23.78 3.61 -16.55
N ARG D 38 23.64 4.30 -17.67
CA ARG D 38 22.34 4.83 -18.08
C ARG D 38 21.89 4.33 -19.45
N PRO D 39 22.09 3.04 -19.73
CA PRO D 39 21.75 2.56 -21.07
C PRO D 39 20.25 2.69 -21.34
N LEU D 40 19.43 2.52 -20.31
CA LEU D 40 17.99 2.58 -20.51
C LEU D 40 17.59 4.02 -20.83
N THR D 41 18.10 4.97 -20.07
CA THR D 41 17.80 6.39 -20.34
C THR D 41 18.28 6.86 -21.71
N VAL D 42 19.54 6.60 -22.07
CA VAL D 42 20.05 7.13 -23.35
C VAL D 42 19.43 6.43 -24.56
N ILE D 43 19.20 5.12 -24.46
CA ILE D 43 18.56 4.41 -25.56
C ILE D 43 17.07 4.79 -25.73
N MET D 44 16.31 4.87 -24.63
CA MET D 44 14.94 5.43 -24.71
C MET D 44 14.93 6.85 -25.29
N HIS D 45 15.82 7.72 -24.82
CA HIS D 45 15.80 9.11 -25.29
C HIS D 45 16.05 9.15 -26.82
N THR D 46 17.08 8.43 -27.25
CA THR D 46 17.42 8.34 -28.67
C THR D 46 16.22 7.84 -29.48
N ILE D 47 15.59 6.77 -29.01
CA ILE D 47 14.43 6.22 -29.71
C ILE D 47 13.23 7.18 -29.75
N PHE D 48 12.95 7.85 -28.64
CA PHE D 48 11.89 8.86 -28.66
C PHE D 48 12.20 10.00 -29.66
N GLN D 49 13.44 10.48 -29.67
CA GLN D 49 13.81 11.54 -30.63
C GLN D 49 13.72 11.02 -32.08
N GLU D 50 14.33 9.87 -32.32
CA GLU D 50 14.28 9.21 -33.63
C GLU D 50 12.86 9.03 -34.20
N ARG D 51 11.92 8.60 -33.35
CA ARG D 51 10.53 8.41 -33.79
C ARG D 51 9.68 9.67 -33.62
N ASP D 52 10.31 10.78 -33.22
CA ASP D 52 9.60 12.04 -33.05
C ASP D 52 8.43 11.98 -32.04
N LEU D 53 8.52 11.10 -31.05
CA LEU D 53 7.46 10.93 -30.07
C LEU D 53 7.32 12.07 -29.09
N LEU D 54 8.38 12.83 -28.86
CA LEU D 54 8.24 13.96 -27.92
C LEU D 54 7.31 15.02 -28.52
N LYS D 55 7.48 15.27 -29.81
CA LYS D 55 6.62 16.24 -30.49
C LYS D 55 5.21 15.70 -30.63
N THR D 56 5.11 14.44 -31.05
CA THR D 56 3.82 13.86 -31.34
C THR D 56 2.94 13.84 -30.11
N PHE D 57 3.55 13.51 -28.97
CA PHE D 57 2.76 13.38 -27.76
C PHE D 57 2.94 14.53 -26.78
N LYS D 58 3.59 15.60 -27.24
CA LYS D 58 3.84 16.79 -26.44
C LYS D 58 4.47 16.43 -25.09
N ILE D 59 5.54 15.65 -25.14
CA ILE D 59 6.22 15.23 -23.91
C ILE D 59 7.34 16.23 -23.66
N PRO D 60 7.28 16.98 -22.57
CA PRO D 60 8.41 17.88 -22.30
C PRO D 60 9.69 17.07 -22.10
N VAL D 61 10.80 17.52 -22.68
CA VAL D 61 12.02 16.74 -22.67
C VAL D 61 12.63 16.52 -21.28
N ASP D 62 12.57 17.54 -20.43
N ASP D 62 12.58 17.53 -20.43
CA ASP D 62 13.02 17.41 -19.05
CA ASP D 62 13.07 17.35 -19.06
C ASP D 62 12.19 16.38 -18.30
C ASP D 62 12.18 16.38 -18.27
N THR D 63 10.88 16.37 -18.56
CA THR D 63 9.99 15.37 -17.96
C THR D 63 10.37 13.94 -18.40
N LEU D 64 10.59 13.75 -19.71
CA LEU D 64 11.00 12.45 -20.23
C LEU D 64 12.27 11.98 -19.55
N ILE D 65 13.28 12.84 -19.51
CA ILE D 65 14.55 12.45 -18.93
C ILE D 65 14.41 12.12 -17.44
N THR D 66 13.65 12.93 -16.71
CA THR D 66 13.47 12.71 -15.29
C THR D 66 12.79 11.34 -15.02
N TYR D 67 11.74 11.07 -15.77
CA TYR D 67 11.07 9.78 -15.70
C TYR D 67 12.03 8.62 -16.03
N LEU D 68 12.78 8.74 -17.12
CA LEU D 68 13.67 7.65 -17.53
C LEU D 68 14.72 7.38 -16.48
N MET D 69 15.30 8.43 -15.90
CA MET D 69 16.29 8.18 -14.86
C MET D 69 15.64 7.48 -13.66
N THR D 70 14.46 7.95 -13.31
CA THR D 70 13.72 7.42 -12.17
C THR D 70 13.43 5.93 -12.43
N LEU D 71 12.87 5.63 -13.59
CA LEU D 71 12.59 4.26 -13.98
C LEU D 71 13.85 3.44 -13.91
N GLU D 72 14.91 3.95 -14.54
CA GLU D 72 16.18 3.22 -14.54
C GLU D 72 16.69 2.94 -13.12
N ASP D 73 16.56 3.93 -12.25
CA ASP D 73 17.03 3.81 -10.87
C ASP D 73 16.28 2.73 -10.10
N HIS D 74 15.10 2.33 -10.61
CA HIS D 74 14.31 1.31 -9.94
C HIS D 74 14.53 -0.11 -10.46
N TYR D 75 15.46 -0.27 -11.39
CA TYR D 75 15.98 -1.59 -11.70
C TYR D 75 17.14 -1.81 -10.73
N HIS D 76 17.39 -3.06 -10.34
CA HIS D 76 18.38 -3.33 -9.30
C HIS D 76 19.78 -3.51 -9.87
N ALA D 77 20.72 -2.66 -9.47
CA ALA D 77 22.11 -2.77 -9.94
C ALA D 77 22.77 -4.08 -9.52
N ASP D 78 22.28 -4.71 -8.46
CA ASP D 78 22.87 -5.93 -7.91
C ASP D 78 22.27 -7.22 -8.48
N VAL D 79 21.41 -7.09 -9.48
CA VAL D 79 20.84 -8.25 -10.13
C VAL D 79 21.52 -8.37 -11.49
N ALA D 80 22.11 -9.53 -11.78
CA ALA D 80 23.02 -9.65 -12.93
C ALA D 80 22.32 -9.71 -14.28
N TYR D 81 21.08 -10.18 -14.30
CA TYR D 81 20.35 -10.24 -15.57
C TYR D 81 19.18 -9.27 -15.70
N HIS D 82 18.17 -9.46 -14.86
CA HIS D 82 16.96 -8.62 -14.88
C HIS D 82 17.22 -7.22 -14.37
N ASN D 83 18.09 -6.49 -15.05
CA ASN D 83 18.44 -5.15 -14.64
C ASN D 83 18.17 -4.12 -15.75
N ASN D 84 18.71 -2.91 -15.59
CA ASN D 84 18.45 -1.83 -16.54
C ASN D 84 19.07 -2.09 -17.91
N ILE D 85 20.16 -2.86 -17.94
CA ILE D 85 20.79 -3.21 -19.21
C ILE D 85 19.85 -4.06 -20.04
N HIS D 86 19.21 -5.02 -19.37
CA HIS D 86 18.27 -5.91 -20.01
C HIS D 86 17.01 -5.15 -20.44
N ALA D 87 16.54 -4.23 -19.60
CA ALA D 87 15.44 -3.38 -20.01
C ALA D 87 15.83 -2.61 -21.27
N ALA D 88 17.01 -2.01 -21.25
CA ALA D 88 17.46 -1.23 -22.40
C ALA D 88 17.52 -2.08 -23.68
N ASP D 89 17.99 -3.32 -23.53
CA ASP D 89 18.11 -4.26 -24.64
C ASP D 89 16.74 -4.62 -25.22
N VAL D 90 15.78 -4.91 -24.35
CA VAL D 90 14.44 -5.26 -24.81
C VAL D 90 13.75 -4.08 -25.49
N VAL D 91 13.96 -2.87 -24.96
CA VAL D 91 13.44 -1.67 -25.62
C VAL D 91 13.99 -1.52 -27.06
N GLN D 92 15.31 -1.66 -27.20
CA GLN D 92 15.97 -1.45 -28.48
C GLN D 92 15.57 -2.57 -29.44
N SER D 93 15.45 -3.79 -28.93
CA SER D 93 14.98 -4.90 -29.77
C SER D 93 13.54 -4.70 -30.25
N THR D 94 12.66 -4.32 -29.34
CA THR D 94 11.31 -3.99 -29.75
C THR D 94 11.31 -2.91 -30.83
N HIS D 95 12.15 -1.89 -30.63
CA HIS D 95 12.25 -0.79 -31.59
C HIS D 95 12.63 -1.33 -32.99
N VAL D 96 13.60 -2.23 -33.06
CA VAL D 96 13.97 -2.82 -34.35
C VAL D 96 12.82 -3.65 -34.92
N LEU D 97 12.19 -4.48 -34.11
CA LEU D 97 11.08 -5.31 -34.59
C LEU D 97 9.92 -4.47 -35.16
N LEU D 98 9.64 -3.34 -34.52
CA LEU D 98 8.55 -2.46 -34.94
C LEU D 98 8.85 -1.83 -36.31
N SER D 99 10.13 -1.73 -36.64
CA SER D 99 10.59 -1.11 -37.89
C SER D 99 10.66 -2.11 -39.06
N THR D 100 10.28 -3.34 -38.81
CA THR D 100 10.38 -4.37 -39.84
C THR D 100 9.50 -4.04 -41.07
N PRO D 101 10.01 -4.28 -42.29
CA PRO D 101 9.22 -3.87 -43.46
C PRO D 101 7.79 -4.42 -43.46
N ALA D 102 7.62 -5.66 -43.04
CA ALA D 102 6.30 -6.28 -43.06
C ALA D 102 5.26 -5.54 -42.19
N LEU D 103 5.72 -4.69 -41.27
CA LEU D 103 4.79 -3.99 -40.38
C LEU D 103 4.76 -2.48 -40.63
N GLU D 104 5.34 -2.03 -41.74
CA GLU D 104 5.43 -0.59 -41.97
C GLU D 104 4.05 0.05 -42.06
N ALA D 105 3.84 1.10 -41.27
CA ALA D 105 2.55 1.77 -41.20
C ALA D 105 1.39 0.92 -40.66
N VAL D 106 1.69 -0.26 -40.15
CA VAL D 106 0.65 -1.08 -39.55
C VAL D 106 0.10 -0.48 -38.25
N PHE D 107 1.00 -0.04 -37.37
CA PHE D 107 0.60 0.41 -36.02
C PHE D 107 0.52 1.92 -35.88
N THR D 108 -0.41 2.38 -35.05
CA THR D 108 -0.50 3.80 -34.77
C THR D 108 0.65 4.27 -33.86
N ASP D 109 0.82 5.59 -33.80
CA ASP D 109 1.78 6.23 -32.91
C ASP D 109 1.55 5.84 -31.44
N LEU D 110 0.27 5.76 -31.04
CA LEU D 110 -0.08 5.37 -29.68
C LEU D 110 0.30 3.91 -29.39
N GLU D 111 0.08 3.03 -30.38
CA GLU D 111 0.45 1.62 -30.23
C GLU D 111 1.96 1.44 -30.18
N ILE D 112 2.68 2.27 -30.95
CA ILE D 112 4.14 2.26 -30.94
C ILE D 112 4.64 2.72 -29.58
N LEU D 113 4.08 3.82 -29.10
CA LEU D 113 4.41 4.36 -27.78
C LEU D 113 4.17 3.31 -26.68
N ALA D 114 3.03 2.63 -26.79
CA ALA D 114 2.69 1.56 -25.86
C ALA D 114 3.73 0.42 -25.83
N ALA D 115 4.12 -0.06 -27.00
CA ALA D 115 5.04 -1.21 -27.04
C ALA D 115 6.41 -0.84 -26.50
N ILE D 116 6.86 0.36 -26.82
CA ILE D 116 8.16 0.82 -26.33
C ILE D 116 8.14 1.06 -24.80
N PHE D 117 7.13 1.79 -24.32
CA PHE D 117 6.99 2.04 -22.89
C PHE D 117 6.84 0.71 -22.12
N ALA D 118 5.98 -0.18 -22.61
CA ALA D 118 5.86 -1.51 -22.00
C ALA D 118 7.23 -2.19 -21.91
N SER D 119 8.00 -2.14 -23.00
CA SER D 119 9.33 -2.77 -22.99
C SER D 119 10.20 -2.15 -21.90
N ALA D 120 10.16 -0.82 -21.80
CA ALA D 120 10.98 -0.09 -20.84
C ALA D 120 10.70 -0.47 -19.38
N ILE D 121 9.41 -0.66 -19.04
CA ILE D 121 9.03 -0.97 -17.66
C ILE D 121 8.88 -2.45 -17.32
N HIS D 122 9.03 -3.32 -18.32
CA HIS D 122 8.55 -4.70 -18.18
C HIS D 122 9.19 -5.57 -17.09
N ASP D 123 10.41 -5.25 -16.65
CA ASP D 123 11.03 -5.95 -15.53
C ASP D 123 11.36 -5.05 -14.34
N VAL D 124 10.73 -3.89 -14.24
CA VAL D 124 11.22 -2.88 -13.29
C VAL D 124 11.06 -3.38 -11.85
N ASP D 125 12.06 -3.09 -11.02
CA ASP D 125 12.07 -3.56 -9.62
C ASP D 125 12.06 -5.09 -9.49
N HIS D 126 12.64 -5.77 -10.47
CA HIS D 126 12.82 -7.23 -10.42
C HIS D 126 13.85 -7.58 -9.35
N PRO D 127 13.49 -8.46 -8.41
CA PRO D 127 14.39 -8.84 -7.31
C PRO D 127 15.44 -9.89 -7.70
N GLY D 128 15.36 -10.44 -8.90
CA GLY D 128 16.34 -11.43 -9.30
C GLY D 128 16.03 -12.86 -8.86
N VAL D 129 14.80 -13.11 -8.43
CA VAL D 129 14.35 -14.47 -8.13
C VAL D 129 13.04 -14.74 -8.85
N SER D 130 12.80 -16.00 -9.19
CA SER D 130 11.64 -16.41 -9.98
C SER D 130 10.33 -16.20 -9.22
N ASN D 131 9.22 -16.20 -9.96
CA ASN D 131 7.90 -16.14 -9.33
C ASN D 131 7.72 -17.30 -8.32
N GLN D 132 8.27 -18.46 -8.63
CA GLN D 132 8.06 -19.64 -7.78
C GLN D 132 8.75 -19.42 -6.44
N PHE D 133 9.93 -18.80 -6.47
CA PHE D 133 10.65 -18.47 -5.25
C PHE D 133 9.81 -17.55 -4.38
N LEU D 134 9.21 -16.53 -4.96
CA LEU D 134 8.39 -15.56 -4.23
C LEU D 134 7.15 -16.21 -3.61
N ILE D 135 6.56 -17.15 -4.35
CA ILE D 135 5.42 -17.90 -3.87
C ILE D 135 5.81 -18.84 -2.71
N ASN D 136 6.91 -19.58 -2.87
CA ASN D 136 7.34 -20.54 -1.86
C ASN D 136 7.95 -19.94 -0.59
N THR D 137 8.38 -18.68 -0.67
CA THR D 137 8.83 -17.98 0.53
C THR D 137 7.66 -17.26 1.18
N ASN D 138 6.49 -17.36 0.55
CA ASN D 138 5.30 -16.71 1.08
C ASN D 138 5.44 -15.19 1.17
N SER D 139 6.19 -14.63 0.23
CA SER D 139 6.46 -13.20 0.16
C SER D 139 5.20 -12.34 0.06
N GLU D 140 5.31 -11.11 0.55
CA GLU D 140 4.21 -10.14 0.48
C GLU D 140 3.77 -9.82 -0.97
N LEU D 141 4.69 -9.85 -1.91
CA LEU D 141 4.37 -9.66 -3.31
C LEU D 141 3.55 -10.86 -3.82
N ALA D 142 4.02 -12.07 -3.53
CA ALA D 142 3.31 -13.30 -3.91
C ALA D 142 1.90 -13.28 -3.36
N LEU D 143 1.77 -12.81 -2.12
CA LEU D 143 0.48 -12.71 -1.46
C LEU D 143 -0.36 -11.63 -2.10
N MET D 144 0.27 -10.53 -2.46
CA MET D 144 -0.44 -9.41 -3.09
C MET D 144 -1.13 -9.76 -4.42
N TYR D 145 -0.51 -10.65 -5.18
CA TYR D 145 -1.00 -10.98 -6.51
C TYR D 145 -1.38 -12.46 -6.69
N ASN D 146 -1.67 -13.14 -5.56
CA ASN D 146 -2.23 -14.49 -5.63
C ASN D 146 -1.40 -15.50 -6.36
N ASP D 147 -0.10 -15.41 -6.23
CA ASP D 147 0.77 -16.32 -6.95
C ASP D 147 0.49 -16.27 -8.45
N SER D 148 -0.24 -15.25 -8.91
CA SER D 148 -0.62 -15.10 -10.32
C SER D 148 0.15 -13.98 -11.02
N SER D 149 1.12 -14.33 -11.87
CA SER D 149 1.90 -13.31 -12.58
C SER D 149 2.37 -12.26 -11.57
N VAL D 150 3.02 -12.71 -10.51
CA VAL D 150 3.31 -11.83 -9.39
C VAL D 150 4.31 -10.74 -9.78
N LEU D 151 5.45 -11.15 -10.32
CA LEU D 151 6.46 -10.17 -10.69
C LEU D 151 5.97 -9.28 -11.82
N GLU D 152 5.34 -9.88 -12.83
CA GLU D 152 4.78 -9.08 -13.93
C GLU D 152 3.74 -8.05 -13.51
N ASN D 153 2.83 -8.44 -12.61
CA ASN D 153 1.88 -7.46 -12.08
C ASN D 153 2.62 -6.34 -11.34
N HIS D 154 3.67 -6.71 -10.61
CA HIS D 154 4.46 -5.74 -9.87
C HIS D 154 5.19 -4.75 -10.82
N HIS D 155 5.83 -5.26 -11.88
CA HIS D 155 6.52 -4.39 -12.86
C HIS D 155 5.62 -3.29 -13.37
N LEU D 156 4.39 -3.67 -13.72
CA LEU D 156 3.43 -2.73 -14.24
C LEU D 156 3.08 -1.65 -13.21
N ALA D 157 2.75 -2.09 -11.99
CA ALA D 157 2.36 -1.17 -10.91
C ALA D 157 3.45 -0.15 -10.65
N VAL D 158 4.69 -0.61 -10.50
CA VAL D 158 5.82 0.29 -10.28
C VAL D 158 6.01 1.24 -11.50
N GLY D 159 5.96 0.68 -12.70
CA GLY D 159 6.16 1.47 -13.91
C GLY D 159 5.19 2.62 -14.00
N PHE D 160 3.91 2.34 -13.72
CA PHE D 160 2.90 3.39 -13.73
C PHE D 160 3.03 4.29 -12.51
N LYS D 161 3.37 3.71 -11.37
CA LYS D 161 3.41 4.51 -10.16
C LYS D 161 4.46 5.63 -10.25
N LEU D 162 5.57 5.36 -10.93
CA LEU D 162 6.68 6.30 -11.01
C LEU D 162 6.33 7.56 -11.80
N LEU D 163 5.31 7.47 -12.66
CA LEU D 163 4.83 8.63 -13.38
C LEU D 163 4.39 9.73 -12.42
N GLN D 164 4.09 9.34 -11.17
CA GLN D 164 3.61 10.29 -10.16
C GLN D 164 4.72 10.99 -9.39
N GLU D 165 5.97 10.60 -9.62
CA GLU D 165 7.08 11.32 -8.96
C GLU D 165 7.26 12.72 -9.58
N GLU D 166 8.02 13.60 -8.91
CA GLU D 166 8.13 14.99 -9.33
C GLU D 166 8.59 15.15 -10.79
N ASN D 167 7.83 15.89 -11.58
CA ASN D 167 8.10 16.09 -13.01
C ASN D 167 8.35 14.78 -13.76
N CYS D 168 7.54 13.75 -13.48
CA CYS D 168 7.72 12.44 -14.10
C CYS D 168 6.60 12.02 -15.06
N ASP D 169 5.53 12.81 -15.15
CA ASP D 169 4.36 12.35 -15.88
C ASP D 169 4.50 12.60 -17.37
N ILE D 170 5.21 11.70 -18.04
CA ILE D 170 5.43 11.86 -19.48
C ILE D 170 4.13 11.82 -20.31
N PHE D 171 3.03 11.31 -19.75
CA PHE D 171 1.76 11.26 -20.47
C PHE D 171 0.80 12.42 -20.15
N GLN D 172 1.29 13.46 -19.50
CA GLN D 172 0.44 14.55 -19.01
C GLN D 172 -0.37 15.24 -20.10
N ASN D 173 0.15 15.22 -21.33
CA ASN D 173 -0.54 15.87 -22.43
C ASN D 173 -1.30 14.97 -23.41
N LEU D 174 -1.45 13.69 -23.08
CA LEU D 174 -2.36 12.84 -23.86
C LEU D 174 -3.79 13.03 -23.34
N THR D 175 -4.79 12.85 -24.21
CA THR D 175 -6.18 12.91 -23.79
C THR D 175 -6.54 11.72 -22.92
N LYS D 176 -7.70 11.76 -22.29
CA LYS D 176 -8.13 10.62 -21.47
C LYS D 176 -8.30 9.36 -22.32
N LYS D 177 -8.86 9.54 -23.50
CA LYS D 177 -9.01 8.42 -24.43
C LYS D 177 -7.67 7.79 -24.78
N GLN D 178 -6.69 8.62 -25.09
CA GLN D 178 -5.34 8.14 -25.35
C GLN D 178 -4.77 7.42 -24.14
N ARG D 179 -4.90 8.01 -22.96
CA ARG D 179 -4.29 7.39 -21.79
C ARG D 179 -4.96 6.07 -21.45
N GLN D 180 -6.27 5.96 -21.63
CA GLN D 180 -6.92 4.68 -21.35
C GLN D 180 -6.55 3.60 -22.36
N SER D 181 -6.45 3.97 -23.63
CA SER D 181 -5.99 3.00 -24.62
C SER D 181 -4.53 2.58 -24.31
N LEU D 182 -3.66 3.57 -24.15
CA LEU D 182 -2.25 3.30 -23.87
C LEU D 182 -2.12 2.38 -22.68
N ARG D 183 -2.78 2.73 -21.59
CA ARG D 183 -2.72 1.95 -20.36
C ARG D 183 -3.15 0.50 -20.57
N LYS D 184 -4.27 0.29 -21.24
CA LYS D 184 -4.72 -1.07 -21.46
C LYS D 184 -3.70 -1.92 -22.23
N MET D 185 -3.15 -1.33 -23.30
CA MET D 185 -2.22 -2.07 -24.17
C MET D 185 -0.97 -2.44 -23.42
N VAL D 186 -0.45 -1.47 -22.67
CA VAL D 186 0.75 -1.69 -21.88
C VAL D 186 0.53 -2.83 -20.92
N ILE D 187 -0.61 -2.81 -20.22
CA ILE D 187 -0.94 -3.91 -19.31
C ILE D 187 -1.02 -5.23 -20.07
N ASP D 188 -1.74 -5.26 -21.18
CA ASP D 188 -1.83 -6.50 -21.96
C ASP D 188 -0.46 -7.00 -22.38
N ILE D 189 0.46 -6.08 -22.68
CA ILE D 189 1.77 -6.50 -23.18
C ILE D 189 2.65 -7.04 -22.08
N VAL D 190 2.78 -6.29 -20.99
CA VAL D 190 3.66 -6.76 -19.93
C VAL D 190 3.21 -8.08 -19.29
N LEU D 191 1.91 -8.26 -19.13
CA LEU D 191 1.40 -9.51 -18.53
C LEU D 191 1.75 -10.70 -19.43
N ALA D 192 1.86 -10.44 -20.74
CA ALA D 192 2.24 -11.48 -21.70
C ALA D 192 3.69 -11.92 -21.60
N THR D 193 4.50 -11.23 -20.78
CA THR D 193 5.91 -11.61 -20.66
C THR D 193 6.12 -12.73 -19.64
N ASP D 194 5.05 -13.06 -18.91
CA ASP D 194 5.06 -14.19 -17.98
C ASP D 194 5.21 -15.48 -18.79
N MET D 195 6.32 -16.19 -18.61
CA MET D 195 6.59 -17.41 -19.37
C MET D 195 5.45 -18.43 -19.29
N SER D 196 4.68 -18.37 -18.21
CA SER D 196 3.60 -19.31 -18.04
C SER D 196 2.57 -19.10 -19.16
N LYS D 197 2.66 -17.96 -19.84
CA LYS D 197 1.69 -17.65 -20.89
C LYS D 197 2.24 -17.97 -22.28
N HIS D 198 3.51 -18.34 -22.34
CA HIS D 198 4.18 -18.53 -23.62
C HIS D 198 3.47 -19.47 -24.59
N MET D 199 3.12 -20.66 -24.12
CA MET D 199 2.58 -21.68 -25.02
C MET D 199 1.32 -21.19 -25.70
N ASN D 200 0.43 -20.56 -24.96
CA ASN D 200 -0.79 -20.08 -25.58
C ASN D 200 -0.57 -18.87 -26.50
N LEU D 201 0.37 -18.00 -26.14
CA LEU D 201 0.73 -16.90 -27.04
C LEU D 201 1.23 -17.46 -28.36
N LEU D 202 2.13 -18.45 -28.28
CA LEU D 202 2.72 -19.05 -29.46
C LEU D 202 1.65 -19.74 -30.26
N ALA D 203 0.70 -20.36 -29.57
CA ALA D 203 -0.37 -21.05 -30.26
C ALA D 203 -1.15 -20.04 -31.08
N ASP D 204 -1.44 -18.87 -30.50
CA ASP D 204 -2.19 -17.84 -31.21
C ASP D 204 -1.43 -17.14 -32.34
N LEU D 205 -0.12 -17.02 -32.16
CA LEU D 205 0.75 -16.52 -33.21
C LEU D 205 0.73 -17.48 -34.41
N LYS D 206 0.84 -18.80 -34.16
CA LYS D 206 0.78 -19.81 -35.22
C LYS D 206 -0.52 -19.71 -36.02
N THR D 207 -1.62 -19.57 -35.31
CA THR D 207 -2.93 -19.49 -35.92
C THR D 207 -3.00 -18.26 -36.83
N MET D 208 -2.40 -17.16 -36.40
CA MET D 208 -2.35 -15.98 -37.23
C MET D 208 -1.53 -16.23 -38.49
N VAL D 209 -0.39 -16.92 -38.34
CA VAL D 209 0.45 -17.22 -39.49
C VAL D 209 -0.31 -18.07 -40.52
N GLU D 210 -1.06 -19.07 -40.06
CA GLU D 210 -1.85 -19.93 -40.93
C GLU D 210 -2.91 -19.15 -41.71
N THR D 211 -3.43 -18.10 -41.10
CA THR D 211 -4.46 -17.27 -41.74
C THR D 211 -3.93 -15.89 -42.15
N LYS D 212 -2.61 -15.78 -42.29
CA LYS D 212 -1.96 -14.50 -42.58
C LYS D 212 -2.57 -13.76 -43.76
N LYS D 213 -2.95 -12.50 -43.56
CA LYS D 213 -3.38 -11.67 -44.67
C LYS D 213 -2.52 -10.40 -44.79
N VAL D 214 -2.32 -9.94 -46.03
CA VAL D 214 -1.55 -8.73 -46.31
C VAL D 214 -2.38 -7.71 -47.09
N THR D 215 -2.13 -6.43 -46.88
CA THR D 215 -2.82 -5.38 -47.63
C THR D 215 -2.23 -5.27 -49.04
N SER D 216 -2.74 -4.31 -49.82
CA SER D 216 -2.21 -4.07 -51.16
C SER D 216 -0.77 -3.54 -51.13
N SER D 217 -0.41 -2.88 -50.04
CA SER D 217 0.93 -2.31 -49.90
C SER D 217 1.90 -3.36 -49.41
N GLY D 218 1.38 -4.58 -49.23
CA GLY D 218 2.19 -5.71 -48.85
C GLY D 218 2.58 -5.75 -47.38
N VAL D 219 1.85 -5.04 -46.53
CA VAL D 219 2.10 -5.18 -45.10
C VAL D 219 1.01 -6.01 -44.41
N LEU D 220 1.35 -6.53 -43.24
CA LEU D 220 0.45 -7.36 -42.47
C LEU D 220 -0.89 -6.62 -42.25
N LEU D 221 -1.97 -7.34 -42.51
CA LEU D 221 -3.32 -6.83 -42.29
C LEU D 221 -3.82 -7.23 -40.90
N LEU D 222 -4.10 -6.25 -40.06
CA LEU D 222 -4.58 -6.54 -38.69
C LEU D 222 -5.77 -5.64 -38.41
N ASP D 223 -6.99 -6.18 -38.45
CA ASP D 223 -8.17 -5.30 -38.49
C ASP D 223 -9.04 -5.29 -37.22
N ASN D 224 -8.52 -5.84 -36.14
CA ASN D 224 -9.24 -5.86 -34.88
C ASN D 224 -8.27 -5.85 -33.69
N TYR D 225 -8.70 -5.27 -32.57
CA TYR D 225 -7.84 -5.13 -31.39
C TYR D 225 -7.17 -6.44 -31.01
N SER D 226 -7.95 -7.50 -30.92
CA SER D 226 -7.42 -8.79 -30.48
C SER D 226 -6.20 -9.24 -31.31
N ASP D 227 -6.28 -9.06 -32.63
CA ASP D 227 -5.17 -9.41 -33.52
C ASP D 227 -3.98 -8.44 -33.35
N ARG D 228 -4.29 -7.15 -33.26
CA ARG D 228 -3.26 -6.14 -33.01
C ARG D 228 -2.47 -6.38 -31.74
N ILE D 229 -3.16 -6.54 -30.62
CA ILE D 229 -2.46 -6.68 -29.34
C ILE D 229 -1.69 -8.00 -29.29
N GLN D 230 -2.23 -9.02 -29.96
CA GLN D 230 -1.55 -10.31 -29.97
C GLN D 230 -0.20 -10.18 -30.66
N VAL D 231 -0.17 -9.42 -31.75
CA VAL D 231 1.08 -9.20 -32.45
C VAL D 231 2.05 -8.38 -31.62
N LEU D 232 1.55 -7.34 -30.95
CA LEU D 232 2.41 -6.55 -30.04
C LEU D 232 2.90 -7.39 -28.87
N GLN D 233 2.01 -8.19 -28.28
CA GLN D 233 2.43 -9.04 -27.18
C GLN D 233 3.54 -9.95 -27.63
N ASN D 234 3.34 -10.62 -28.77
CA ASN D 234 4.35 -11.54 -29.23
C ASN D 234 5.65 -10.84 -29.61
N MET D 235 5.52 -9.66 -30.22
CA MET D 235 6.70 -8.86 -30.56
C MET D 235 7.56 -8.60 -29.32
N VAL D 236 6.94 -8.06 -28.27
CA VAL D 236 7.68 -7.76 -27.04
C VAL D 236 8.20 -9.05 -26.38
N HIS D 237 7.39 -10.11 -26.41
CA HIS D 237 7.81 -11.43 -25.91
C HIS D 237 9.05 -11.91 -26.68
N CYS D 238 9.01 -11.77 -28.00
CA CYS D 238 10.19 -12.06 -28.83
C CYS D 238 11.40 -11.25 -28.43
N ALA D 239 11.20 -9.94 -28.22
CA ALA D 239 12.32 -9.09 -27.82
C ALA D 239 12.90 -9.55 -26.48
N ASP D 240 12.02 -9.91 -25.55
CA ASP D 240 12.42 -10.41 -24.24
C ASP D 240 13.24 -11.71 -24.36
N LEU D 241 12.94 -12.51 -25.38
CA LEU D 241 13.63 -13.78 -25.59
C LEU D 241 14.56 -13.70 -26.79
N SER D 242 15.20 -12.55 -26.97
CA SER D 242 15.97 -12.29 -28.18
C SER D 242 17.47 -12.58 -27.98
N ASN D 243 17.90 -12.80 -26.74
CA ASN D 243 19.32 -13.00 -26.44
C ASN D 243 20.02 -14.00 -27.35
N PRO D 244 19.41 -15.18 -27.55
CA PRO D 244 20.05 -16.24 -28.34
C PRO D 244 20.06 -15.92 -29.84
N THR D 245 19.42 -14.82 -30.24
CA THR D 245 19.42 -14.40 -31.63
C THR D 245 20.43 -13.31 -31.91
N LYS D 246 21.10 -12.83 -30.89
CA LYS D 246 22.08 -11.77 -31.06
C LYS D 246 23.44 -12.36 -31.45
N PRO D 247 24.35 -11.52 -31.94
CA PRO D 247 25.73 -11.95 -32.19
C PRO D 247 26.32 -12.62 -30.97
N LEU D 248 27.03 -13.73 -31.18
CA LEU D 248 27.46 -14.64 -30.12
C LEU D 248 28.16 -13.94 -28.96
N GLN D 249 28.97 -12.93 -29.24
CA GLN D 249 29.65 -12.20 -28.17
C GLN D 249 28.62 -11.68 -27.17
N LEU D 250 27.54 -11.09 -27.66
CA LEU D 250 26.46 -10.60 -26.81
C LEU D 250 25.71 -11.74 -26.10
N TYR D 251 25.27 -12.74 -26.86
CA TYR D 251 24.59 -13.90 -26.30
C TYR D 251 25.34 -14.51 -25.12
N ARG D 252 26.65 -14.65 -25.23
CA ARG D 252 27.45 -15.27 -24.17
C ARG D 252 27.48 -14.42 -22.89
N GLN D 253 27.56 -13.10 -23.04
CA GLN D 253 27.45 -12.24 -21.87
C GLN D 253 26.09 -12.39 -21.20
N TRP D 254 25.03 -12.51 -22.00
CA TRP D 254 23.69 -12.64 -21.45
C TRP D 254 23.52 -13.98 -20.75
N THR D 255 24.16 -15.01 -21.29
CA THR D 255 24.12 -16.32 -20.64
C THR D 255 24.88 -16.34 -19.31
N ASP D 256 26.05 -15.71 -19.27
CA ASP D 256 26.79 -15.55 -18.02
C ASP D 256 25.96 -14.86 -16.93
N ARG D 257 25.21 -13.83 -17.31
CA ARG D 257 24.42 -13.09 -16.33
C ARG D 257 23.20 -13.87 -15.84
N ILE D 258 22.54 -14.59 -16.74
CA ILE D 258 21.35 -15.29 -16.33
C ILE D 258 21.75 -16.48 -15.43
N MET D 259 22.85 -17.14 -15.74
CA MET D 259 23.27 -18.25 -14.91
C MET D 259 23.71 -17.73 -13.53
N GLU D 260 24.43 -16.61 -13.51
CA GLU D 260 24.80 -16.01 -12.25
C GLU D 260 23.56 -15.76 -11.40
N GLU D 261 22.53 -15.19 -12.02
CA GLU D 261 21.29 -14.93 -11.31
C GLU D 261 20.63 -16.21 -10.84
N PHE D 262 20.57 -17.21 -11.71
CA PHE D 262 19.96 -18.51 -11.38
C PHE D 262 20.68 -19.20 -10.23
N PHE D 263 22.00 -19.26 -10.31
CA PHE D 263 22.81 -19.88 -9.27
C PHE D 263 22.66 -19.15 -7.93
N ARG D 264 22.61 -17.83 -7.96
CA ARG D 264 22.37 -17.06 -6.74
C ARG D 264 21.03 -17.42 -6.11
N GLN D 265 20.01 -17.66 -6.92
CA GLN D 265 18.75 -18.14 -6.38
C GLN D 265 18.87 -19.55 -5.82
N GLY D 266 19.67 -20.39 -6.47
CA GLY D 266 19.89 -21.74 -5.98
C GLY D 266 20.48 -21.72 -4.58
N ASP D 267 21.44 -20.83 -4.38
CA ASP D 267 22.06 -20.66 -3.08
C ASP D 267 21.05 -20.23 -2.03
N ARG D 268 20.23 -19.23 -2.34
CA ARG D 268 19.21 -18.78 -1.39
C ARG D 268 18.22 -19.90 -1.08
N GLU D 269 18.03 -20.79 -2.04
CA GLU D 269 17.08 -21.89 -1.86
C GLU D 269 17.62 -22.96 -0.90
N ARG D 270 18.90 -23.29 -0.99
CA ARG D 270 19.49 -24.20 -0.01
C ARG D 270 19.44 -23.58 1.39
N GLU D 271 20.06 -22.41 1.52
CA GLU D 271 20.05 -21.66 2.76
C GLU D 271 18.68 -21.72 3.42
N ARG D 272 17.67 -21.31 2.67
CA ARG D 272 16.33 -21.16 3.21
C ARG D 272 15.70 -22.51 3.50
N GLY D 273 16.40 -23.57 3.12
CA GLY D 273 15.90 -24.92 3.28
C GLY D 273 14.82 -25.31 2.28
N MET D 274 14.97 -24.86 1.03
CA MET D 274 14.00 -25.17 0.00
C MET D 274 14.56 -26.17 -1.00
N GLU D 275 13.67 -26.76 -1.81
CA GLU D 275 14.10 -27.55 -2.96
C GLU D 275 14.66 -26.62 -4.03
N ILE D 276 15.92 -26.84 -4.41
CA ILE D 276 16.54 -26.03 -5.44
C ILE D 276 15.71 -26.05 -6.72
N SER D 277 15.72 -24.95 -7.47
CA SER D 277 14.94 -24.84 -8.69
C SER D 277 15.76 -25.25 -9.92
N PRO D 278 15.06 -25.66 -11.00
CA PRO D 278 15.65 -25.99 -12.30
C PRO D 278 16.69 -24.97 -12.77
N MET D 279 17.86 -25.46 -13.16
CA MET D 279 18.94 -24.62 -13.65
C MET D 279 19.58 -23.76 -12.58
N CYS D 280 19.05 -23.82 -11.36
CA CYS D 280 19.52 -22.96 -10.27
C CYS D 280 20.58 -23.62 -9.38
N ASP D 281 20.84 -24.91 -9.62
CA ASP D 281 21.80 -25.65 -8.81
C ASP D 281 23.20 -25.65 -9.41
N LYS D 282 24.06 -24.75 -8.95
CA LYS D 282 25.39 -24.57 -9.54
C LYS D 282 26.29 -25.80 -9.48
N HIS D 283 25.98 -26.74 -8.59
CA HIS D 283 26.85 -27.90 -8.40
C HIS D 283 26.71 -28.98 -9.49
N ASN D 284 25.55 -29.03 -10.13
CA ASN D 284 25.42 -29.77 -11.39
C ASN D 284 24.92 -28.86 -12.52
N ALA D 285 25.85 -28.11 -13.12
CA ALA D 285 25.52 -27.02 -14.03
C ALA D 285 25.68 -27.36 -15.51
N SER D 286 24.61 -27.85 -16.12
CA SER D 286 24.59 -28.10 -17.55
C SER D 286 24.24 -26.81 -18.30
N VAL D 287 25.12 -25.81 -18.22
CA VAL D 287 24.82 -24.51 -18.84
C VAL D 287 24.62 -24.62 -20.33
N GLU D 288 25.61 -25.17 -21.02
CA GLU D 288 25.54 -25.28 -22.48
C GLU D 288 24.35 -26.12 -22.92
N LYS D 289 24.11 -27.22 -22.22
CA LYS D 289 23.00 -28.11 -22.54
C LYS D 289 21.66 -27.43 -22.29
N SER D 290 21.59 -26.66 -21.21
CA SER D 290 20.37 -25.93 -20.88
C SER D 290 20.03 -24.92 -21.99
N GLN D 291 21.05 -24.27 -22.53
CA GLN D 291 20.82 -23.33 -23.64
C GLN D 291 20.25 -24.04 -24.88
N VAL D 292 20.88 -25.16 -25.28
CA VAL D 292 20.37 -25.92 -26.41
C VAL D 292 18.91 -26.30 -26.17
N GLY D 293 18.61 -26.66 -24.93
CA GLY D 293 17.25 -27.05 -24.56
C GLY D 293 16.31 -25.87 -24.69
N PHE D 294 16.72 -24.74 -24.13
CA PHE D 294 15.92 -23.54 -24.23
C PHE D 294 15.70 -23.18 -25.70
N ILE D 295 16.77 -23.15 -26.49
CA ILE D 295 16.63 -22.83 -27.91
C ILE D 295 15.69 -23.82 -28.59
N ASP D 296 15.97 -25.11 -28.42
CA ASP D 296 15.19 -26.14 -29.09
C ASP D 296 13.69 -26.13 -28.79
N TYR D 297 13.30 -25.91 -27.54
CA TYR D 297 11.89 -26.06 -27.19
C TYR D 297 11.14 -24.74 -27.02
N ILE D 298 11.88 -23.66 -26.78
CA ILE D 298 11.24 -22.35 -26.56
C ILE D 298 11.62 -21.27 -27.58
N VAL D 299 12.90 -20.94 -27.65
CA VAL D 299 13.32 -19.79 -28.45
C VAL D 299 13.17 -20.01 -29.95
N HIS D 300 13.64 -21.15 -30.47
CA HIS D 300 13.51 -21.41 -31.91
C HIS D 300 12.05 -21.55 -32.39
N PRO D 301 11.20 -22.26 -31.63
CA PRO D 301 9.78 -22.32 -32.06
C PRO D 301 9.09 -20.95 -32.09
N LEU D 302 9.46 -20.07 -31.16
CA LEU D 302 8.92 -18.72 -31.17
C LEU D 302 9.45 -17.91 -32.37
N TRP D 303 10.76 -17.86 -32.52
CA TRP D 303 11.37 -17.06 -33.58
C TRP D 303 11.10 -17.57 -34.99
N GLU D 304 11.00 -18.89 -35.15
CA GLU D 304 10.61 -19.45 -36.42
C GLU D 304 9.20 -19.03 -36.78
N THR D 305 8.31 -19.02 -35.80
CA THR D 305 6.95 -18.59 -36.09
C THR D 305 6.89 -17.09 -36.41
N TRP D 306 7.62 -16.29 -35.64
CA TRP D 306 7.66 -14.84 -35.92
C TRP D 306 8.23 -14.59 -37.33
N ALA D 307 9.27 -15.33 -37.69
CA ALA D 307 9.93 -15.16 -38.98
C ALA D 307 8.94 -15.43 -40.11
N ASP D 308 8.05 -16.39 -39.90
CA ASP D 308 7.01 -16.68 -40.89
C ASP D 308 6.04 -15.53 -41.02
N LEU D 309 5.72 -14.91 -39.88
CA LEU D 309 4.74 -13.82 -39.88
C LEU D 309 5.27 -12.63 -40.68
N VAL D 310 6.56 -12.36 -40.54
CA VAL D 310 7.14 -11.18 -41.21
C VAL D 310 8.03 -11.56 -42.40
N HIS D 311 7.89 -12.79 -42.90
CA HIS D 311 8.77 -13.33 -43.94
C HIS D 311 9.00 -12.35 -45.09
N PRO D 312 10.27 -12.18 -45.50
CA PRO D 312 11.47 -12.78 -44.94
C PRO D 312 12.28 -11.81 -44.08
N ASP D 313 11.65 -10.76 -43.54
CA ASP D 313 12.40 -9.74 -42.74
C ASP D 313 13.34 -10.31 -41.70
N ALA D 314 12.98 -11.44 -41.10
CA ALA D 314 13.73 -11.94 -39.95
C ALA D 314 14.68 -13.09 -40.24
N GLN D 315 14.97 -13.36 -41.51
CA GLN D 315 15.80 -14.49 -41.87
C GLN D 315 17.18 -14.47 -41.22
N ASP D 316 17.84 -13.31 -41.20
CA ASP D 316 19.18 -13.26 -40.61
C ASP D 316 19.15 -13.52 -39.10
N ILE D 317 18.05 -13.13 -38.46
CA ILE D 317 17.86 -13.36 -37.02
C ILE D 317 17.80 -14.86 -36.75
N LEU D 318 16.93 -15.55 -37.50
CA LEU D 318 16.79 -17.00 -37.41
C LEU D 318 18.12 -17.70 -37.70
N ASP D 319 18.84 -17.23 -38.71
CA ASP D 319 20.12 -17.83 -39.03
C ASP D 319 21.09 -17.73 -37.87
N THR D 320 21.17 -16.54 -37.28
CA THR D 320 22.11 -16.32 -36.19
C THR D 320 21.77 -17.24 -35.03
N LEU D 321 20.48 -17.40 -34.78
CA LEU D 321 20.00 -18.21 -33.69
C LEU D 321 20.50 -19.64 -33.89
N GLU D 322 20.44 -20.11 -35.12
CA GLU D 322 20.86 -21.48 -35.42
C GLU D 322 22.38 -21.64 -35.28
N ASP D 323 23.14 -20.66 -35.76
CA ASP D 323 24.58 -20.69 -35.51
C ASP D 323 24.91 -20.79 -34.02
N ASN D 324 24.27 -19.96 -33.20
CA ASN D 324 24.55 -19.90 -31.76
C ASN D 324 24.17 -21.19 -31.06
N ARG D 325 23.11 -21.82 -31.54
CA ARG D 325 22.68 -23.10 -30.99
C ARG D 325 23.82 -24.11 -31.18
N GLU D 326 24.39 -24.13 -32.38
CA GLU D 326 25.42 -25.10 -32.70
C GLU D 326 26.68 -24.88 -31.90
N TRP D 327 26.92 -23.62 -31.53
CA TRP D 327 28.13 -23.32 -30.79
C TRP D 327 28.07 -23.82 -29.34
N TYR D 328 26.91 -23.71 -28.70
CA TYR D 328 26.74 -24.30 -27.37
C TYR D 328 26.78 -25.83 -27.42
N GLN D 329 26.09 -26.41 -28.39
CA GLN D 329 26.13 -27.86 -28.59
C GLN D 329 27.57 -28.37 -28.52
N SER D 330 28.45 -27.71 -29.26
CA SER D 330 29.84 -28.13 -29.38
C SER D 330 30.68 -27.81 -28.15
N THR D 331 30.07 -27.26 -27.11
CA THR D 331 30.79 -27.04 -25.86
C THR D 331 30.12 -27.70 -24.67
N ILE D 332 29.30 -28.71 -24.93
CA ILE D 332 28.76 -29.52 -23.84
C ILE D 332 29.83 -30.48 -23.34
N PRO D 333 30.19 -30.38 -22.05
CA PRO D 333 31.22 -31.25 -21.48
C PRO D 333 30.93 -32.74 -21.73
#